data_6E4Q
#
_entry.id   6E4Q
#
_cell.length_a   126.286
_cell.length_b   168.756
_cell.length_c   153.099
_cell.angle_alpha   90.00
_cell.angle_beta   106.28
_cell.angle_gamma   90.00
#
_symmetry.space_group_name_H-M   'I 1 2 1'
#
loop_
_entity.id
_entity.type
_entity.pdbx_description
1 polymer 'polypeptide N-acetylgalactosaminyltransferase 9'
2 non-polymer 'MANGANESE (II) ION'
3 non-polymer 2-acetamido-2-deoxy-beta-D-glucopyranose
4 non-polymer "URIDINE-5'-DIPHOSPHATE"
5 non-polymer 1,2-ETHANEDIOL
6 non-polymer GLYCEROL
7 water water
#
_entity_poly.entity_id   1
_entity_poly.type   'polypeptide(L)'
_entity_poly.pdbx_seq_one_letter_code
;GGGGGPGELGKPVRLPKEMSDEMKKAVDDGWTKNAFNQYVSDLISVHRTLPDPRDAWCKDEARYLTNLPKTDVIICFHNE
AWTVLLRTVHSVLDRSPEHLIGKIILVDDYSDMPHLKRQLEDYFAAYPKVQIIRGQKREGLIRARILGANHAKSPVLTYL
DSHCECTEGWLEPLLDRIARNSTTVVCPVIDVISDETLEYHYRDSGGVNVGGFDWNLQFSWHPVPERERKRHNSTAEPVY
SPTMAGGLFSIDREFFDRLGTYDSGFDIWGGENLELSFKTWMCGGTLEIVPCSHVGHIFRKRSPYKWRSGVNVLKKNSVR
LAEVWMDEYSQYYYHRIGNDKGDWGDVSDRRKLRNDLKCKSFKWYLDNIYPELFIPGDSVAHGEIRNLGYGGRTCLDAPA
GKKHQKKAVGTYPCHRQGGNQYWMLSKAGEIRRDDSCLDYAGKDVTLFGCHGGKGNQFWTYRENTKQLHHGTSGKCLAIS
ESKDKLLMEECSASLSRQQWTLENYDSSKL
;
_entity_poly.pdbx_strand_id   A,B,C,D
#
# COMPACT_ATOMS: atom_id res chain seq x y z
N GLY A 3 -52.83 20.10 2.85
CA GLY A 3 -51.94 19.84 3.97
C GLY A 3 -51.67 18.37 4.20
N GLY A 4 -50.44 17.94 3.89
CA GLY A 4 -50.12 16.53 3.96
C GLY A 4 -49.57 16.03 5.28
N GLY A 5 -48.93 16.93 6.05
CA GLY A 5 -48.40 16.60 7.36
C GLY A 5 -47.01 15.98 7.39
N PRO A 6 -46.60 15.46 8.56
CA PRO A 6 -45.25 14.88 8.67
C PRO A 6 -45.13 13.56 7.94
N GLY A 7 -44.08 13.43 7.13
CA GLY A 7 -43.87 12.21 6.39
C GLY A 7 -44.61 12.13 5.08
N GLU A 8 -45.22 13.24 4.62
CA GLU A 8 -45.92 13.25 3.35
C GLU A 8 -44.99 12.84 2.21
N LEU A 9 -45.52 12.02 1.29
CA LEU A 9 -44.76 11.49 0.13
C LEU A 9 -43.53 10.70 0.55
N GLY A 10 -43.56 10.06 1.71
CA GLY A 10 -42.47 9.20 2.12
C GLY A 10 -41.23 9.89 2.63
N LYS A 11 -41.25 11.22 2.79
CA LYS A 11 -40.07 11.88 3.34
C LYS A 11 -39.87 11.47 4.81
N PRO A 12 -38.63 11.53 5.31
CA PRO A 12 -38.34 11.05 6.67
C PRO A 12 -38.92 12.01 7.71
N VAL A 13 -38.91 11.53 8.95
CA VAL A 13 -39.28 12.34 10.12
C VAL A 13 -38.17 12.23 11.15
N ARG A 14 -37.67 13.37 11.60
CA ARG A 14 -36.62 13.46 12.59
C ARG A 14 -37.14 14.23 13.80
N LEU A 15 -36.97 13.64 14.98
CA LEU A 15 -37.40 14.25 16.23
C LEU A 15 -36.40 15.31 16.66
N PRO A 16 -36.82 16.29 17.47
CA PRO A 16 -35.89 17.37 17.86
C PRO A 16 -34.60 16.80 18.44
N LYS A 17 -33.52 17.58 18.28
CA LYS A 17 -32.22 17.14 18.78
C LYS A 17 -32.24 17.00 20.30
N GLU A 18 -32.69 18.05 20.98
CA GLU A 18 -32.92 18.02 22.43
C GLU A 18 -34.42 17.99 22.67
N MET A 19 -34.85 17.16 23.61
CA MET A 19 -36.26 16.96 23.88
C MET A 19 -36.49 16.83 25.38
N SER A 20 -37.72 17.14 25.78
CA SER A 20 -38.10 16.98 27.17
C SER A 20 -37.97 15.51 27.61
N ASP A 21 -38.07 15.32 28.92
CA ASP A 21 -37.91 13.99 29.48
C ASP A 21 -39.12 13.12 29.16
N GLU A 22 -40.33 13.64 29.38
CA GLU A 22 -41.52 12.86 29.02
C GLU A 22 -41.45 12.45 27.55
N MET A 23 -40.96 13.34 26.69
CA MET A 23 -40.86 12.99 25.28
C MET A 23 -39.83 11.87 25.08
N LYS A 24 -38.68 11.98 25.76
CA LYS A 24 -37.70 10.89 25.68
C LYS A 24 -38.33 9.58 26.09
N LYS A 25 -38.93 9.54 27.29
CA LYS A 25 -39.59 8.32 27.77
C LYS A 25 -40.53 7.73 26.71
N ALA A 26 -41.29 8.59 26.03
CA ALA A 26 -42.22 8.09 25.02
C ALA A 26 -41.50 7.56 23.80
N VAL A 27 -40.42 8.22 23.38
CA VAL A 27 -39.66 7.74 22.22
C VAL A 27 -39.08 6.37 22.51
N ASP A 28 -38.44 6.24 23.68
CA ASP A 28 -37.88 4.96 24.09
C ASP A 28 -38.98 3.94 24.35
N ASP A 29 -40.08 4.37 24.95
CA ASP A 29 -41.26 3.52 25.08
C ASP A 29 -41.60 2.89 23.73
N GLY A 30 -41.63 3.72 22.68
CA GLY A 30 -41.97 3.22 21.36
C GLY A 30 -40.95 2.22 20.82
N TRP A 31 -39.66 2.49 21.00
CA TRP A 31 -38.63 1.55 20.55
C TRP A 31 -38.66 0.24 21.33
N THR A 32 -38.92 0.32 22.64
CA THR A 32 -38.99 -0.90 23.43
C THR A 32 -40.11 -1.81 22.94
N LYS A 33 -41.30 -1.23 22.74
CA LYS A 33 -42.46 -2.02 22.38
C LYS A 33 -42.35 -2.60 20.97
N ASN A 34 -41.84 -1.83 20.00
CA ASN A 34 -42.01 -2.23 18.61
C ASN A 34 -40.73 -2.49 17.83
N ALA A 35 -39.56 -2.08 18.32
CA ALA A 35 -38.31 -2.16 17.55
C ALA A 35 -38.38 -1.31 16.26
N PHE A 36 -39.19 -0.26 16.31
CA PHE A 36 -39.06 0.89 15.43
C PHE A 36 -39.50 2.10 16.22
N ASN A 37 -39.45 3.27 15.60
CA ASN A 37 -39.70 4.51 16.32
C ASN A 37 -41.19 4.87 16.23
N GLN A 38 -41.98 4.38 17.20
CA GLN A 38 -43.43 4.58 17.20
C GLN A 38 -43.79 6.06 17.29
N TYR A 39 -43.03 6.85 18.05
CA TYR A 39 -43.32 8.28 18.19
C TYR A 39 -43.32 8.96 16.83
N VAL A 40 -42.35 8.61 15.98
CA VAL A 40 -42.36 9.12 14.62
C VAL A 40 -43.60 8.63 13.89
N SER A 41 -43.84 7.31 13.94
CA SER A 41 -44.98 6.75 13.24
C SER A 41 -46.28 7.43 13.67
N ASP A 42 -46.40 7.77 14.96
CA ASP A 42 -47.63 8.36 15.47
C ASP A 42 -47.86 9.78 14.92
N LEU A 43 -46.81 10.49 14.54
CA LEU A 43 -47.00 11.82 13.96
C LEU A 43 -47.39 11.76 12.50
N ILE A 44 -47.26 10.62 11.87
CA ILE A 44 -47.47 10.46 10.44
C ILE A 44 -48.92 10.07 10.19
N SER A 45 -49.52 10.68 9.16
CA SER A 45 -50.91 10.38 8.84
C SER A 45 -51.09 8.89 8.60
N VAL A 46 -52.20 8.35 9.12
CA VAL A 46 -52.53 6.99 8.78
C VAL A 46 -52.90 6.85 7.30
N HIS A 47 -53.27 7.96 6.65
CA HIS A 47 -53.44 7.98 5.21
C HIS A 47 -52.25 8.62 4.52
N ARG A 48 -51.06 8.46 5.10
CA ARG A 48 -49.86 9.06 4.57
C ARG A 48 -49.66 8.74 3.11
N THR A 49 -49.53 9.79 2.31
CA THR A 49 -49.36 9.64 0.87
C THR A 49 -47.95 9.20 0.53
N LEU A 50 -47.82 8.53 -0.60
CA LEU A 50 -46.57 7.90 -0.95
C LEU A 50 -46.25 8.21 -2.40
N PRO A 51 -44.97 8.22 -2.79
CA PRO A 51 -44.63 8.44 -4.20
C PRO A 51 -44.90 7.18 -5.03
N ASP A 52 -44.98 7.38 -6.37
CA ASP A 52 -45.30 6.28 -7.28
C ASP A 52 -44.03 5.55 -7.73
N PRO A 53 -43.74 4.40 -7.13
CA PRO A 53 -42.45 3.73 -7.34
C PRO A 53 -42.37 2.91 -8.61
N ARG A 54 -43.44 2.88 -9.41
CA ARG A 54 -43.47 1.98 -10.55
C ARG A 54 -42.67 2.57 -11.70
N ASP A 55 -42.01 1.68 -12.44
CA ASP A 55 -41.25 2.04 -13.62
C ASP A 55 -42.17 2.60 -14.70
N ALA A 56 -41.55 3.27 -15.69
CA ALA A 56 -42.31 3.69 -16.85
C ALA A 56 -43.02 2.51 -17.51
N TRP A 57 -42.32 1.37 -17.62
CA TRP A 57 -42.88 0.20 -18.27
C TRP A 57 -44.17 -0.27 -17.61
N CYS A 58 -44.30 -0.07 -16.30
CA CYS A 58 -45.48 -0.60 -15.63
C CYS A 58 -46.74 0.21 -15.91
N LYS A 59 -46.58 1.48 -16.30
CA LYS A 59 -47.70 2.34 -16.61
C LYS A 59 -48.10 2.25 -18.07
N ASP A 60 -47.10 2.15 -18.96
CA ASP A 60 -47.30 2.35 -20.40
C ASP A 60 -47.39 1.05 -21.19
N GLU A 61 -46.46 0.11 -20.99
CA GLU A 61 -46.33 -1.05 -21.86
C GLU A 61 -46.88 -2.34 -21.24
N ALA A 62 -47.25 -2.33 -19.97
CA ALA A 62 -47.81 -3.50 -19.31
C ALA A 62 -49.33 -3.44 -19.39
N ARG A 63 -49.92 -4.50 -19.92
CA ARG A 63 -51.37 -4.62 -19.98
C ARG A 63 -51.83 -5.76 -19.08
N TYR A 64 -52.90 -5.51 -18.33
CA TYR A 64 -53.44 -6.51 -17.43
C TYR A 64 -54.82 -6.91 -17.91
N LEU A 65 -55.17 -8.18 -17.66
CA LEU A 65 -56.51 -8.65 -18.00
C LEU A 65 -57.57 -7.85 -17.28
N THR A 66 -58.73 -7.69 -17.95
CA THR A 66 -59.80 -6.86 -17.41
C THR A 66 -60.55 -7.54 -16.25
N ASN A 67 -60.61 -8.88 -16.24
CA ASN A 67 -61.35 -9.63 -15.22
C ASN A 67 -60.36 -10.20 -14.23
N LEU A 68 -60.32 -9.64 -13.04
CA LEU A 68 -59.34 -10.17 -12.11
C LEU A 68 -60.03 -10.79 -10.91
N PRO A 69 -59.41 -11.78 -10.26
CA PRO A 69 -60.04 -12.42 -9.12
C PRO A 69 -60.09 -11.52 -7.90
N LYS A 70 -61.23 -11.55 -7.21
CA LYS A 70 -61.36 -10.91 -5.91
C LYS A 70 -60.37 -11.54 -4.94
N THR A 71 -59.70 -10.71 -4.13
CA THR A 71 -58.76 -11.25 -3.14
C THR A 71 -59.20 -10.82 -1.76
N ASP A 72 -58.93 -11.67 -0.77
CA ASP A 72 -58.95 -11.27 0.63
C ASP A 72 -57.54 -10.91 1.05
N VAL A 73 -57.43 -9.98 1.97
CA VAL A 73 -56.15 -9.55 2.55
C VAL A 73 -56.12 -9.97 4.00
N ILE A 74 -55.18 -10.83 4.33
CA ILE A 74 -55.00 -11.34 5.68
C ILE A 74 -53.77 -10.66 6.25
N ILE A 75 -53.95 -9.95 7.36
CA ILE A 75 -52.86 -9.28 8.09
C ILE A 75 -52.82 -9.87 9.49
N CYS A 76 -51.88 -10.76 9.78
CA CYS A 76 -51.74 -11.17 11.18
C CYS A 76 -50.96 -10.12 11.98
N PHE A 77 -51.18 -10.10 13.29
CA PHE A 77 -50.48 -9.13 14.13
C PHE A 77 -50.42 -9.62 15.57
N HIS A 78 -49.53 -9.02 16.37
CA HIS A 78 -49.47 -9.26 17.81
C HIS A 78 -48.83 -8.03 18.45
N ASN A 79 -49.62 -7.29 19.21
CA ASN A 79 -49.16 -6.06 19.86
C ASN A 79 -48.65 -5.02 18.87
N GLU A 80 -49.17 -5.05 17.63
CA GLU A 80 -48.77 -4.06 16.64
C GLU A 80 -49.21 -2.66 17.05
N ALA A 81 -48.41 -1.67 16.67
CA ALA A 81 -48.73 -0.32 17.10
C ALA A 81 -50.00 0.16 16.40
N TRP A 82 -50.75 1.02 17.10
CA TRP A 82 -52.01 1.52 16.56
C TRP A 82 -51.81 2.15 15.20
N THR A 83 -51.02 3.22 15.14
CA THR A 83 -50.87 3.93 13.87
C THR A 83 -50.26 3.03 12.81
N VAL A 84 -49.44 2.06 13.19
CA VAL A 84 -48.80 1.20 12.20
C VAL A 84 -49.78 0.20 11.62
N LEU A 85 -50.53 -0.49 12.48
CA LEU A 85 -51.53 -1.44 11.99
C LEU A 85 -52.55 -0.75 11.10
N LEU A 86 -53.07 0.40 11.56
CA LEU A 86 -54.06 1.13 10.78
C LEU A 86 -53.54 1.52 9.41
N ARG A 87 -52.30 2.03 9.34
CA ARG A 87 -51.75 2.49 8.06
C ARG A 87 -51.63 1.34 7.07
N THR A 88 -51.35 0.12 7.55
CA THR A 88 -51.38 -1.02 6.66
C THR A 88 -52.78 -1.26 6.10
N VAL A 89 -53.77 -1.24 6.99
CA VAL A 89 -55.15 -1.49 6.56
C VAL A 89 -55.64 -0.36 5.67
N HIS A 90 -55.38 0.89 6.08
CA HIS A 90 -55.82 2.02 5.26
C HIS A 90 -55.11 2.06 3.92
N SER A 91 -53.88 1.54 3.84
CA SER A 91 -53.18 1.51 2.57
C SER A 91 -53.84 0.54 1.59
N VAL A 92 -54.34 -0.60 2.07
CA VAL A 92 -55.01 -1.54 1.18
C VAL A 92 -56.28 -0.92 0.62
N LEU A 93 -57.12 -0.38 1.50
CA LEU A 93 -58.38 0.22 1.07
C LEU A 93 -58.17 1.34 0.04
N ASP A 94 -57.25 2.27 0.33
CA ASP A 94 -57.08 3.49 -0.46
C ASP A 94 -56.36 3.29 -1.78
N ARG A 95 -55.57 2.22 -1.96
CA ARG A 95 -54.81 2.07 -3.17
C ARG A 95 -55.12 0.77 -3.91
N SER A 96 -56.18 0.07 -3.49
CA SER A 96 -56.65 -1.10 -4.20
C SER A 96 -58.05 -0.83 -4.75
N PRO A 97 -58.33 -1.24 -5.99
CA PRO A 97 -59.66 -1.04 -6.59
C PRO A 97 -60.73 -1.81 -5.83
N GLU A 98 -61.73 -1.07 -5.32
CA GLU A 98 -62.78 -1.60 -4.45
C GLU A 98 -63.30 -2.98 -4.86
N HIS A 99 -63.57 -3.16 -6.15
CA HIS A 99 -64.17 -4.39 -6.65
C HIS A 99 -63.23 -5.57 -6.59
N LEU A 100 -61.99 -5.37 -6.19
CA LEU A 100 -61.00 -6.42 -6.10
C LEU A 100 -60.73 -6.86 -4.67
N ILE A 101 -61.25 -6.15 -3.68
CA ILE A 101 -61.07 -6.50 -2.29
C ILE A 101 -62.39 -7.09 -1.79
N GLY A 102 -62.31 -8.34 -1.30
CA GLY A 102 -63.42 -8.97 -0.64
C GLY A 102 -63.36 -8.62 0.83
N LYS A 103 -62.52 -9.31 1.59
CA LYS A 103 -62.44 -9.03 3.01
C LYS A 103 -61.00 -8.72 3.43
N ILE A 104 -60.86 -7.72 4.28
CA ILE A 104 -59.59 -7.41 4.93
C ILE A 104 -59.65 -8.05 6.32
N ILE A 105 -58.99 -9.18 6.47
CA ILE A 105 -59.09 -10.01 7.66
C ILE A 105 -57.89 -9.72 8.57
N LEU A 106 -58.15 -9.16 9.73
CA LEU A 106 -57.10 -8.90 10.71
C LEU A 106 -57.14 -10.01 11.75
N VAL A 107 -56.09 -10.82 11.81
CA VAL A 107 -56.00 -11.95 12.72
C VAL A 107 -55.18 -11.52 13.94
N ASP A 108 -55.72 -11.73 15.15
CA ASP A 108 -55.22 -11.09 16.37
C ASP A 108 -54.04 -11.81 17.03
N ASP A 109 -54.06 -13.13 17.15
CA ASP A 109 -52.99 -13.90 17.84
C ASP A 109 -52.70 -13.39 19.25
N TYR A 110 -53.77 -13.24 20.05
CA TYR A 110 -53.69 -13.12 21.50
C TYR A 110 -52.80 -11.97 21.95
N SER A 111 -52.85 -10.87 21.21
CA SER A 111 -52.22 -9.64 21.67
C SER A 111 -52.95 -9.13 22.90
N ASP A 112 -52.20 -8.46 23.77
CA ASP A 112 -52.72 -8.02 25.05
C ASP A 112 -52.81 -6.51 25.19
N MET A 113 -52.33 -5.72 24.23
CA MET A 113 -52.37 -4.27 24.44
C MET A 113 -53.79 -3.73 24.21
N PRO A 114 -54.26 -2.82 25.07
CA PRO A 114 -55.68 -2.40 25.00
C PRO A 114 -56.12 -1.88 23.64
N HIS A 115 -55.27 -1.11 22.94
CA HIS A 115 -55.69 -0.43 21.71
C HIS A 115 -56.06 -1.41 20.58
N LEU A 116 -55.68 -2.68 20.69
CA LEU A 116 -56.05 -3.69 19.71
C LEU A 116 -57.27 -4.50 20.10
N LYS A 117 -57.92 -4.15 21.22
CA LYS A 117 -59.10 -4.91 21.65
C LYS A 117 -60.37 -4.21 21.18
N ARG A 118 -61.08 -3.56 22.10
CA ARG A 118 -62.31 -2.89 21.73
C ARG A 118 -62.03 -1.66 20.86
N GLN A 119 -60.95 -0.92 21.16
CA GLN A 119 -60.64 0.28 20.39
C GLN A 119 -60.55 -0.02 18.90
N LEU A 120 -59.94 -1.13 18.53
CA LEU A 120 -59.85 -1.50 17.12
C LEU A 120 -61.23 -1.84 16.57
N GLU A 121 -62.04 -2.55 17.37
CA GLU A 121 -63.39 -2.90 16.93
C GLU A 121 -64.22 -1.65 16.67
N ASP A 122 -64.21 -0.68 17.58
CA ASP A 122 -65.01 0.53 17.36
C ASP A 122 -64.56 1.28 16.11
N TYR A 123 -63.24 1.41 15.92
CA TYR A 123 -62.71 2.19 14.80
C TYR A 123 -63.13 1.59 13.46
N PHE A 124 -62.90 0.30 13.27
CA PHE A 124 -63.22 -0.36 12.01
C PHE A 124 -64.68 -0.78 11.93
N ALA A 125 -65.51 -0.32 12.87
CA ALA A 125 -66.93 -0.55 12.76
C ALA A 125 -67.49 0.13 11.50
N ALA A 126 -67.00 1.33 11.19
CA ALA A 126 -67.48 2.06 10.01
C ALA A 126 -67.06 1.37 8.71
N TYR A 127 -66.04 0.52 8.75
CA TYR A 127 -65.44 -0.06 7.55
C TYR A 127 -65.96 -1.48 7.33
N PRO A 128 -66.90 -1.68 6.41
CA PRO A 128 -67.58 -2.98 6.36
C PRO A 128 -66.67 -4.13 5.93
N LYS A 129 -65.67 -3.87 5.08
CA LYS A 129 -64.89 -4.98 4.56
C LYS A 129 -63.90 -5.54 5.59
N VAL A 130 -63.74 -4.87 6.73
CA VAL A 130 -62.73 -5.22 7.72
C VAL A 130 -63.36 -6.13 8.77
N GLN A 131 -62.84 -7.35 8.91
CA GLN A 131 -63.29 -8.22 9.98
C GLN A 131 -62.12 -8.62 10.86
N ILE A 132 -62.38 -8.69 12.16
CA ILE A 132 -61.37 -8.98 13.16
C ILE A 132 -61.65 -10.36 13.74
N ILE A 133 -60.73 -11.28 13.50
CA ILE A 133 -60.76 -12.63 14.04
C ILE A 133 -59.79 -12.67 15.21
N ARG A 134 -60.19 -13.26 16.32
CA ARG A 134 -59.36 -13.28 17.51
C ARG A 134 -58.96 -14.71 17.84
N GLY A 135 -57.65 -14.91 17.98
CA GLY A 135 -57.12 -16.18 18.43
C GLY A 135 -57.30 -16.38 19.92
N GLN A 136 -57.43 -17.64 20.32
CA GLN A 136 -57.71 -17.98 21.71
C GLN A 136 -56.47 -18.01 22.60
N LYS A 137 -55.27 -18.15 22.03
CA LYS A 137 -54.00 -18.25 22.74
C LYS A 137 -52.90 -17.92 21.74
N ARG A 138 -51.80 -17.35 22.21
CA ARG A 138 -50.71 -17.04 21.31
C ARG A 138 -50.28 -18.31 20.59
N GLU A 139 -50.31 -18.27 19.27
CA GLU A 139 -50.02 -19.44 18.49
C GLU A 139 -48.99 -19.17 17.42
N GLY A 140 -48.60 -17.93 17.23
CA GLY A 140 -47.59 -17.60 16.25
C GLY A 140 -48.16 -17.33 14.87
N LEU A 141 -47.28 -16.80 14.04
CA LEU A 141 -47.63 -16.40 12.68
C LEU A 141 -48.20 -17.55 11.85
N ILE A 142 -47.57 -18.71 11.89
CA ILE A 142 -47.94 -19.80 10.98
C ILE A 142 -49.39 -20.21 11.19
N ARG A 143 -49.74 -20.52 12.44
CA ARG A 143 -51.10 -20.96 12.73
C ARG A 143 -52.11 -19.84 12.49
N ALA A 144 -51.71 -18.58 12.68
CA ALA A 144 -52.62 -17.46 12.49
C ALA A 144 -52.97 -17.26 11.02
N ARG A 145 -51.98 -17.31 10.14
CA ARG A 145 -52.30 -17.23 8.72
C ARG A 145 -53.26 -18.35 8.31
N ILE A 146 -53.13 -19.53 8.92
CA ILE A 146 -54.03 -20.64 8.62
C ILE A 146 -55.42 -20.37 9.16
N LEU A 147 -55.52 -19.68 10.29
CA LEU A 147 -56.83 -19.27 10.78
C LEU A 147 -57.47 -18.28 9.81
N GLY A 148 -56.69 -17.34 9.30
CA GLY A 148 -57.23 -16.37 8.37
C GLY A 148 -57.71 -16.99 7.08
N ALA A 149 -56.95 -17.93 6.53
CA ALA A 149 -57.36 -18.62 5.33
C ALA A 149 -58.64 -19.41 5.54
N ASN A 150 -58.92 -19.82 6.79
CA ASN A 150 -60.16 -20.56 7.04
C ASN A 150 -61.38 -19.65 7.05
N HIS A 151 -61.23 -18.38 7.42
CA HIS A 151 -62.33 -17.42 7.46
C HIS A 151 -62.52 -16.67 6.16
N ALA A 152 -61.78 -17.03 5.12
CA ALA A 152 -61.74 -16.27 3.88
C ALA A 152 -62.49 -17.02 2.80
N LYS A 153 -63.30 -16.29 2.05
CA LYS A 153 -64.16 -16.93 1.05
C LYS A 153 -63.86 -16.49 -0.37
N SER A 154 -63.00 -15.47 -0.56
CA SER A 154 -62.67 -14.97 -1.88
C SER A 154 -61.78 -15.98 -2.61
N PRO A 155 -61.74 -15.91 -3.93
CA PRO A 155 -60.96 -16.91 -4.69
C PRO A 155 -59.46 -16.83 -4.48
N VAL A 156 -58.94 -15.68 -4.03
CA VAL A 156 -57.52 -15.44 -3.87
C VAL A 156 -57.24 -14.93 -2.45
N LEU A 157 -56.11 -15.36 -1.87
CA LEU A 157 -55.61 -14.81 -0.63
C LEU A 157 -54.37 -13.95 -0.86
N THR A 158 -54.30 -12.80 -0.18
CA THR A 158 -53.10 -11.98 -0.14
C THR A 158 -52.72 -11.71 1.31
N TYR A 159 -51.45 -11.95 1.64
CA TYR A 159 -50.95 -11.78 3.01
C TYR A 159 -50.08 -10.54 3.09
N LEU A 160 -50.16 -9.84 4.22
CA LEU A 160 -49.32 -8.68 4.48
C LEU A 160 -48.97 -8.66 5.96
N ASP A 161 -47.75 -8.25 6.28
CA ASP A 161 -47.41 -7.95 7.66
C ASP A 161 -48.19 -6.73 8.15
N SER A 162 -48.28 -6.57 9.46
CA SER A 162 -49.00 -5.43 10.02
C SER A 162 -48.23 -4.13 9.93
N HIS A 163 -47.00 -4.15 9.42
CA HIS A 163 -46.26 -2.91 9.27
C HIS A 163 -45.87 -2.72 7.81
N CYS A 164 -46.85 -2.67 6.92
CA CYS A 164 -46.64 -2.57 5.49
C CYS A 164 -47.29 -1.32 4.96
N GLU A 165 -46.96 -0.99 3.71
CA GLU A 165 -47.65 0.08 2.98
C GLU A 165 -47.74 -0.29 1.51
N CYS A 166 -48.95 -0.45 1.02
CA CYS A 166 -49.13 -0.71 -0.40
C CYS A 166 -48.96 0.59 -1.15
N THR A 167 -48.46 0.51 -2.39
CA THR A 167 -48.22 1.68 -3.21
C THR A 167 -49.20 1.69 -4.37
N GLU A 168 -49.23 2.81 -5.07
CA GLU A 168 -50.10 2.97 -6.23
C GLU A 168 -49.89 1.82 -7.22
N GLY A 169 -51.00 1.22 -7.64
CA GLY A 169 -50.97 0.15 -8.61
C GLY A 169 -50.46 -1.18 -8.08
N TRP A 170 -50.52 -1.40 -6.76
CA TRP A 170 -49.86 -2.57 -6.20
C TRP A 170 -50.65 -3.84 -6.50
N LEU A 171 -51.95 -3.75 -6.54
CA LEU A 171 -52.70 -4.99 -6.52
C LEU A 171 -52.91 -5.58 -7.91
N GLU A 172 -53.16 -4.74 -8.91
CA GLU A 172 -53.49 -5.28 -10.25
C GLU A 172 -52.41 -6.22 -10.78
N PRO A 173 -51.12 -5.89 -10.75
CA PRO A 173 -50.14 -6.79 -11.37
C PRO A 173 -49.98 -8.12 -10.63
N LEU A 174 -50.25 -8.16 -9.33
CA LEU A 174 -50.23 -9.44 -8.64
C LEU A 174 -51.40 -10.30 -9.07
N LEU A 175 -52.61 -9.75 -8.94
CA LEU A 175 -53.82 -10.46 -9.35
C LEU A 175 -53.77 -10.86 -10.81
N ASP A 176 -53.08 -10.10 -11.65
CA ASP A 176 -53.03 -10.45 -13.06
C ASP A 176 -52.38 -11.80 -13.28
N ARG A 177 -51.29 -12.08 -12.56
CA ARG A 177 -50.59 -13.34 -12.77
C ARG A 177 -51.48 -14.52 -12.42
N ILE A 178 -52.26 -14.41 -11.34
CA ILE A 178 -53.17 -15.49 -10.97
C ILE A 178 -54.29 -15.62 -11.98
N ALA A 179 -54.84 -14.50 -12.45
CA ALA A 179 -55.90 -14.51 -13.45
C ALA A 179 -55.46 -15.20 -14.74
N ARG A 180 -54.16 -15.25 -15.01
CA ARG A 180 -53.69 -15.97 -16.19
C ARG A 180 -53.56 -17.46 -15.91
N ASN A 181 -53.12 -17.81 -14.69
CA ASN A 181 -52.80 -19.20 -14.37
C ASN A 181 -52.77 -19.32 -12.84
N SER A 182 -53.73 -20.09 -12.27
CA SER A 182 -53.99 -20.11 -10.82
C SER A 182 -52.91 -20.81 -9.99
N THR A 183 -52.06 -21.66 -10.60
CA THR A 183 -50.96 -22.31 -9.89
C THR A 183 -49.81 -21.35 -9.65
N THR A 184 -50.04 -20.06 -9.88
CA THR A 184 -48.98 -19.08 -9.84
C THR A 184 -49.07 -18.36 -8.50
N VAL A 185 -48.00 -18.44 -7.73
CA VAL A 185 -47.88 -17.67 -6.50
C VAL A 185 -47.01 -16.46 -6.79
N VAL A 186 -47.38 -15.30 -6.26
CA VAL A 186 -46.74 -14.04 -6.61
C VAL A 186 -46.41 -13.24 -5.35
N CYS A 187 -45.28 -12.55 -5.37
CA CYS A 187 -44.93 -11.60 -4.32
C CYS A 187 -44.66 -10.24 -4.92
N PRO A 188 -45.03 -9.18 -4.22
CA PRO A 188 -44.60 -7.86 -4.65
C PRO A 188 -43.14 -7.69 -4.36
N VAL A 189 -42.54 -6.69 -4.99
CA VAL A 189 -41.23 -6.21 -4.54
C VAL A 189 -41.40 -5.57 -3.17
N ILE A 190 -40.59 -5.98 -2.20
CA ILE A 190 -40.77 -5.55 -0.82
C ILE A 190 -39.76 -4.44 -0.55
N ASP A 191 -40.24 -3.20 -0.44
CA ASP A 191 -39.36 -2.06 -0.22
C ASP A 191 -39.16 -1.80 1.27
N VAL A 192 -38.25 -0.88 1.56
CA VAL A 192 -37.80 -0.62 2.91
C VAL A 192 -38.41 0.67 3.43
N ILE A 193 -39.10 0.59 4.56
CA ILE A 193 -39.45 1.75 5.35
C ILE A 193 -38.47 1.83 6.52
N SER A 194 -37.82 2.98 6.67
CA SER A 194 -36.86 3.13 7.75
C SER A 194 -37.57 2.92 9.06
N ASP A 195 -37.00 2.07 9.92
CA ASP A 195 -37.48 1.97 11.29
C ASP A 195 -37.31 3.29 12.04
N GLU A 196 -36.30 4.10 11.68
CA GLU A 196 -36.01 5.32 12.44
C GLU A 196 -36.82 6.52 11.99
N THR A 197 -37.01 6.68 10.68
CA THR A 197 -37.64 7.88 10.16
C THR A 197 -38.89 7.59 9.35
N LEU A 198 -39.21 6.31 9.15
CA LEU A 198 -40.34 5.84 8.37
C LEU A 198 -40.28 6.32 6.93
N GLU A 199 -39.12 6.80 6.49
CA GLU A 199 -38.91 7.19 5.10
C GLU A 199 -39.11 6.00 4.17
N TYR A 200 -39.59 6.28 2.96
CA TYR A 200 -39.90 5.23 2.00
C TYR A 200 -38.84 5.20 0.90
N HIS A 201 -38.29 4.02 0.64
CA HIS A 201 -37.14 3.83 -0.23
C HIS A 201 -37.53 2.84 -1.32
N TYR A 202 -37.60 3.30 -2.57
CA TYR A 202 -37.82 2.36 -3.67
C TYR A 202 -36.69 2.52 -4.68
N ARG A 203 -36.68 1.62 -5.66
CA ARG A 203 -35.52 1.53 -6.52
C ARG A 203 -35.94 1.09 -7.92
N ASP A 204 -34.98 1.25 -8.83
CA ASP A 204 -35.08 0.81 -10.21
C ASP A 204 -35.39 -0.68 -10.28
N SER A 205 -36.25 -1.07 -11.22
CA SER A 205 -36.49 -2.50 -11.44
C SER A 205 -35.25 -3.22 -11.95
N GLY A 206 -34.19 -2.48 -12.29
CA GLY A 206 -32.94 -3.12 -12.66
C GLY A 206 -32.35 -3.91 -11.51
N GLY A 207 -32.16 -3.25 -10.37
CA GLY A 207 -31.59 -3.91 -9.22
C GLY A 207 -32.59 -4.70 -8.39
N VAL A 208 -33.32 -5.60 -9.01
CA VAL A 208 -34.35 -6.35 -8.31
C VAL A 208 -33.75 -7.66 -7.84
N ASN A 209 -34.08 -8.05 -6.61
CA ASN A 209 -33.58 -9.27 -6.06
C ASN A 209 -34.64 -10.35 -6.02
N VAL A 210 -34.19 -11.56 -6.22
CA VAL A 210 -35.02 -12.75 -6.25
C VAL A 210 -34.56 -13.66 -5.10
N GLY A 211 -35.48 -14.45 -4.56
CA GLY A 211 -35.22 -15.17 -3.32
C GLY A 211 -34.57 -16.54 -3.53
N GLY A 212 -33.66 -16.88 -2.62
CA GLY A 212 -33.04 -18.19 -2.56
C GLY A 212 -32.90 -18.62 -1.11
N PHE A 213 -31.95 -19.52 -0.79
CA PHE A 213 -31.73 -19.89 0.61
C PHE A 213 -30.29 -20.33 0.84
N ASP A 214 -29.83 -20.14 2.07
CA ASP A 214 -28.57 -20.68 2.56
C ASP A 214 -28.80 -22.08 3.11
N TRP A 215 -27.72 -22.85 3.19
CA TRP A 215 -27.83 -24.24 3.64
C TRP A 215 -27.95 -24.38 5.16
N ASN A 216 -28.25 -23.31 5.89
CA ASN A 216 -28.83 -23.43 7.21
C ASN A 216 -30.35 -23.32 7.15
N LEU A 217 -30.92 -23.43 5.95
CA LEU A 217 -32.36 -23.31 5.71
C LEU A 217 -32.89 -21.97 6.20
N GLN A 218 -32.17 -20.92 5.82
CA GLN A 218 -32.59 -19.54 6.00
C GLN A 218 -32.78 -18.89 4.64
N PHE A 219 -33.79 -18.04 4.55
CA PHE A 219 -33.99 -17.33 3.31
C PHE A 219 -32.85 -16.34 3.07
N SER A 220 -32.53 -16.12 1.80
CA SER A 220 -31.52 -15.14 1.45
C SER A 220 -31.81 -14.62 0.05
N TRP A 221 -31.46 -13.37 -0.18
CA TRP A 221 -31.65 -12.72 -1.46
C TRP A 221 -30.45 -12.96 -2.37
N HIS A 222 -30.71 -12.98 -3.67
CA HIS A 222 -29.66 -12.87 -4.67
C HIS A 222 -30.22 -12.05 -5.83
N PRO A 223 -29.36 -11.44 -6.63
CA PRO A 223 -29.86 -10.71 -7.79
C PRO A 223 -30.30 -11.71 -8.86
N VAL A 224 -31.14 -11.24 -9.76
CA VAL A 224 -31.76 -12.11 -10.76
C VAL A 224 -30.69 -12.73 -11.65
N PRO A 225 -30.63 -14.06 -11.76
CA PRO A 225 -29.61 -14.69 -12.61
C PRO A 225 -29.77 -14.28 -14.06
N GLU A 226 -28.67 -14.32 -14.81
CA GLU A 226 -28.79 -13.92 -16.22
C GLU A 226 -29.65 -14.89 -17.01
N ARG A 227 -29.58 -16.18 -16.67
CA ARG A 227 -30.48 -17.15 -17.28
C ARG A 227 -31.91 -16.62 -17.26
N GLU A 228 -32.30 -16.02 -16.14
CA GLU A 228 -33.62 -15.41 -16.02
C GLU A 228 -33.71 -14.07 -16.74
N ARG A 229 -32.72 -13.18 -16.60
CA ARG A 229 -32.86 -11.87 -17.24
C ARG A 229 -33.01 -11.99 -18.75
N LYS A 230 -32.44 -13.05 -19.34
CA LYS A 230 -32.52 -13.37 -20.75
C LYS A 230 -33.88 -13.96 -21.13
N ARG A 231 -34.76 -14.17 -20.17
CA ARG A 231 -36.11 -14.60 -20.46
C ARG A 231 -37.03 -13.42 -20.75
N HIS A 232 -36.51 -12.19 -20.71
CA HIS A 232 -37.37 -11.01 -20.64
C HIS A 232 -36.86 -9.87 -21.52
N ASN A 233 -37.78 -9.25 -22.26
CA ASN A 233 -37.46 -8.06 -23.04
C ASN A 233 -37.21 -6.86 -22.14
N SER A 234 -37.83 -6.82 -20.97
CA SER A 234 -37.71 -5.72 -20.02
C SER A 234 -37.54 -6.26 -18.61
N THR A 235 -36.81 -5.53 -17.76
CA THR A 235 -36.61 -6.00 -16.40
C THR A 235 -37.84 -5.80 -15.52
N ALA A 236 -38.88 -5.09 -16.00
CA ALA A 236 -40.07 -4.89 -15.19
C ALA A 236 -41.09 -6.04 -15.32
N GLU A 237 -40.88 -6.98 -16.24
CA GLU A 237 -41.73 -8.16 -16.31
C GLU A 237 -41.50 -9.02 -15.08
N PRO A 238 -42.49 -9.84 -14.73
CA PRO A 238 -42.32 -10.75 -13.59
C PRO A 238 -41.19 -11.72 -13.82
N VAL A 239 -40.43 -11.99 -12.76
CA VAL A 239 -39.27 -12.89 -12.82
C VAL A 239 -39.50 -14.08 -11.90
N TYR A 240 -39.05 -15.25 -12.35
CA TYR A 240 -39.07 -16.42 -11.50
C TYR A 240 -38.22 -16.18 -10.25
N SER A 241 -38.65 -16.75 -9.15
CA SER A 241 -37.90 -16.68 -7.90
C SER A 241 -38.01 -18.02 -7.22
N PRO A 242 -36.89 -18.72 -7.02
CA PRO A 242 -36.97 -20.07 -6.44
C PRO A 242 -37.56 -20.10 -5.04
N THR A 243 -37.67 -18.97 -4.35
CA THR A 243 -38.17 -18.94 -2.97
C THR A 243 -38.67 -17.54 -2.65
N MET A 244 -39.60 -17.47 -1.71
CA MET A 244 -40.18 -16.20 -1.31
C MET A 244 -39.62 -15.79 0.05
N ALA A 245 -39.58 -14.48 0.26
CA ALA A 245 -39.16 -14.00 1.58
C ALA A 245 -40.16 -14.47 2.62
N GLY A 246 -41.43 -14.47 2.28
CA GLY A 246 -42.55 -14.95 3.07
C GLY A 246 -43.30 -13.77 3.65
N GLY A 247 -44.57 -13.99 3.95
CA GLY A 247 -45.35 -12.96 4.62
C GLY A 247 -45.95 -11.90 3.74
N LEU A 248 -45.41 -11.70 2.55
CA LEU A 248 -46.01 -10.83 1.55
C LEU A 248 -46.08 -11.70 0.31
N PHE A 249 -47.29 -12.14 -0.02
CA PHE A 249 -47.50 -12.94 -1.21
C PHE A 249 -48.99 -13.08 -1.44
N SER A 250 -49.33 -13.59 -2.62
CA SER A 250 -50.72 -13.84 -2.99
C SER A 250 -50.75 -15.20 -3.67
N ILE A 251 -51.76 -15.99 -3.33
CA ILE A 251 -51.88 -17.35 -3.81
C ILE A 251 -53.36 -17.64 -3.92
N ASP A 252 -53.71 -18.54 -4.85
CA ASP A 252 -55.10 -18.98 -5.01
C ASP A 252 -55.53 -19.78 -3.79
N ARG A 253 -56.65 -19.36 -3.17
CA ARG A 253 -57.12 -19.97 -1.93
C ARG A 253 -57.19 -21.49 -2.02
N GLU A 254 -57.86 -22.02 -3.03
CA GLU A 254 -57.91 -23.48 -3.08
C GLU A 254 -56.55 -24.07 -3.43
N PHE A 255 -55.73 -23.34 -4.19
CA PHE A 255 -54.38 -23.83 -4.48
C PHE A 255 -53.53 -23.84 -3.21
N PHE A 256 -53.64 -22.79 -2.39
CA PHE A 256 -53.06 -22.82 -1.06
C PHE A 256 -53.49 -24.07 -0.30
N ASP A 257 -54.79 -24.37 -0.29
CA ASP A 257 -55.27 -25.56 0.41
C ASP A 257 -54.67 -26.82 -0.19
N ARG A 258 -54.69 -26.95 -1.50
CA ARG A 258 -54.21 -28.18 -2.10
C ARG A 258 -52.79 -28.49 -1.66
N LEU A 259 -51.94 -27.46 -1.60
CA LEU A 259 -50.55 -27.58 -1.21
C LEU A 259 -50.36 -27.87 0.29
N GLY A 260 -51.44 -28.04 1.05
CA GLY A 260 -51.31 -28.34 2.47
C GLY A 260 -51.03 -27.15 3.36
N THR A 261 -51.29 -25.94 2.87
CA THR A 261 -51.09 -24.67 3.58
C THR A 261 -49.70 -24.72 4.21
N TYR A 262 -49.56 -24.40 5.48
CA TYR A 262 -48.32 -24.51 6.19
C TYR A 262 -48.34 -25.80 7.00
N ASP A 263 -47.16 -26.33 7.29
CA ASP A 263 -47.03 -27.54 8.10
C ASP A 263 -47.56 -27.34 9.52
N SER A 264 -48.59 -28.12 9.89
CA SER A 264 -49.25 -27.94 11.19
C SER A 264 -48.30 -28.19 12.36
N GLY A 265 -47.29 -29.03 12.17
CA GLY A 265 -46.33 -29.36 13.19
C GLY A 265 -45.16 -28.42 13.30
N PHE A 266 -45.09 -27.37 12.47
CA PHE A 266 -44.11 -26.32 12.69
C PHE A 266 -44.34 -25.63 14.01
N ASP A 267 -43.25 -25.18 14.62
CA ASP A 267 -43.28 -24.28 15.76
C ASP A 267 -43.09 -22.87 15.23
N ILE A 268 -43.17 -21.89 16.12
CA ILE A 268 -43.16 -20.48 15.72
C ILE A 268 -41.93 -20.14 14.85
N TRP A 269 -40.75 -20.68 15.19
CA TRP A 269 -39.47 -20.29 14.58
C TRP A 269 -39.27 -20.73 13.14
N GLY A 270 -40.32 -20.69 12.34
CA GLY A 270 -40.43 -21.58 11.23
C GLY A 270 -39.91 -21.04 9.92
N GLY A 271 -39.46 -21.98 9.10
CA GLY A 271 -39.15 -21.72 7.71
C GLY A 271 -40.35 -22.15 6.89
N GLU A 272 -41.55 -21.77 7.34
CA GLU A 272 -42.74 -22.03 6.54
C GLU A 272 -42.59 -21.38 5.17
N ASN A 273 -41.94 -20.22 5.11
CA ASN A 273 -41.71 -19.58 3.83
C ASN A 273 -40.91 -20.49 2.91
N LEU A 274 -39.88 -21.15 3.44
CA LEU A 274 -39.13 -22.07 2.60
C LEU A 274 -40.01 -23.27 2.23
N GLU A 275 -40.82 -23.76 3.18
CA GLU A 275 -41.68 -24.89 2.87
C GLU A 275 -42.61 -24.56 1.71
N LEU A 276 -43.36 -23.46 1.83
CA LEU A 276 -44.32 -23.11 0.79
C LEU A 276 -43.66 -22.91 -0.56
N SER A 277 -42.43 -22.35 -0.58
CA SER A 277 -41.74 -22.14 -1.83
C SER A 277 -41.47 -23.45 -2.54
N PHE A 278 -40.85 -24.40 -1.85
CA PHE A 278 -40.52 -25.67 -2.49
C PHE A 278 -41.79 -26.37 -2.97
N LYS A 279 -42.86 -26.33 -2.16
CA LYS A 279 -44.10 -27.02 -2.53
C LYS A 279 -44.67 -26.44 -3.81
N THR A 280 -44.69 -25.11 -3.91
CA THR A 280 -45.22 -24.45 -5.09
C THR A 280 -44.53 -24.91 -6.36
N TRP A 281 -43.20 -24.91 -6.37
CA TRP A 281 -42.50 -25.33 -7.56
C TRP A 281 -42.71 -26.82 -7.82
N MET A 282 -42.51 -27.65 -6.79
CA MET A 282 -42.44 -29.10 -6.97
C MET A 282 -43.80 -29.71 -7.23
N CYS A 283 -44.89 -29.00 -6.94
CA CYS A 283 -46.22 -29.57 -7.02
C CYS A 283 -47.10 -28.81 -8.01
N GLY A 284 -46.53 -28.42 -9.15
CA GLY A 284 -47.27 -27.92 -10.27
C GLY A 284 -47.49 -26.44 -10.39
N GLY A 285 -46.79 -25.63 -9.60
CA GLY A 285 -46.96 -24.19 -9.60
C GLY A 285 -45.67 -23.47 -9.99
N THR A 286 -45.75 -22.15 -9.96
CA THR A 286 -44.58 -21.31 -10.15
C THR A 286 -44.65 -20.16 -9.16
N LEU A 287 -43.48 -19.61 -8.86
CA LEU A 287 -43.33 -18.49 -7.93
C LEU A 287 -42.67 -17.31 -8.66
N GLU A 288 -43.26 -16.14 -8.51
CA GLU A 288 -42.88 -14.97 -9.29
C GLU A 288 -42.75 -13.77 -8.37
N ILE A 289 -41.74 -12.96 -8.62
CA ILE A 289 -41.66 -11.63 -8.07
C ILE A 289 -42.09 -10.66 -9.15
N VAL A 290 -43.01 -9.77 -8.82
CA VAL A 290 -43.66 -8.91 -9.81
C VAL A 290 -43.11 -7.50 -9.65
N PRO A 291 -42.16 -7.10 -10.49
CA PRO A 291 -41.47 -5.83 -10.25
C PRO A 291 -42.38 -4.65 -10.42
N CYS A 292 -43.54 -4.84 -11.03
CA CYS A 292 -44.51 -3.76 -11.15
C CYS A 292 -45.27 -3.49 -9.85
N SER A 293 -45.16 -4.36 -8.85
CA SER A 293 -45.91 -4.25 -7.61
C SER A 293 -44.98 -3.99 -6.43
N HIS A 294 -45.14 -2.84 -5.79
CA HIS A 294 -44.32 -2.46 -4.66
C HIS A 294 -45.15 -2.35 -3.39
N VAL A 295 -44.68 -3.00 -2.31
CA VAL A 295 -45.22 -2.83 -0.97
C VAL A 295 -44.07 -2.45 -0.06
N GLY A 296 -44.26 -1.38 0.70
CA GLY A 296 -43.27 -1.00 1.69
C GLY A 296 -43.47 -1.80 2.95
N HIS A 297 -42.36 -2.09 3.64
CA HIS A 297 -42.34 -2.87 4.88
C HIS A 297 -41.37 -2.20 5.85
N ILE A 298 -41.71 -2.19 7.13
CA ILE A 298 -40.84 -1.65 8.17
C ILE A 298 -39.87 -2.76 8.59
N PHE A 299 -38.65 -2.70 8.10
CA PHE A 299 -37.68 -3.70 8.51
C PHE A 299 -37.14 -3.33 9.89
N ARG A 300 -37.01 -4.35 10.75
CA ARG A 300 -36.56 -4.18 12.12
C ARG A 300 -35.25 -4.94 12.35
N LYS A 301 -34.39 -4.40 13.22
CA LYS A 301 -33.15 -5.11 13.53
C LYS A 301 -33.37 -6.31 14.43
N ARG A 302 -34.46 -6.32 15.20
CA ARG A 302 -34.77 -7.43 16.11
C ARG A 302 -36.29 -7.53 16.27
N SER A 303 -36.76 -8.76 16.64
CA SER A 303 -38.19 -8.98 16.91
C SER A 303 -38.46 -8.98 18.41
N PRO A 304 -39.43 -8.20 18.91
CA PRO A 304 -39.70 -8.12 20.35
C PRO A 304 -40.76 -9.10 20.84
N TYR A 305 -40.65 -10.37 20.43
CA TYR A 305 -41.66 -11.37 20.73
C TYR A 305 -41.15 -12.35 21.80
N LYS A 306 -42.09 -12.91 22.57
CA LYS A 306 -41.75 -13.93 23.56
C LYS A 306 -41.27 -15.22 22.89
N TRP A 307 -40.20 -15.80 23.42
CA TRP A 307 -39.49 -16.92 22.83
C TRP A 307 -40.17 -18.28 23.01
N ARG A 308 -41.29 -18.34 23.74
CA ARG A 308 -41.92 -19.61 24.18
C ARG A 308 -41.05 -20.36 25.17
N ASN A 312 -30.17 -24.26 16.61
CA ASN A 312 -30.68 -24.35 17.97
C ASN A 312 -32.20 -24.52 18.00
N VAL A 313 -32.95 -23.45 17.74
CA VAL A 313 -34.37 -23.45 18.00
C VAL A 313 -35.22 -23.43 16.72
N LEU A 314 -34.73 -22.88 15.61
CA LEU A 314 -35.40 -23.11 14.34
C LEU A 314 -35.13 -24.51 13.82
N LYS A 315 -34.29 -25.27 14.55
CA LYS A 315 -33.85 -26.60 14.11
C LYS A 315 -35.03 -27.52 13.84
N LYS A 316 -36.08 -27.48 14.67
CA LYS A 316 -37.18 -28.43 14.49
C LYS A 316 -37.88 -28.19 13.16
N ASN A 317 -38.30 -26.95 12.93
CA ASN A 317 -38.98 -26.64 11.68
C ASN A 317 -38.08 -26.89 10.49
N SER A 318 -36.79 -26.57 10.61
CA SER A 318 -35.90 -26.74 9.46
C SER A 318 -35.66 -28.23 9.15
N VAL A 319 -35.63 -29.09 10.17
CA VAL A 319 -35.41 -30.52 9.91
C VAL A 319 -36.65 -31.17 9.29
N ARG A 320 -37.87 -30.79 9.74
CA ARG A 320 -39.05 -31.30 9.06
C ARG A 320 -39.08 -30.88 7.60
N LEU A 321 -38.76 -29.62 7.33
CA LEU A 321 -38.73 -29.17 5.95
C LEU A 321 -37.80 -30.05 5.13
N ALA A 322 -36.65 -30.42 5.70
CA ALA A 322 -35.67 -31.18 4.95
C ALA A 322 -36.01 -32.66 4.91
N GLU A 323 -36.49 -33.23 6.02
CA GLU A 323 -36.89 -34.63 6.02
C GLU A 323 -37.96 -34.92 4.97
N VAL A 324 -38.89 -33.99 4.78
CA VAL A 324 -39.99 -34.19 3.84
C VAL A 324 -39.61 -33.79 2.44
N TRP A 325 -39.02 -32.60 2.27
CA TRP A 325 -38.99 -32.00 0.94
C TRP A 325 -37.63 -32.02 0.27
N MET A 326 -36.53 -32.31 0.98
CA MET A 326 -35.23 -32.07 0.38
C MET A 326 -34.51 -33.32 -0.10
N ASP A 327 -35.16 -34.48 -0.10
CA ASP A 327 -34.61 -35.72 -0.70
C ASP A 327 -33.18 -35.91 -0.23
N GLU A 328 -32.24 -36.20 -1.13
CA GLU A 328 -30.89 -36.52 -0.68
C GLU A 328 -30.15 -35.28 -0.22
N TYR A 329 -30.64 -34.10 -0.59
CA TYR A 329 -29.96 -32.87 -0.25
C TYR A 329 -30.16 -32.49 1.22
N SER A 330 -31.00 -33.23 1.95
CA SER A 330 -31.15 -32.98 3.38
C SER A 330 -29.82 -33.08 4.13
N GLN A 331 -28.93 -33.96 3.67
CA GLN A 331 -27.66 -34.15 4.37
C GLN A 331 -26.88 -32.86 4.47
N TYR A 332 -27.03 -31.93 3.52
CA TYR A 332 -26.23 -30.71 3.57
C TYR A 332 -26.72 -29.77 4.65
N TYR A 333 -28.02 -29.79 4.98
CA TYR A 333 -28.44 -29.01 6.14
C TYR A 333 -27.93 -29.63 7.43
N TYR A 334 -27.93 -30.97 7.51
CA TYR A 334 -27.54 -31.64 8.74
C TYR A 334 -26.07 -31.40 9.08
N HIS A 335 -25.20 -31.36 8.06
CA HIS A 335 -23.79 -31.02 8.27
C HIS A 335 -23.64 -29.66 8.93
N ARG A 336 -24.45 -28.70 8.53
CA ARG A 336 -24.26 -27.38 9.09
C ARG A 336 -24.69 -27.30 10.54
N ILE A 337 -25.51 -28.23 11.02
CA ILE A 337 -26.00 -28.23 12.40
C ILE A 337 -25.38 -29.35 13.23
N GLY A 338 -24.26 -29.91 12.75
CA GLY A 338 -23.54 -30.97 13.44
C GLY A 338 -24.26 -32.30 13.51
N ASN A 339 -25.20 -32.54 12.61
CA ASN A 339 -26.01 -33.75 12.59
C ASN A 339 -26.81 -33.92 13.86
N ASP A 340 -26.89 -32.88 14.68
CA ASP A 340 -27.77 -32.90 15.85
C ASP A 340 -29.17 -32.52 15.38
N LYS A 341 -29.81 -33.50 14.75
CA LYS A 341 -31.13 -33.31 14.16
C LYS A 341 -32.18 -33.09 15.23
N GLY A 342 -31.98 -33.65 16.42
CA GLY A 342 -32.97 -33.46 17.46
C GLY A 342 -34.16 -34.35 17.20
N ASP A 343 -35.32 -33.88 17.66
CA ASP A 343 -36.60 -34.58 17.52
C ASP A 343 -37.58 -33.65 16.82
N TRP A 344 -37.76 -33.85 15.52
CA TRP A 344 -38.63 -33.00 14.73
C TRP A 344 -40.11 -33.37 14.86
N GLY A 345 -40.45 -34.40 15.64
CA GLY A 345 -41.82 -34.80 15.85
C GLY A 345 -42.36 -35.68 14.73
N ASP A 346 -43.67 -35.92 14.81
CA ASP A 346 -44.33 -36.75 13.81
C ASP A 346 -44.45 -35.96 12.54
N VAL A 347 -44.02 -36.57 11.43
CA VAL A 347 -43.95 -35.89 10.14
C VAL A 347 -44.63 -36.71 9.05
N SER A 348 -45.32 -37.79 9.44
CA SER A 348 -45.94 -38.70 8.48
C SER A 348 -46.96 -38.02 7.58
N ASP A 349 -47.79 -37.14 8.14
CA ASP A 349 -48.85 -36.47 7.36
C ASP A 349 -48.27 -35.76 6.15
N ARG A 350 -47.12 -35.10 6.33
CA ARG A 350 -46.56 -34.34 5.23
C ARG A 350 -45.96 -35.23 4.14
N ARG A 351 -45.39 -36.38 4.51
CA ARG A 351 -44.88 -37.29 3.47
C ARG A 351 -46.00 -37.84 2.60
N LYS A 352 -47.14 -38.20 3.22
CA LYS A 352 -48.30 -38.64 2.45
C LYS A 352 -48.80 -37.54 1.54
N LEU A 353 -48.93 -36.32 2.08
CA LEU A 353 -49.37 -35.16 1.31
C LEU A 353 -48.51 -34.97 0.06
N ARG A 354 -47.19 -35.09 0.23
CA ARG A 354 -46.30 -34.91 -0.91
C ARG A 354 -46.52 -35.98 -1.96
N ASN A 355 -46.66 -37.24 -1.54
CA ASN A 355 -46.85 -38.34 -2.49
C ASN A 355 -48.20 -38.23 -3.20
N ASP A 356 -49.24 -37.78 -2.50
CA ASP A 356 -50.57 -37.71 -3.11
C ASP A 356 -50.60 -36.69 -4.24
N LEU A 357 -49.87 -35.59 -4.08
CA LEU A 357 -49.76 -34.54 -5.09
C LEU A 357 -48.84 -34.92 -6.24
N LYS A 358 -48.10 -36.01 -6.12
CA LYS A 358 -47.13 -36.46 -7.13
C LYS A 358 -46.15 -35.34 -7.52
N CYS A 359 -45.43 -34.83 -6.50
CA CYS A 359 -44.52 -33.71 -6.74
C CYS A 359 -43.21 -34.19 -7.37
N LYS A 360 -42.50 -33.26 -7.99
CA LYS A 360 -41.20 -33.59 -8.55
C LYS A 360 -40.15 -33.78 -7.45
N SER A 361 -39.01 -34.36 -7.86
CA SER A 361 -37.90 -34.55 -6.95
C SER A 361 -37.23 -33.22 -6.62
N PHE A 362 -36.47 -33.22 -5.52
CA PHE A 362 -35.80 -31.98 -5.14
C PHE A 362 -34.63 -31.71 -6.07
N LYS A 363 -34.00 -32.77 -6.56
CA LYS A 363 -32.99 -32.58 -7.59
C LYS A 363 -33.58 -31.81 -8.77
N TRP A 364 -34.79 -32.18 -9.18
CA TRP A 364 -35.45 -31.42 -10.24
C TRP A 364 -35.52 -29.94 -9.90
N TYR A 365 -35.85 -29.63 -8.64
CA TYR A 365 -35.96 -28.24 -8.22
C TYR A 365 -34.64 -27.53 -8.36
N LEU A 366 -33.59 -28.15 -7.83
CA LEU A 366 -32.29 -27.51 -7.93
C LEU A 366 -31.86 -27.44 -9.38
N ASP A 367 -32.06 -28.53 -10.13
CA ASP A 367 -31.53 -28.59 -11.49
C ASP A 367 -32.21 -27.59 -12.41
N ASN A 368 -33.52 -27.39 -12.25
CA ASN A 368 -34.30 -26.58 -13.20
C ASN A 368 -34.67 -25.21 -12.67
N ILE A 369 -35.06 -25.10 -11.41
CA ILE A 369 -35.52 -23.83 -10.90
C ILE A 369 -34.37 -23.03 -10.29
N TYR A 370 -33.48 -23.67 -9.54
CA TYR A 370 -32.43 -22.98 -8.79
C TYR A 370 -31.06 -23.57 -9.07
N PRO A 371 -30.63 -23.62 -10.34
CA PRO A 371 -29.34 -24.23 -10.65
C PRO A 371 -28.14 -23.35 -10.35
N GLU A 372 -28.36 -22.05 -10.12
CA GLU A 372 -27.26 -21.18 -9.72
C GLU A 372 -26.71 -21.54 -8.35
N LEU A 373 -27.52 -22.19 -7.50
CA LEU A 373 -27.15 -22.46 -6.11
C LEU A 373 -25.96 -23.41 -6.03
N PHE A 374 -24.97 -23.03 -5.23
CA PHE A 374 -23.77 -23.85 -5.02
C PHE A 374 -24.12 -25.01 -4.09
N ILE A 375 -23.84 -26.24 -4.53
CA ILE A 375 -24.16 -27.45 -3.77
C ILE A 375 -22.90 -27.89 -3.02
N PRO A 376 -22.89 -27.85 -1.68
CA PRO A 376 -21.64 -28.13 -0.93
C PRO A 376 -20.97 -29.42 -1.32
N GLY A 377 -21.73 -30.43 -1.77
CA GLY A 377 -21.12 -31.67 -2.22
C GLY A 377 -20.26 -31.54 -3.48
N ASP A 378 -20.44 -30.49 -4.28
CA ASP A 378 -19.60 -30.29 -5.46
C ASP A 378 -18.26 -29.65 -5.13
N SER A 379 -18.05 -29.21 -3.89
CA SER A 379 -16.85 -28.49 -3.56
C SER A 379 -15.68 -29.45 -3.43
N VAL A 380 -14.47 -28.91 -3.55
CA VAL A 380 -13.27 -29.72 -3.38
C VAL A 380 -13.22 -30.27 -1.96
N ALA A 381 -13.66 -29.48 -0.99
CA ALA A 381 -13.78 -29.96 0.38
C ALA A 381 -14.87 -29.16 1.08
N HIS A 382 -15.47 -29.77 2.09
CA HIS A 382 -16.49 -29.08 2.86
C HIS A 382 -16.54 -29.64 4.27
N GLY A 383 -16.65 -28.74 5.24
CA GLY A 383 -16.58 -29.13 6.63
C GLY A 383 -15.72 -28.22 7.46
N GLU A 384 -14.94 -28.77 8.37
CA GLU A 384 -14.09 -27.92 9.18
C GLU A 384 -12.76 -27.70 8.48
N ILE A 385 -12.08 -26.63 8.86
CA ILE A 385 -10.72 -26.33 8.40
C ILE A 385 -9.83 -26.32 9.64
N ARG A 386 -8.99 -27.33 9.75
CA ARG A 386 -8.23 -27.61 10.96
C ARG A 386 -6.78 -27.21 10.76
N ASN A 387 -6.24 -26.48 11.74
CA ASN A 387 -4.85 -26.06 11.75
C ASN A 387 -4.07 -27.02 12.65
N LEU A 388 -3.01 -27.61 12.08
CA LEU A 388 -2.18 -28.62 12.74
C LEU A 388 -1.19 -28.05 13.75
N GLY A 389 -1.03 -26.72 13.80
CA GLY A 389 -0.05 -26.14 14.69
C GLY A 389 -0.52 -26.07 16.13
N TYR A 390 0.46 -26.04 17.03
CA TYR A 390 0.26 -25.74 18.45
C TYR A 390 -0.91 -26.54 18.99
N GLY A 391 -0.78 -27.86 18.89
CA GLY A 391 -1.74 -28.82 19.38
C GLY A 391 -2.62 -29.45 18.31
N GLY A 392 -2.98 -28.71 17.26
CA GLY A 392 -3.87 -29.23 16.24
C GLY A 392 -5.33 -29.33 16.69
N ARG A 393 -5.74 -28.46 17.59
CA ARG A 393 -7.10 -28.46 18.11
C ARG A 393 -7.71 -27.08 17.93
N THR A 394 -7.22 -26.35 16.93
CA THR A 394 -7.69 -25.03 16.59
C THR A 394 -8.29 -25.07 15.19
N CYS A 395 -9.41 -24.38 15.03
CA CYS A 395 -10.17 -24.45 13.80
C CYS A 395 -10.46 -23.05 13.28
N LEU A 396 -10.56 -22.94 11.97
CA LEU A 396 -11.04 -21.71 11.37
C LEU A 396 -12.49 -21.51 11.81
N ASP A 397 -12.81 -20.34 12.37
CA ASP A 397 -14.10 -20.13 13.04
C ASP A 397 -14.50 -18.66 12.96
N ALA A 398 -15.64 -18.39 12.35
CA ALA A 398 -16.20 -17.05 12.26
C ALA A 398 -17.66 -17.16 11.88
N PRO A 399 -18.45 -16.14 12.18
CA PRO A 399 -19.83 -16.04 11.65
C PRO A 399 -19.87 -15.38 10.28
N ALA A 400 -20.90 -15.73 9.51
CA ALA A 400 -21.15 -15.13 8.21
C ALA A 400 -22.27 -14.10 8.31
N GLY A 401 -22.47 -13.36 7.23
CA GLY A 401 -23.53 -12.38 7.13
C GLY A 401 -23.02 -10.99 6.80
N LYS A 402 -23.96 -10.04 6.78
CA LYS A 402 -23.69 -8.66 6.43
C LYS A 402 -23.47 -7.78 7.65
N LYS A 403 -23.69 -8.30 8.86
CA LYS A 403 -23.27 -7.64 10.10
C LYS A 403 -21.85 -8.02 10.50
N HIS A 404 -21.45 -9.26 10.21
CA HIS A 404 -20.14 -9.76 10.56
C HIS A 404 -19.13 -9.56 9.43
N GLN A 405 -19.53 -8.85 8.38
CA GLN A 405 -18.57 -8.19 7.50
C GLN A 405 -17.79 -7.17 8.31
N LYS A 406 -16.63 -6.78 7.79
CA LYS A 406 -15.71 -5.87 8.49
C LYS A 406 -15.38 -6.41 9.90
N LYS A 407 -15.40 -7.75 10.06
CA LYS A 407 -14.80 -8.42 11.21
C LYS A 407 -13.66 -9.30 10.72
N ALA A 408 -12.59 -9.35 11.51
CA ALA A 408 -11.51 -10.26 11.20
C ALA A 408 -11.98 -11.69 11.48
N VAL A 409 -11.61 -12.61 10.61
CA VAL A 409 -11.98 -14.00 10.85
C VAL A 409 -10.98 -14.54 11.87
N GLY A 410 -11.49 -15.33 12.81
CA GLY A 410 -10.61 -15.78 13.87
C GLY A 410 -10.49 -17.28 13.95
N THR A 411 -10.07 -17.74 15.12
CA THR A 411 -9.83 -19.13 15.41
C THR A 411 -10.50 -19.49 16.72
N TYR A 412 -10.74 -20.78 16.93
CA TYR A 412 -11.48 -21.27 18.08
C TYR A 412 -11.27 -22.78 18.15
N PRO A 413 -11.40 -23.38 19.35
CA PRO A 413 -11.19 -24.83 19.45
C PRO A 413 -12.25 -25.61 18.69
N CYS A 414 -11.80 -26.67 18.03
CA CYS A 414 -12.66 -27.50 17.20
C CYS A 414 -13.73 -28.21 18.04
N HIS A 415 -14.98 -27.91 17.76
CA HIS A 415 -16.16 -28.70 18.12
C HIS A 415 -16.70 -29.26 16.83
N ARG A 416 -16.79 -30.58 16.72
CA ARG A 416 -17.23 -31.15 15.45
C ARG A 416 -18.68 -30.83 15.07
N GLN A 417 -19.24 -29.74 15.61
CA GLN A 417 -20.63 -29.36 15.41
C GLN A 417 -20.93 -28.50 14.19
N GLY A 418 -19.95 -28.09 13.40
CA GLY A 418 -20.28 -27.38 12.16
C GLY A 418 -20.49 -25.91 12.47
N GLY A 419 -21.63 -25.39 12.06
CA GLY A 419 -21.96 -23.99 12.09
C GLY A 419 -20.87 -23.04 11.66
N ASN A 420 -20.34 -22.30 12.64
CA ASN A 420 -19.23 -21.37 12.45
C ASN A 420 -17.92 -22.02 12.05
N GLN A 421 -17.78 -23.34 12.18
CA GLN A 421 -16.60 -24.02 11.67
C GLN A 421 -16.95 -24.90 10.49
N TYR A 422 -17.93 -24.47 9.71
CA TYR A 422 -18.28 -25.14 8.47
C TYR A 422 -17.86 -24.25 7.32
N TRP A 423 -17.10 -24.82 6.38
CA TRP A 423 -16.54 -24.08 5.26
C TRP A 423 -16.51 -25.00 4.05
N MET A 424 -16.54 -24.40 2.85
CA MET A 424 -16.33 -25.15 1.61
C MET A 424 -15.19 -24.56 0.82
N LEU A 425 -14.32 -25.41 0.32
CA LEU A 425 -13.28 -25.03 -0.62
C LEU A 425 -13.77 -25.34 -2.02
N SER A 426 -14.09 -24.30 -2.79
CA SER A 426 -14.62 -24.47 -4.14
C SER A 426 -13.53 -24.80 -5.14
N LYS A 427 -13.98 -25.21 -6.32
CA LYS A 427 -13.10 -25.42 -7.47
C LYS A 427 -12.51 -24.10 -7.97
N ALA A 428 -13.20 -22.98 -7.73
CA ALA A 428 -12.74 -21.64 -8.07
C ALA A 428 -11.90 -21.00 -6.99
N GLY A 429 -11.32 -21.80 -6.09
CA GLY A 429 -10.43 -21.28 -5.07
C GLY A 429 -11.07 -20.43 -4.00
N GLU A 430 -12.38 -20.58 -3.77
CA GLU A 430 -13.05 -19.89 -2.68
C GLU A 430 -13.02 -20.74 -1.42
N ILE A 431 -12.74 -20.12 -0.28
CA ILE A 431 -13.05 -20.67 1.03
C ILE A 431 -14.30 -19.95 1.51
N ARG A 432 -15.44 -20.64 1.54
CA ARG A 432 -16.73 -19.94 1.60
C ARG A 432 -17.72 -20.62 2.54
N ARG A 433 -18.74 -19.83 2.89
CA ARG A 433 -19.94 -20.33 3.56
C ARG A 433 -21.10 -19.58 2.93
N ASP A 434 -21.92 -20.30 2.14
CA ASP A 434 -23.10 -19.74 1.47
C ASP A 434 -22.58 -18.69 0.51
N ASP A 435 -23.04 -17.45 0.57
CA ASP A 435 -22.55 -16.37 -0.29
C ASP A 435 -21.39 -15.57 0.32
N SER A 436 -20.76 -16.06 1.37
CA SER A 436 -19.64 -15.35 1.96
C SER A 436 -18.34 -16.03 1.60
N CYS A 437 -17.29 -15.20 1.38
CA CYS A 437 -15.95 -15.64 0.97
C CYS A 437 -14.86 -15.06 1.87
N LEU A 438 -13.84 -15.88 2.15
CA LEU A 438 -12.62 -15.43 2.80
C LEU A 438 -11.86 -14.46 1.90
N ASP A 439 -11.32 -13.40 2.49
CA ASP A 439 -10.74 -12.35 1.68
C ASP A 439 -9.59 -11.70 2.44
N TYR A 440 -8.52 -11.36 1.71
CA TYR A 440 -7.34 -10.74 2.31
C TYR A 440 -6.82 -9.60 1.44
N ALA A 441 -6.85 -8.38 1.97
CA ALA A 441 -6.33 -7.21 1.28
C ALA A 441 -5.27 -6.50 2.10
N GLY A 442 -4.45 -7.26 2.83
CA GLY A 442 -3.31 -6.68 3.49
C GLY A 442 -3.52 -6.17 4.91
N LYS A 443 -4.72 -6.26 5.47
CA LYS A 443 -4.89 -5.97 6.89
C LYS A 443 -5.25 -7.28 7.56
N ASP A 444 -6.53 -7.62 7.70
CA ASP A 444 -7.00 -8.86 8.33
C ASP A 444 -7.71 -9.74 7.32
N VAL A 445 -7.85 -11.02 7.65
CA VAL A 445 -8.72 -11.89 6.85
C VAL A 445 -10.17 -11.59 7.20
N THR A 446 -11.01 -11.51 6.19
CA THR A 446 -12.38 -11.10 6.39
C THR A 446 -13.33 -12.06 5.71
N LEU A 447 -14.55 -12.08 6.19
CA LEU A 447 -15.63 -12.81 5.53
C LEU A 447 -16.60 -11.78 4.96
N PHE A 448 -16.60 -11.61 3.65
CA PHE A 448 -17.70 -10.89 3.03
C PHE A 448 -18.02 -11.51 1.68
N GLY A 449 -18.78 -10.77 0.89
CA GLY A 449 -19.62 -11.37 -0.14
C GLY A 449 -18.82 -11.85 -1.33
N CYS A 450 -19.03 -13.12 -1.71
CA CYS A 450 -18.34 -13.69 -2.86
C CYS A 450 -18.73 -12.92 -4.11
N HIS A 451 -17.72 -12.39 -4.80
CA HIS A 451 -17.92 -11.66 -6.04
C HIS A 451 -17.52 -12.48 -7.26
N GLY A 452 -16.96 -13.67 -7.06
CA GLY A 452 -16.68 -14.54 -8.17
C GLY A 452 -15.59 -14.06 -9.09
N GLY A 453 -14.78 -13.11 -8.64
CA GLY A 453 -13.73 -12.58 -9.48
C GLY A 453 -12.35 -13.10 -9.15
N LYS A 454 -12.24 -14.09 -8.28
CA LYS A 454 -10.97 -14.69 -7.82
C LYS A 454 -10.18 -13.58 -7.14
N GLY A 455 -8.93 -13.32 -7.52
CA GLY A 455 -8.20 -12.22 -6.89
C GLY A 455 -7.97 -12.45 -5.40
N ASN A 456 -8.37 -11.48 -4.59
CA ASN A 456 -8.22 -11.57 -3.13
C ASN A 456 -9.16 -12.59 -2.48
N GLN A 457 -10.12 -13.12 -3.22
CA GLN A 457 -10.93 -14.22 -2.72
C GLN A 457 -10.45 -15.55 -3.27
N PHE A 458 -9.22 -15.61 -3.74
CA PHE A 458 -8.69 -16.83 -4.35
C PHE A 458 -7.65 -17.49 -3.44
N TRP A 459 -7.81 -18.81 -3.23
CA TRP A 459 -6.93 -19.58 -2.37
C TRP A 459 -6.57 -20.91 -3.02
N THR A 460 -5.43 -21.46 -2.61
CA THR A 460 -4.92 -22.73 -3.12
C THR A 460 -4.58 -23.59 -1.91
N TYR A 461 -5.06 -24.82 -1.89
CA TYR A 461 -4.67 -25.79 -0.88
C TYR A 461 -3.61 -26.73 -1.45
N ARG A 462 -2.36 -26.57 -0.97
CA ARG A 462 -1.21 -27.28 -1.49
C ARG A 462 -1.11 -28.66 -0.84
N GLU A 463 -1.54 -29.70 -1.57
CA GLU A 463 -1.82 -31.00 -0.96
C GLU A 463 -0.62 -31.55 -0.20
N ASN A 464 0.56 -31.58 -0.83
CA ASN A 464 1.71 -32.21 -0.18
C ASN A 464 2.17 -31.40 1.03
N THR A 465 1.98 -30.08 1.01
CA THR A 465 2.42 -29.23 2.10
C THR A 465 1.32 -28.89 3.09
N LYS A 466 0.04 -28.98 2.67
CA LYS A 466 -1.12 -28.73 3.50
C LYS A 466 -1.31 -27.24 3.84
N GLN A 467 -0.86 -26.35 2.97
CA GLN A 467 -0.97 -24.91 3.19
C GLN A 467 -2.17 -24.32 2.44
N LEU A 468 -2.69 -23.23 2.99
CA LEU A 468 -3.73 -22.45 2.33
C LEU A 468 -3.08 -21.18 1.80
N HIS A 469 -2.88 -21.11 0.47
CA HIS A 469 -2.07 -20.08 -0.18
C HIS A 469 -2.93 -19.02 -0.87
N HIS A 470 -2.62 -17.75 -0.61
CA HIS A 470 -3.36 -16.60 -1.15
C HIS A 470 -2.73 -16.12 -2.45
N GLY A 471 -3.50 -16.12 -3.54
CA GLY A 471 -2.88 -15.89 -4.85
C GLY A 471 -2.24 -14.53 -5.04
N THR A 472 -2.86 -13.47 -4.53
CA THR A 472 -2.38 -12.13 -4.85
C THR A 472 -1.26 -11.69 -3.93
N SER A 473 -1.40 -11.95 -2.63
CA SER A 473 -0.41 -11.55 -1.65
C SER A 473 0.74 -12.55 -1.56
N GLY A 474 0.59 -13.73 -2.16
CA GLY A 474 1.62 -14.74 -2.16
C GLY A 474 1.91 -15.33 -0.80
N LYS A 475 1.16 -14.93 0.22
CA LYS A 475 1.36 -15.37 1.60
C LYS A 475 0.55 -16.62 1.91
N CYS A 476 0.86 -17.21 3.07
CA CYS A 476 0.22 -18.44 3.51
C CYS A 476 -0.57 -18.19 4.78
N LEU A 477 -1.69 -18.90 4.90
CA LEU A 477 -2.60 -18.73 6.04
C LEU A 477 -2.11 -19.51 7.24
N ALA A 478 -2.20 -18.91 8.43
CA ALA A 478 -1.62 -19.50 9.63
C ALA A 478 -2.28 -18.89 10.85
N ILE A 479 -2.06 -19.55 12.00
CA ILE A 479 -2.57 -19.09 13.29
C ILE A 479 -1.39 -18.77 14.18
N SER A 480 -1.59 -17.85 15.12
CA SER A 480 -0.54 -17.37 16.02
C SER A 480 -0.30 -18.34 17.18
N GLU A 481 0.65 -17.98 18.03
CA GLU A 481 0.93 -18.81 19.21
C GLU A 481 -0.25 -18.81 20.19
N SER A 482 -0.92 -17.68 20.39
CA SER A 482 -2.04 -17.62 21.32
C SER A 482 -3.26 -18.39 20.83
N LYS A 483 -3.26 -18.83 19.56
CA LYS A 483 -4.37 -19.53 18.94
C LYS A 483 -5.61 -18.65 18.83
N ASP A 484 -5.52 -17.40 19.26
CA ASP A 484 -6.68 -16.50 19.21
C ASP A 484 -6.84 -15.77 17.89
N LYS A 485 -5.75 -15.53 17.14
CA LYS A 485 -5.81 -14.71 15.94
C LYS A 485 -5.46 -15.52 14.70
N LEU A 486 -5.96 -15.06 13.54
CA LEU A 486 -5.72 -15.70 12.24
C LEU A 486 -5.00 -14.73 11.31
N LEU A 487 -3.74 -15.03 10.98
CA LEU A 487 -2.85 -14.08 10.33
C LEU A 487 -2.25 -14.64 9.05
N MET A 488 -1.62 -13.73 8.30
CA MET A 488 -0.97 -14.01 7.03
C MET A 488 0.54 -13.82 7.14
N GLU A 489 1.30 -14.79 6.66
CA GLU A 489 2.75 -14.66 6.73
C GLU A 489 3.44 -15.35 5.56
N GLU A 490 4.75 -15.14 5.47
CA GLU A 490 5.59 -15.73 4.45
C GLU A 490 5.54 -17.25 4.49
N CYS A 491 5.47 -17.86 3.32
CA CYS A 491 5.32 -19.30 3.22
C CYS A 491 6.61 -20.01 3.64
N SER A 492 6.49 -20.94 4.59
CA SER A 492 7.58 -21.79 5.03
C SER A 492 7.06 -23.20 5.21
N ALA A 493 7.60 -24.15 4.46
CA ALA A 493 7.09 -25.52 4.46
C ALA A 493 7.28 -26.18 5.80
N SER A 494 8.31 -25.79 6.54
CA SER A 494 8.63 -26.43 7.79
C SER A 494 7.78 -25.95 8.95
N LEU A 495 6.88 -24.97 8.75
CA LEU A 495 6.11 -24.43 9.86
C LEU A 495 4.79 -25.16 10.04
N SER A 496 4.57 -25.70 11.25
CA SER A 496 3.33 -26.43 11.54
C SER A 496 2.13 -25.49 11.65
N ARG A 497 2.35 -24.24 12.05
CA ARG A 497 1.24 -23.31 12.16
C ARG A 497 0.67 -22.95 10.80
N GLN A 498 1.27 -23.42 9.73
CA GLN A 498 0.81 -23.14 8.39
C GLN A 498 0.19 -24.35 7.72
N GLN A 499 -0.02 -25.43 8.47
CA GLN A 499 -0.61 -26.65 7.93
C GLN A 499 -2.10 -26.75 8.28
N TRP A 500 -2.87 -27.25 7.32
CA TRP A 500 -4.30 -27.36 7.48
C TRP A 500 -4.72 -28.72 6.95
N THR A 501 -5.78 -29.26 7.52
CA THR A 501 -6.46 -30.38 6.90
C THR A 501 -7.91 -29.96 6.66
N LEU A 502 -8.40 -30.21 5.47
CA LEU A 502 -9.75 -29.78 5.09
C LEU A 502 -10.66 -30.99 4.98
N GLU A 503 -11.75 -30.96 5.74
CA GLU A 503 -12.64 -32.11 5.79
C GLU A 503 -13.22 -32.42 4.42
N ASN A 504 -13.21 -33.70 4.06
CA ASN A 504 -13.77 -34.20 2.80
C ASN A 504 -12.95 -33.78 1.59
N TYR A 505 -11.63 -33.64 1.73
CA TYR A 505 -10.84 -33.25 0.58
C TYR A 505 -10.94 -34.33 -0.49
N ASP A 506 -11.30 -33.91 -1.71
CA ASP A 506 -11.41 -34.80 -2.87
C ASP A 506 -10.66 -34.15 -4.03
N SER A 507 -9.53 -34.74 -4.40
CA SER A 507 -8.71 -34.14 -5.45
C SER A 507 -9.46 -34.06 -6.79
N SER A 508 -10.38 -35.00 -7.03
CA SER A 508 -11.05 -35.10 -8.32
C SER A 508 -12.08 -34.00 -8.56
N LYS A 509 -12.56 -33.33 -7.50
CA LYS A 509 -13.42 -32.17 -7.73
C LYS A 509 -12.67 -30.98 -8.31
N LEU A 510 -11.34 -31.03 -8.35
CA LEU A 510 -10.58 -29.90 -8.87
C LEU A 510 -10.78 -29.73 -10.38
N GLY B 3 -21.44 32.13 0.03
CA GLY B 3 -20.40 32.79 -0.74
C GLY B 3 -19.21 31.89 -0.99
N GLY B 4 -19.05 31.43 -2.23
CA GLY B 4 -18.00 30.48 -2.55
C GLY B 4 -16.68 31.09 -2.93
N GLY B 5 -16.67 32.39 -3.20
CA GLY B 5 -15.49 33.17 -3.52
C GLY B 5 -14.91 32.95 -4.91
N PRO B 6 -13.71 33.49 -5.14
CA PRO B 6 -13.10 33.35 -6.47
C PRO B 6 -12.75 31.90 -6.75
N GLY B 7 -13.07 31.48 -7.96
CA GLY B 7 -12.74 30.15 -8.38
C GLY B 7 -13.74 29.09 -7.99
N GLU B 8 -14.88 29.44 -7.40
CA GLU B 8 -15.87 28.42 -7.01
C GLU B 8 -16.34 27.65 -8.24
N LEU B 9 -16.52 26.34 -8.06
CA LEU B 9 -16.96 25.42 -9.11
C LEU B 9 -15.99 25.39 -10.30
N GLY B 10 -14.71 25.68 -10.07
CA GLY B 10 -13.70 25.54 -11.11
C GLY B 10 -13.68 26.63 -12.16
N LYS B 11 -14.49 27.67 -12.02
CA LYS B 11 -14.47 28.75 -13.00
C LYS B 11 -13.15 29.53 -12.89
N PRO B 12 -12.67 30.11 -13.99
CA PRO B 12 -11.35 30.73 -13.97
C PRO B 12 -11.34 32.02 -13.18
N VAL B 13 -10.13 32.47 -12.88
CA VAL B 13 -9.92 33.75 -12.22
C VAL B 13 -8.92 34.53 -13.06
N ARG B 14 -9.32 35.70 -13.52
CA ARG B 14 -8.51 36.55 -14.38
C ARG B 14 -8.24 37.85 -13.63
N LEU B 15 -6.98 38.24 -13.55
CA LEU B 15 -6.66 39.45 -12.83
C LEU B 15 -6.99 40.68 -13.67
N PRO B 16 -7.21 41.83 -13.02
CA PRO B 16 -7.62 43.03 -13.75
C PRO B 16 -6.67 43.41 -14.87
N LYS B 17 -7.12 44.36 -15.68
CA LYS B 17 -6.32 44.82 -16.80
C LYS B 17 -5.15 45.69 -16.31
N GLU B 18 -5.44 46.69 -15.49
CA GLU B 18 -4.45 47.67 -15.05
C GLU B 18 -4.14 47.41 -13.58
N MET B 19 -2.96 46.86 -13.30
CA MET B 19 -2.54 46.55 -11.93
C MET B 19 -1.55 47.58 -11.43
N SER B 20 -1.54 47.77 -10.11
CA SER B 20 -0.56 48.63 -9.49
C SER B 20 0.84 48.04 -9.69
N ASP B 21 1.85 48.81 -9.32
CA ASP B 21 3.21 48.35 -9.49
C ASP B 21 3.55 47.26 -8.47
N GLU B 22 3.24 47.49 -7.19
CA GLU B 22 3.45 46.46 -6.17
C GLU B 22 2.73 45.16 -6.55
N MET B 23 1.51 45.27 -7.06
CA MET B 23 0.74 44.10 -7.43
C MET B 23 1.36 43.39 -8.62
N LYS B 24 1.79 44.17 -9.63
CA LYS B 24 2.42 43.56 -10.79
C LYS B 24 3.65 42.74 -10.37
N LYS B 25 4.37 43.22 -9.35
CA LYS B 25 5.52 42.47 -8.85
C LYS B 25 5.07 41.15 -8.24
N ALA B 26 3.97 41.18 -7.48
CA ALA B 26 3.54 39.98 -6.77
C ALA B 26 3.16 38.90 -7.76
N VAL B 27 2.54 39.29 -8.87
CA VAL B 27 2.21 38.32 -9.91
C VAL B 27 3.48 37.73 -10.49
N ASP B 28 4.47 38.56 -10.82
CA ASP B 28 5.71 38.07 -11.40
C ASP B 28 6.46 37.20 -10.40
N ASP B 29 6.49 37.63 -9.13
CA ASP B 29 7.05 36.80 -8.07
C ASP B 29 6.49 35.39 -8.12
N GLY B 30 5.15 35.28 -8.20
CA GLY B 30 4.52 33.97 -8.20
C GLY B 30 4.85 33.11 -9.40
N TRP B 31 4.89 33.70 -10.60
CA TRP B 31 5.31 32.93 -11.77
C TRP B 31 6.77 32.51 -11.64
N THR B 32 7.62 33.41 -11.10
CA THR B 32 9.02 33.05 -10.90
C THR B 32 9.14 31.82 -10.02
N LYS B 33 8.45 31.84 -8.87
CA LYS B 33 8.56 30.77 -7.89
C LYS B 33 7.91 29.47 -8.36
N ASN B 34 6.76 29.54 -9.03
CA ASN B 34 5.95 28.35 -9.19
C ASN B 34 5.71 27.87 -10.62
N ALA B 35 5.94 28.70 -11.64
CA ALA B 35 5.59 28.37 -13.02
C ALA B 35 4.08 28.10 -13.17
N PHE B 36 3.31 28.70 -12.27
CA PHE B 36 1.90 28.95 -12.43
C PHE B 36 1.62 30.27 -11.74
N ASN B 37 0.36 30.69 -11.77
CA ASN B 37 0.00 32.02 -11.27
C ASN B 37 -0.40 31.91 -9.81
N GLN B 38 0.58 32.07 -8.91
CA GLN B 38 0.30 31.92 -7.48
C GLN B 38 -0.68 32.98 -7.00
N TYR B 39 -0.59 34.20 -7.51
CA TYR B 39 -1.46 35.29 -7.05
C TYR B 39 -2.92 34.91 -7.24
N VAL B 40 -3.26 34.32 -8.39
CA VAL B 40 -4.64 33.88 -8.60
C VAL B 40 -4.99 32.80 -7.59
N SER B 41 -4.12 31.80 -7.46
CA SER B 41 -4.35 30.69 -6.53
C SER B 41 -4.59 31.19 -5.12
N ASP B 42 -3.87 32.24 -4.71
CA ASP B 42 -4.00 32.74 -3.35
C ASP B 42 -5.38 33.36 -3.10
N LEU B 43 -6.03 33.84 -4.16
CA LEU B 43 -7.36 34.40 -3.99
C LEU B 43 -8.42 33.30 -3.91
N ILE B 44 -8.07 32.06 -4.30
CA ILE B 44 -9.04 30.97 -4.35
C ILE B 44 -9.02 30.21 -3.04
N SER B 45 -10.20 29.84 -2.56
CA SER B 45 -10.32 29.15 -1.29
C SER B 45 -9.50 27.87 -1.29
N VAL B 46 -8.88 27.58 -0.14
CA VAL B 46 -8.27 26.28 0.03
C VAL B 46 -9.31 25.17 0.08
N HIS B 47 -10.56 25.49 0.41
CA HIS B 47 -11.65 24.54 0.30
C HIS B 47 -12.50 24.79 -0.96
N ARG B 48 -11.88 25.22 -2.05
CA ARG B 48 -12.59 25.56 -3.27
C ARG B 48 -13.47 24.41 -3.74
N THR B 49 -14.74 24.72 -4.01
CA THR B 49 -15.67 23.72 -4.50
C THR B 49 -15.41 23.42 -5.97
N LEU B 50 -15.74 22.20 -6.35
CA LEU B 50 -15.41 21.73 -7.68
C LEU B 50 -16.62 21.02 -8.25
N PRO B 51 -16.78 20.98 -9.57
CA PRO B 51 -17.90 20.24 -10.14
C PRO B 51 -17.67 18.73 -10.13
N ASP B 52 -18.77 18.01 -10.32
CA ASP B 52 -18.75 16.55 -10.34
C ASP B 52 -18.49 16.08 -11.76
N PRO B 53 -17.26 15.62 -12.07
CA PRO B 53 -16.90 15.27 -13.44
C PRO B 53 -17.30 13.86 -13.84
N ARG B 54 -17.93 13.11 -12.95
CA ARG B 54 -18.12 11.70 -13.22
C ARG B 54 -19.22 11.50 -14.25
N ASP B 55 -19.04 10.47 -15.08
CA ASP B 55 -20.10 10.13 -16.00
C ASP B 55 -21.34 9.65 -15.25
N ALA B 56 -22.46 9.65 -15.97
CA ALA B 56 -23.66 9.07 -15.41
C ALA B 56 -23.41 7.63 -15.00
N TRP B 57 -22.67 6.88 -15.82
CA TRP B 57 -22.38 5.48 -15.53
C TRP B 57 -21.68 5.34 -14.19
N CYS B 58 -20.90 6.34 -13.80
CA CYS B 58 -20.12 6.25 -12.57
C CYS B 58 -20.94 6.44 -11.32
N LYS B 59 -22.09 7.11 -11.41
CA LYS B 59 -22.94 7.30 -10.24
C LYS B 59 -23.99 6.20 -10.12
N ASP B 60 -24.51 5.76 -11.26
CA ASP B 60 -25.73 4.95 -11.34
C ASP B 60 -25.45 3.46 -11.55
N GLU B 61 -24.58 3.10 -12.51
CA GLU B 61 -24.43 1.71 -12.90
C GLU B 61 -23.17 1.04 -12.37
N ALA B 62 -22.27 1.81 -11.75
CA ALA B 62 -21.04 1.26 -11.20
C ALA B 62 -21.24 0.93 -9.73
N ARG B 63 -20.97 -0.32 -9.39
CA ARG B 63 -21.06 -0.79 -8.02
C ARG B 63 -19.65 -1.11 -7.51
N TYR B 64 -19.40 -0.70 -6.28
CA TYR B 64 -18.11 -0.92 -5.64
C TYR B 64 -18.27 -1.87 -4.47
N LEU B 65 -17.22 -2.67 -4.22
CA LEU B 65 -17.23 -3.57 -3.08
C LEU B 65 -17.41 -2.76 -1.79
N THR B 66 -18.10 -3.37 -0.82
CA THR B 66 -18.49 -2.65 0.38
C THR B 66 -17.30 -2.35 1.28
N ASN B 67 -16.29 -3.24 1.27
CA ASN B 67 -15.12 -3.15 2.14
C ASN B 67 -13.88 -2.72 1.36
N LEU B 68 -13.43 -1.49 1.58
CA LEU B 68 -12.28 -1.10 0.77
C LEU B 68 -11.04 -0.90 1.64
N PRO B 69 -9.84 -1.09 1.09
CA PRO B 69 -8.65 -1.00 1.92
C PRO B 69 -8.37 0.45 2.33
N LYS B 70 -8.05 0.64 3.60
CA LYS B 70 -7.56 1.93 4.07
C LYS B 70 -6.30 2.32 3.29
N THR B 71 -6.19 3.58 2.88
CA THR B 71 -5.01 4.03 2.15
C THR B 71 -4.32 5.19 2.85
N ASP B 72 -3.02 5.29 2.67
CA ASP B 72 -2.27 6.49 2.99
C ASP B 72 -2.11 7.32 1.73
N VAL B 73 -2.10 8.64 1.88
CA VAL B 73 -1.90 9.55 0.76
C VAL B 73 -0.56 10.23 0.94
N ILE B 74 0.35 10.00 0.01
CA ILE B 74 1.69 10.54 0.11
C ILE B 74 1.80 11.68 -0.91
N ILE B 75 2.09 12.88 -0.41
CA ILE B 75 2.26 14.09 -1.20
C ILE B 75 3.67 14.60 -0.95
N CYS B 76 4.59 14.37 -1.88
CA CYS B 76 5.92 14.97 -1.77
C CYS B 76 5.88 16.40 -2.31
N PHE B 77 6.78 17.24 -1.81
CA PHE B 77 6.77 18.61 -2.27
C PHE B 77 8.13 19.24 -2.06
N HIS B 78 8.37 20.35 -2.76
CA HIS B 78 9.58 21.14 -2.57
C HIS B 78 9.27 22.58 -2.98
N ASN B 79 9.25 23.47 -1.99
CA ASN B 79 8.97 24.89 -2.17
C ASN B 79 7.61 25.14 -2.81
N GLU B 80 6.67 24.23 -2.57
CA GLU B 80 5.32 24.37 -3.10
C GLU B 80 4.60 25.55 -2.46
N ALA B 81 3.77 26.21 -3.25
CA ALA B 81 3.10 27.40 -2.74
C ALA B 81 2.11 27.03 -1.65
N TRP B 82 1.95 27.94 -0.69
CA TRP B 82 1.12 27.69 0.48
C TRP B 82 -0.28 27.27 0.06
N THR B 83 -0.98 28.15 -0.66
CA THR B 83 -2.37 27.88 -0.99
C THR B 83 -2.51 26.65 -1.87
N VAL B 84 -1.49 26.31 -2.66
CA VAL B 84 -1.60 25.19 -3.57
C VAL B 84 -1.47 23.85 -2.83
N LEU B 85 -0.44 23.71 -2.00
CA LEU B 85 -0.27 22.52 -1.18
C LEU B 85 -1.47 22.31 -0.25
N LEU B 86 -1.90 23.37 0.43
CA LEU B 86 -3.04 23.26 1.30
C LEU B 86 -4.26 22.78 0.54
N ARG B 87 -4.47 23.34 -0.65
CA ARG B 87 -5.64 22.93 -1.43
C ARG B 87 -5.55 21.46 -1.80
N THR B 88 -4.34 20.97 -2.08
CA THR B 88 -4.20 19.54 -2.37
C THR B 88 -4.59 18.72 -1.16
N VAL B 89 -4.03 19.07 0.00
CA VAL B 89 -4.32 18.30 1.20
C VAL B 89 -5.79 18.44 1.59
N HIS B 90 -6.31 19.67 1.61
CA HIS B 90 -7.70 19.79 2.01
C HIS B 90 -8.63 19.08 1.03
N SER B 91 -8.24 19.00 -0.25
CA SER B 91 -9.07 18.28 -1.20
C SER B 91 -9.16 16.81 -0.84
N VAL B 92 -8.07 16.23 -0.34
CA VAL B 92 -8.12 14.84 0.11
C VAL B 92 -9.05 14.70 1.31
N LEU B 93 -8.82 15.52 2.33
CA LEU B 93 -9.62 15.44 3.55
C LEU B 93 -11.10 15.60 3.25
N ASP B 94 -11.45 16.60 2.46
CA ASP B 94 -12.86 16.94 2.31
C ASP B 94 -13.64 15.99 1.40
N ARG B 95 -12.98 15.27 0.49
CA ARG B 95 -13.74 14.51 -0.51
C ARG B 95 -13.46 13.02 -0.50
N SER B 96 -12.74 12.50 0.48
CA SER B 96 -12.58 11.07 0.57
C SER B 96 -13.17 10.61 1.89
N PRO B 97 -13.84 9.46 1.90
CA PRO B 97 -14.48 8.98 3.14
C PRO B 97 -13.47 8.73 4.25
N GLU B 98 -13.72 9.37 5.41
CA GLU B 98 -12.86 9.31 6.60
C GLU B 98 -12.27 7.93 6.87
N HIS B 99 -13.12 6.90 6.84
CA HIS B 99 -12.69 5.55 7.18
C HIS B 99 -11.76 4.94 6.15
N LEU B 100 -11.52 5.61 5.03
CA LEU B 100 -10.64 5.12 3.99
C LEU B 100 -9.28 5.81 3.94
N ILE B 101 -9.10 6.91 4.68
CA ILE B 101 -7.83 7.60 4.72
C ILE B 101 -7.20 7.33 6.08
N GLY B 102 -6.01 6.72 6.05
CA GLY B 102 -5.23 6.53 7.25
C GLY B 102 -4.35 7.73 7.52
N LYS B 103 -3.20 7.80 6.88
CA LYS B 103 -2.28 8.91 7.10
C LYS B 103 -2.02 9.65 5.80
N ILE B 104 -2.02 10.98 5.90
CA ILE B 104 -1.67 11.88 4.80
C ILE B 104 -0.23 12.31 5.04
N ILE B 105 0.70 11.71 4.29
CA ILE B 105 2.13 11.85 4.55
C ILE B 105 2.63 12.96 3.64
N LEU B 106 3.03 14.09 4.22
CA LEU B 106 3.62 15.19 3.48
C LEU B 106 5.13 15.12 3.63
N VAL B 107 5.82 14.88 2.51
CA VAL B 107 7.27 14.69 2.45
C VAL B 107 7.94 15.99 2.02
N ASP B 108 8.94 16.44 2.78
CA ASP B 108 9.45 17.79 2.64
C ASP B 108 10.51 17.94 1.54
N ASP B 109 11.47 17.02 1.45
CA ASP B 109 12.58 17.07 0.48
C ASP B 109 13.31 18.43 0.48
N TYR B 110 13.69 18.87 1.68
CA TYR B 110 14.65 19.97 1.91
C TYR B 110 14.22 21.27 1.24
N SER B 111 12.91 21.55 1.29
CA SER B 111 12.47 22.86 0.85
C SER B 111 12.93 23.93 1.85
N ASP B 112 13.20 25.14 1.33
CA ASP B 112 13.77 26.21 2.13
C ASP B 112 12.81 27.38 2.41
N MET B 113 11.64 27.43 1.80
CA MET B 113 10.78 28.60 1.97
C MET B 113 10.14 28.60 3.37
N PRO B 114 10.08 29.75 4.02
CA PRO B 114 9.58 29.78 5.41
C PRO B 114 8.20 29.19 5.63
N HIS B 115 7.27 29.39 4.69
CA HIS B 115 5.89 28.97 4.93
C HIS B 115 5.75 27.47 5.07
N LEU B 116 6.74 26.70 4.63
CA LEU B 116 6.69 25.26 4.80
C LEU B 116 7.43 24.78 6.05
N LYS B 117 7.91 25.68 6.91
CA LYS B 117 8.54 25.18 8.13
C LYS B 117 7.53 25.13 9.28
N ARG B 118 7.70 25.98 10.28
CA ARG B 118 6.82 25.90 11.44
C ARG B 118 5.40 26.30 11.08
N GLN B 119 5.25 27.24 10.14
CA GLN B 119 3.92 27.66 9.71
C GLN B 119 3.09 26.46 9.26
N LEU B 120 3.71 25.52 8.54
CA LEU B 120 2.99 24.34 8.08
C LEU B 120 2.68 23.39 9.23
N GLU B 121 3.65 23.19 10.13
CA GLU B 121 3.43 22.31 11.27
C GLU B 121 2.27 22.80 12.14
N ASP B 122 2.22 24.11 12.43
CA ASP B 122 1.15 24.65 13.27
C ASP B 122 -0.23 24.53 12.61
N TYR B 123 -0.32 24.82 11.30
CA TYR B 123 -1.62 24.77 10.62
C TYR B 123 -2.21 23.36 10.67
N PHE B 124 -1.41 22.35 10.34
CA PHE B 124 -1.85 20.96 10.36
C PHE B 124 -1.70 20.31 11.72
N ALA B 125 -1.47 21.11 12.77
CA ALA B 125 -1.49 20.53 14.11
C ALA B 125 -2.88 19.98 14.45
N ALA B 126 -3.93 20.72 14.10
CA ALA B 126 -5.28 20.29 14.46
C ALA B 126 -5.70 19.04 13.71
N TYR B 127 -5.10 18.76 12.55
CA TYR B 127 -5.59 17.66 11.74
C TYR B 127 -4.76 16.43 12.05
N PRO B 128 -5.22 15.54 12.92
CA PRO B 128 -4.36 14.44 13.36
C PRO B 128 -3.97 13.49 12.25
N LYS B 129 -4.75 13.43 11.17
CA LYS B 129 -4.41 12.51 10.08
C LYS B 129 -3.19 12.98 9.28
N VAL B 130 -2.84 14.25 9.36
CA VAL B 130 -1.77 14.81 8.55
C VAL B 130 -0.47 14.79 9.34
N GLN B 131 0.53 14.11 8.80
CA GLN B 131 1.87 14.08 9.39
C GLN B 131 2.91 14.55 8.39
N ILE B 132 3.92 15.23 8.92
CA ILE B 132 4.98 15.86 8.15
C ILE B 132 6.30 15.14 8.38
N ILE B 133 6.88 14.60 7.31
CA ILE B 133 8.22 14.01 7.29
C ILE B 133 9.14 14.95 6.54
N ARG B 134 10.32 15.22 7.08
CA ARG B 134 11.27 16.15 6.46
C ARG B 134 12.56 15.44 6.08
N GLY B 135 12.96 15.56 4.82
CA GLY B 135 14.27 15.08 4.44
C GLY B 135 15.35 16.01 4.96
N GLN B 136 16.55 15.45 5.14
CA GLN B 136 17.67 16.20 5.73
C GLN B 136 18.66 16.73 4.70
N LYS B 137 18.47 16.40 3.41
CA LYS B 137 19.19 16.98 2.30
C LYS B 137 18.33 16.78 1.07
N ARG B 138 18.45 17.68 0.09
CA ARG B 138 17.68 17.50 -1.14
C ARG B 138 17.99 16.14 -1.76
N GLU B 139 16.95 15.38 -1.99
CA GLU B 139 17.02 14.05 -2.56
C GLU B 139 16.07 14.07 -3.75
N GLY B 140 15.94 12.96 -4.47
CA GLY B 140 15.02 12.94 -5.58
C GLY B 140 13.56 13.13 -5.17
N LEU B 141 12.72 13.42 -6.18
CA LEU B 141 11.31 13.04 -6.07
C LEU B 141 11.23 11.56 -5.78
N ILE B 142 12.08 10.79 -6.44
CA ILE B 142 12.10 9.35 -6.30
C ILE B 142 12.33 8.97 -4.85
N ARG B 143 13.38 9.51 -4.26
CA ARG B 143 13.67 9.16 -2.88
C ARG B 143 12.57 9.65 -1.95
N ALA B 144 11.90 10.77 -2.28
CA ALA B 144 10.88 11.28 -1.36
C ALA B 144 9.70 10.32 -1.28
N ARG B 145 9.23 9.84 -2.44
CA ARG B 145 8.21 8.81 -2.42
C ARG B 145 8.66 7.56 -1.68
N ILE B 146 9.95 7.21 -1.74
CA ILE B 146 10.36 6.04 -0.97
C ILE B 146 10.35 6.36 0.51
N LEU B 147 10.69 7.60 0.88
CA LEU B 147 10.61 7.98 2.28
C LEU B 147 9.19 7.91 2.78
N GLY B 148 8.23 8.34 1.95
CA GLY B 148 6.84 8.23 2.36
C GLY B 148 6.39 6.79 2.50
N ALA B 149 6.80 5.92 1.56
CA ALA B 149 6.40 4.52 1.63
C ALA B 149 6.97 3.85 2.86
N ASN B 150 8.10 4.35 3.38
CA ASN B 150 8.65 3.73 4.59
C ASN B 150 7.87 4.13 5.82
N HIS B 151 7.34 5.36 5.86
CA HIS B 151 6.61 5.85 7.03
CA HIS B 151 6.61 5.89 7.00
C HIS B 151 5.13 5.49 7.00
N ALA B 152 4.67 4.72 6.00
CA ALA B 152 3.26 4.49 5.79
C ALA B 152 2.87 3.08 6.23
N LYS B 153 1.72 2.98 6.90
CA LYS B 153 1.29 1.73 7.51
C LYS B 153 -0.01 1.15 6.95
N SER B 154 -0.75 1.88 6.12
CA SER B 154 -1.99 1.35 5.59
C SER B 154 -1.72 0.31 4.49
N PRO B 155 -2.71 -0.53 4.17
CA PRO B 155 -2.47 -1.59 3.19
C PRO B 155 -2.24 -1.05 1.80
N VAL B 156 -2.66 0.18 1.53
CA VAL B 156 -2.62 0.79 0.21
C VAL B 156 -1.95 2.17 0.34
N LEU B 157 -1.12 2.49 -0.65
CA LEU B 157 -0.53 3.81 -0.85
C LEU B 157 -1.19 4.46 -2.06
N THR B 158 -1.46 5.76 -1.98
CA THR B 158 -1.78 6.56 -3.16
C THR B 158 -0.94 7.83 -3.13
N TYR B 159 -0.34 8.17 -4.28
CA TYR B 159 0.56 9.30 -4.42
C TYR B 159 -0.10 10.44 -5.19
N LEU B 160 0.21 11.67 -4.78
CA LEU B 160 -0.27 12.88 -5.45
C LEU B 160 0.84 13.90 -5.51
N ASP B 161 0.88 14.65 -6.60
CA ASP B 161 1.69 15.86 -6.67
C ASP B 161 1.17 16.88 -5.67
N SER B 162 2.01 17.84 -5.36
CA SER B 162 1.60 18.85 -4.39
C SER B 162 0.65 19.87 -4.96
N HIS B 163 0.37 19.82 -6.26
CA HIS B 163 -0.53 20.77 -6.89
C HIS B 163 -1.73 20.10 -7.53
N CYS B 164 -2.48 19.33 -6.76
CA CYS B 164 -3.61 18.54 -7.24
C CYS B 164 -4.87 18.98 -6.52
N GLU B 165 -6.00 18.48 -7.01
CA GLU B 165 -7.30 18.63 -6.33
C GLU B 165 -8.11 17.37 -6.60
N CYS B 166 -8.46 16.63 -5.55
CA CYS B 166 -9.33 15.47 -5.73
C CYS B 166 -10.77 15.92 -5.89
N THR B 167 -11.53 15.17 -6.67
CA THR B 167 -12.91 15.55 -6.94
C THR B 167 -13.90 14.59 -6.29
N GLU B 168 -15.17 14.96 -6.35
CA GLU B 168 -16.22 14.12 -5.79
C GLU B 168 -16.14 12.71 -6.38
N GLY B 169 -16.13 11.71 -5.50
CA GLY B 169 -16.13 10.33 -5.91
C GLY B 169 -14.83 9.76 -6.41
N TRP B 170 -13.69 10.35 -6.02
CA TRP B 170 -12.41 9.95 -6.60
C TRP B 170 -11.85 8.68 -5.97
N LEU B 171 -12.06 8.48 -4.67
CA LEU B 171 -11.22 7.49 -4.02
C LEU B 171 -11.78 6.10 -4.21
N GLU B 172 -13.10 5.94 -4.08
CA GLU B 172 -13.70 4.61 -4.14
C GLU B 172 -13.34 3.83 -5.41
N PRO B 173 -13.50 4.37 -6.62
CA PRO B 173 -13.21 3.54 -7.80
C PRO B 173 -11.76 3.12 -7.91
N LEU B 174 -10.83 3.88 -7.34
CA LEU B 174 -9.44 3.45 -7.30
C LEU B 174 -9.27 2.28 -6.34
N LEU B 175 -9.68 2.47 -5.09
CA LEU B 175 -9.57 1.40 -4.10
C LEU B 175 -10.34 0.16 -4.51
N ASP B 176 -11.43 0.33 -5.25
CA ASP B 176 -12.26 -0.80 -5.64
C ASP B 176 -11.45 -1.80 -6.46
N ARG B 177 -10.60 -1.31 -7.36
CA ARG B 177 -9.82 -2.23 -8.18
C ARG B 177 -8.84 -3.01 -7.33
N ILE B 178 -8.16 -2.34 -6.38
CA ILE B 178 -7.21 -3.03 -5.52
C ILE B 178 -7.92 -3.98 -4.58
N ALA B 179 -9.04 -3.54 -3.98
CA ALA B 179 -9.79 -4.40 -3.07
C ALA B 179 -10.27 -5.68 -3.75
N ARG B 180 -10.38 -5.64 -5.08
CA ARG B 180 -10.74 -6.80 -5.89
C ARG B 180 -9.52 -7.67 -6.15
N ASN B 181 -8.36 -7.05 -6.35
CA ASN B 181 -7.14 -7.80 -6.69
C ASN B 181 -5.97 -6.87 -6.42
N SER B 182 -5.16 -7.20 -5.41
CA SER B 182 -4.11 -6.30 -4.92
C SER B 182 -2.89 -6.22 -5.84
N THR B 183 -2.73 -7.12 -6.80
CA THR B 183 -1.66 -6.96 -7.77
C THR B 183 -1.95 -5.92 -8.85
N THR B 184 -2.99 -5.11 -8.64
CA THR B 184 -3.48 -4.15 -9.62
C THR B 184 -3.10 -2.74 -9.19
N VAL B 185 -2.34 -2.04 -10.05
CA VAL B 185 -1.96 -0.65 -9.83
C VAL B 185 -2.89 0.24 -10.64
N VAL B 186 -3.33 1.36 -10.06
CA VAL B 186 -4.38 2.18 -10.64
C VAL B 186 -4.00 3.65 -10.64
N CYS B 187 -4.40 4.35 -11.69
CA CYS B 187 -4.27 5.79 -11.78
C CYS B 187 -5.64 6.43 -12.02
N PRO B 188 -5.90 7.58 -11.42
CA PRO B 188 -7.08 8.34 -11.81
C PRO B 188 -6.84 9.03 -13.16
N VAL B 189 -7.95 9.44 -13.78
CA VAL B 189 -7.86 10.33 -14.94
C VAL B 189 -7.34 11.68 -14.47
N ILE B 190 -6.32 12.20 -15.16
CA ILE B 190 -5.65 13.42 -14.72
C ILE B 190 -6.14 14.55 -15.58
N ASP B 191 -6.97 15.39 -14.99
CA ASP B 191 -7.58 16.55 -15.62
C ASP B 191 -6.64 17.76 -15.50
N VAL B 192 -7.01 18.84 -16.17
CA VAL B 192 -6.15 20.02 -16.25
C VAL B 192 -6.68 21.11 -15.35
N ILE B 193 -5.82 21.61 -14.47
CA ILE B 193 -6.03 22.90 -13.83
C ILE B 193 -5.14 23.91 -14.54
N SER B 194 -5.74 24.97 -15.08
CA SER B 194 -5.00 25.94 -15.87
C SER B 194 -3.92 26.61 -15.03
N ASP B 195 -2.71 26.68 -15.58
CA ASP B 195 -1.64 27.43 -14.93
C ASP B 195 -1.98 28.92 -14.76
N GLU B 196 -2.75 29.50 -15.69
CA GLU B 196 -3.00 30.94 -15.70
C GLU B 196 -4.19 31.36 -14.87
N THR B 197 -5.27 30.58 -14.92
CA THR B 197 -6.52 30.96 -14.27
C THR B 197 -7.04 29.92 -13.27
N LEU B 198 -6.35 28.79 -13.10
CA LEU B 198 -6.72 27.69 -12.21
C LEU B 198 -8.07 27.08 -12.52
N GLU B 199 -8.60 27.37 -13.70
CA GLU B 199 -9.83 26.75 -14.16
C GLU B 199 -9.64 25.23 -14.21
N TYR B 200 -10.73 24.51 -13.94
CA TYR B 200 -10.72 23.04 -13.91
C TYR B 200 -11.45 22.51 -15.15
N HIS B 201 -10.80 21.57 -15.85
CA HIS B 201 -11.27 21.08 -17.15
C HIS B 201 -11.45 19.57 -17.09
N TYR B 202 -12.68 19.10 -17.24
CA TYR B 202 -12.96 17.67 -17.37
C TYR B 202 -13.75 17.47 -18.66
N ARG B 203 -13.70 16.25 -19.19
CA ARG B 203 -14.33 15.93 -20.46
C ARG B 203 -15.06 14.58 -20.35
N ASP B 204 -15.66 14.19 -21.47
CA ASP B 204 -16.43 12.95 -21.55
C ASP B 204 -15.50 11.76 -21.39
N SER B 205 -15.99 10.70 -20.74
CA SER B 205 -15.18 9.48 -20.61
C SER B 205 -14.90 8.82 -21.95
N GLY B 206 -15.54 9.26 -23.04
CA GLY B 206 -15.19 8.74 -24.34
C GLY B 206 -13.77 9.07 -24.73
N GLY B 207 -13.42 10.35 -24.65
CA GLY B 207 -12.09 10.78 -25.01
C GLY B 207 -11.05 10.53 -23.96
N VAL B 208 -10.86 9.29 -23.54
CA VAL B 208 -9.88 8.99 -22.51
C VAL B 208 -8.58 8.51 -23.15
N ASN B 209 -7.47 8.97 -22.59
CA ASN B 209 -6.16 8.58 -23.07
C ASN B 209 -5.50 7.59 -22.11
N VAL B 210 -4.70 6.71 -22.69
CA VAL B 210 -4.00 5.64 -22.01
C VAL B 210 -2.49 5.78 -22.25
N GLY B 211 -1.71 5.30 -21.30
CA GLY B 211 -0.27 5.59 -21.28
C GLY B 211 0.60 4.65 -22.11
N GLY B 212 1.58 5.24 -22.78
CA GLY B 212 2.59 4.49 -23.50
C GLY B 212 3.93 5.18 -23.36
N PHE B 213 4.84 4.95 -24.30
CA PHE B 213 6.14 5.61 -24.31
C PHE B 213 6.68 5.72 -25.73
N ASP B 214 7.55 6.72 -25.92
CA ASP B 214 8.38 6.86 -27.12
C ASP B 214 9.68 6.10 -26.94
N TRP B 215 10.35 5.79 -28.04
CA TRP B 215 11.60 5.05 -27.94
C TRP B 215 12.77 5.92 -27.53
N ASN B 216 12.54 7.12 -27.04
CA ASN B 216 13.53 7.78 -26.22
C ASN B 216 13.24 7.58 -24.73
N LEU B 217 12.40 6.59 -24.40
CA LEU B 217 12.01 6.25 -23.03
C LEU B 217 11.44 7.45 -22.28
N GLN B 218 10.56 8.19 -22.96
CA GLN B 218 9.71 9.21 -22.35
C GLN B 218 8.26 8.77 -22.46
N PHE B 219 7.50 9.00 -21.39
CA PHE B 219 6.08 8.70 -21.37
C PHE B 219 5.33 9.51 -22.43
N SER B 220 4.29 8.91 -22.99
CA SER B 220 3.46 9.57 -24.00
C SER B 220 2.05 9.01 -23.98
N TRP B 221 1.09 9.88 -24.29
CA TRP B 221 -0.31 9.51 -24.36
C TRP B 221 -0.71 9.07 -25.75
N HIS B 222 -1.60 8.08 -25.77
CA HIS B 222 -2.33 7.67 -26.96
C HIS B 222 -3.75 7.30 -26.51
N PRO B 223 -4.68 7.31 -27.42
CA PRO B 223 -6.05 6.93 -27.05
C PRO B 223 -6.20 5.42 -26.94
N VAL B 224 -7.28 5.02 -26.28
CA VAL B 224 -7.54 3.61 -26.01
C VAL B 224 -7.64 2.79 -27.29
N PRO B 225 -6.82 1.76 -27.45
CA PRO B 225 -6.85 0.94 -28.67
C PRO B 225 -8.18 0.20 -28.85
N GLU B 226 -8.45 -0.17 -30.11
CA GLU B 226 -9.70 -0.87 -30.40
C GLU B 226 -9.75 -2.23 -29.70
N ARG B 227 -8.61 -2.93 -29.63
CA ARG B 227 -8.55 -4.18 -28.87
C ARG B 227 -9.09 -3.98 -27.47
N GLU B 228 -8.65 -2.92 -26.80
CA GLU B 228 -9.12 -2.65 -25.45
C GLU B 228 -10.58 -2.22 -25.45
N ARG B 229 -10.94 -1.28 -26.32
CA ARG B 229 -12.30 -0.77 -26.29
C ARG B 229 -13.31 -1.89 -26.53
N LYS B 230 -12.86 -3.01 -27.13
CA LYS B 230 -13.66 -4.21 -27.35
C LYS B 230 -13.87 -5.05 -26.09
N ARG B 231 -13.13 -4.77 -25.02
CA ARG B 231 -13.30 -5.50 -23.78
C ARG B 231 -14.37 -4.88 -22.88
N HIS B 232 -15.05 -3.81 -23.32
CA HIS B 232 -15.84 -3.00 -22.41
C HIS B 232 -17.18 -2.59 -23.00
N ASN B 233 -18.26 -2.77 -22.21
CA ASN B 233 -19.60 -2.32 -22.62
C ASN B 233 -19.73 -0.81 -22.57
N SER B 234 -19.01 -0.15 -21.69
CA SER B 234 -19.06 1.30 -21.53
C SER B 234 -17.65 1.84 -21.42
N THR B 235 -17.44 3.04 -21.91
CA THR B 235 -16.11 3.60 -21.80
C THR B 235 -15.78 4.04 -20.38
N ALA B 236 -16.74 4.03 -19.46
CA ALA B 236 -16.43 4.46 -18.10
C ALA B 236 -15.84 3.34 -17.26
N GLU B 237 -15.79 2.11 -17.74
CA GLU B 237 -15.09 1.05 -17.02
C GLU B 237 -13.59 1.31 -17.02
N PRO B 238 -12.87 0.78 -16.03
CA PRO B 238 -11.41 0.93 -16.03
C PRO B 238 -10.74 0.19 -17.20
N VAL B 239 -9.71 0.81 -17.76
CA VAL B 239 -9.00 0.31 -18.94
C VAL B 239 -7.54 0.02 -18.61
N TYR B 240 -7.01 -1.05 -19.20
CA TYR B 240 -5.59 -1.32 -19.12
C TYR B 240 -4.80 -0.18 -19.73
N SER B 241 -3.63 0.08 -19.15
CA SER B 241 -2.71 1.06 -19.70
C SER B 241 -1.29 0.53 -19.55
N PRO B 242 -0.54 0.40 -20.65
CA PRO B 242 0.82 -0.15 -20.55
C PRO B 242 1.71 0.66 -19.65
N THR B 243 1.30 1.85 -19.26
CA THR B 243 2.21 2.81 -18.67
C THR B 243 1.43 3.90 -17.95
N MET B 244 2.00 4.42 -16.85
CA MET B 244 1.40 5.51 -16.09
C MET B 244 2.18 6.81 -16.26
N ALA B 245 1.50 7.94 -16.11
CA ALA B 245 2.23 9.21 -16.10
C ALA B 245 3.15 9.27 -14.89
N GLY B 246 2.72 8.75 -13.75
CA GLY B 246 3.63 8.65 -12.63
C GLY B 246 3.40 9.44 -11.35
N GLY B 247 3.00 10.70 -11.41
CA GLY B 247 2.81 11.42 -10.16
C GLY B 247 1.57 11.05 -9.37
N LEU B 248 0.58 10.44 -10.01
CA LEU B 248 -0.69 10.09 -9.39
C LEU B 248 -0.99 8.62 -9.64
N PHE B 249 -1.03 7.81 -8.58
CA PHE B 249 -1.41 6.40 -8.66
C PHE B 249 -1.58 5.84 -7.26
N SER B 250 -2.15 4.62 -7.20
CA SER B 250 -2.38 3.87 -5.98
C SER B 250 -1.95 2.43 -6.17
N ILE B 251 -1.28 1.88 -5.16
CA ILE B 251 -0.68 0.54 -5.22
C ILE B 251 -0.75 -0.04 -3.83
N ASP B 252 -0.77 -1.38 -3.74
CA ASP B 252 -0.68 -2.05 -2.44
C ASP B 252 0.71 -1.84 -1.84
N ARG B 253 0.75 -1.36 -0.59
CA ARG B 253 1.99 -1.03 0.08
C ARG B 253 3.00 -2.17 -0.07
N GLU B 254 2.59 -3.38 0.27
CA GLU B 254 3.50 -4.52 0.16
C GLU B 254 3.73 -4.94 -1.28
N PHE B 255 2.74 -4.83 -2.17
CA PHE B 255 3.04 -5.15 -3.56
C PHE B 255 4.07 -4.19 -4.11
N PHE B 256 3.94 -2.90 -3.75
CA PHE B 256 4.97 -1.92 -4.06
C PHE B 256 6.35 -2.41 -3.63
N ASP B 257 6.49 -2.93 -2.39
CA ASP B 257 7.77 -3.49 -1.98
C ASP B 257 8.14 -4.71 -2.81
N ARG B 258 7.23 -5.65 -2.98
CA ARG B 258 7.61 -6.87 -3.71
C ARG B 258 8.17 -6.49 -5.08
N LEU B 259 7.59 -5.50 -5.74
CA LEU B 259 8.14 -5.03 -7.01
C LEU B 259 9.45 -4.23 -6.87
N GLY B 260 10.02 -4.11 -5.68
CA GLY B 260 11.27 -3.38 -5.55
C GLY B 260 11.15 -1.88 -5.58
N THR B 261 9.93 -1.34 -5.43
CA THR B 261 9.63 0.09 -5.41
C THR B 261 10.38 0.78 -6.55
N TYR B 262 11.06 1.90 -6.31
CA TYR B 262 11.80 2.57 -7.35
C TYR B 262 13.26 2.19 -7.24
N ASP B 263 13.95 2.27 -8.38
CA ASP B 263 15.35 1.89 -8.48
C ASP B 263 16.21 2.73 -7.51
N SER B 264 16.95 2.05 -6.65
CA SER B 264 17.73 2.74 -5.61
C SER B 264 18.73 3.73 -6.20
N GLY B 265 19.29 3.43 -7.38
CA GLY B 265 20.28 4.23 -8.08
C GLY B 265 19.79 5.28 -9.08
N PHE B 266 18.47 5.44 -9.24
CA PHE B 266 17.94 6.50 -10.09
C PHE B 266 18.35 7.88 -9.56
N ASP B 267 18.54 8.81 -10.50
CA ASP B 267 18.81 10.21 -10.20
C ASP B 267 17.56 11.09 -10.21
N ILE B 268 17.79 12.35 -9.82
CA ILE B 268 16.73 13.31 -9.50
C ILE B 268 15.65 13.37 -10.58
N TRP B 269 16.05 13.25 -11.85
CA TRP B 269 15.21 13.70 -12.96
C TRP B 269 13.88 12.93 -13.06
N GLY B 270 13.93 11.69 -13.55
CA GLY B 270 12.70 10.94 -13.70
C GLY B 270 12.99 9.59 -14.33
N GLY B 271 11.90 8.89 -14.65
CA GLY B 271 11.95 7.61 -15.33
C GLY B 271 11.42 6.46 -14.50
N GLU B 272 11.26 6.67 -13.20
CA GLU B 272 10.64 5.69 -12.32
C GLU B 272 9.25 5.31 -12.81
N ASN B 273 8.51 6.27 -13.37
CA ASN B 273 7.16 5.98 -13.84
C ASN B 273 7.15 4.83 -14.84
N LEU B 274 8.09 4.83 -15.76
CA LEU B 274 8.19 3.77 -16.75
C LEU B 274 8.70 2.47 -16.10
N GLU B 275 9.61 2.59 -15.12
CA GLU B 275 10.10 1.40 -14.44
C GLU B 275 8.96 0.69 -13.73
N LEU B 276 8.23 1.41 -12.87
CA LEU B 276 7.10 0.83 -12.15
C LEU B 276 6.07 0.25 -13.10
N SER B 277 5.88 0.90 -14.25
CA SER B 277 4.97 0.40 -15.27
C SER B 277 5.41 -0.97 -15.77
N PHE B 278 6.67 -1.08 -16.21
CA PHE B 278 7.18 -2.34 -16.76
C PHE B 278 7.15 -3.46 -15.73
N LYS B 279 7.54 -3.17 -14.48
CA LYS B 279 7.56 -4.19 -13.43
C LYS B 279 6.16 -4.71 -13.16
N THR B 280 5.19 -3.79 -13.03
CA THR B 280 3.82 -4.20 -12.72
C THR B 280 3.33 -5.23 -13.71
N TRP B 281 3.47 -4.96 -15.00
CA TRP B 281 2.98 -5.92 -16.00
C TRP B 281 3.85 -7.17 -16.02
N MET B 282 5.16 -7.00 -16.06
CA MET B 282 6.03 -8.15 -16.32
C MET B 282 6.11 -9.08 -15.13
N CYS B 283 5.69 -8.66 -13.94
CA CYS B 283 5.85 -9.44 -12.72
C CYS B 283 4.52 -9.75 -12.06
N GLY B 284 3.50 -10.04 -12.87
CA GLY B 284 2.24 -10.59 -12.37
C GLY B 284 1.17 -9.60 -11.96
N GLY B 285 1.21 -8.37 -12.48
CA GLY B 285 0.27 -7.34 -12.10
C GLY B 285 -0.41 -6.75 -13.33
N THR B 286 -1.24 -5.75 -13.06
CA THR B 286 -1.88 -4.99 -14.12
C THR B 286 -1.89 -3.54 -13.72
N LEU B 287 -1.97 -2.69 -14.75
CA LEU B 287 -2.01 -1.24 -14.60
C LEU B 287 -3.29 -0.78 -15.27
N GLU B 288 -4.09 0.02 -14.57
CA GLU B 288 -5.41 0.40 -15.03
C GLU B 288 -5.57 1.90 -14.85
N ILE B 289 -6.13 2.55 -15.87
CA ILE B 289 -6.60 3.92 -15.76
C ILE B 289 -8.08 3.89 -15.49
N VAL B 290 -8.49 4.59 -14.44
CA VAL B 290 -9.86 4.42 -13.93
C VAL B 290 -10.66 5.66 -14.27
N PRO B 291 -11.52 5.58 -15.30
CA PRO B 291 -12.22 6.79 -15.77
C PRO B 291 -13.22 7.32 -14.78
N CYS B 292 -13.64 6.53 -13.79
CA CYS B 292 -14.55 7.09 -12.81
C CYS B 292 -13.85 7.99 -11.80
N SER B 293 -12.52 8.00 -11.79
CA SER B 293 -11.75 8.75 -10.81
C SER B 293 -10.98 9.88 -11.50
N HIS B 294 -11.37 11.11 -11.19
CA HIS B 294 -10.76 12.29 -11.76
C HIS B 294 -10.06 13.05 -10.64
N VAL B 295 -8.81 13.44 -10.91
CA VAL B 295 -8.06 14.34 -10.05
C VAL B 295 -7.49 15.42 -10.92
N GLY B 296 -7.67 16.68 -10.51
CA GLY B 296 -7.10 17.80 -11.24
C GLY B 296 -5.65 18.05 -10.88
N HIS B 297 -4.89 18.52 -11.88
CA HIS B 297 -3.46 18.79 -11.73
C HIS B 297 -3.10 20.10 -12.42
N ILE B 298 -2.21 20.89 -11.79
CA ILE B 298 -1.73 22.14 -12.37
C ILE B 298 -0.57 21.81 -13.31
N PHE B 299 -0.83 21.75 -14.61
CA PHE B 299 0.21 21.45 -15.58
C PHE B 299 1.04 22.71 -15.85
N ARG B 300 2.36 22.54 -15.94
CA ARG B 300 3.27 23.67 -16.12
C ARG B 300 4.03 23.58 -17.45
N LYS B 301 4.30 24.75 -18.04
CA LYS B 301 5.09 24.84 -19.26
C LYS B 301 6.58 24.63 -19.01
N ARG B 302 7.05 24.81 -17.77
CA ARG B 302 8.44 24.60 -17.36
C ARG B 302 8.47 24.19 -15.88
N SER B 303 9.54 23.41 -15.49
CA SER B 303 9.69 23.02 -14.08
C SER B 303 10.65 23.97 -13.38
N PRO B 304 10.28 24.56 -12.22
CA PRO B 304 11.13 25.61 -11.62
C PRO B 304 12.19 25.10 -10.65
N TYR B 305 12.84 23.99 -10.98
CA TYR B 305 13.79 23.34 -10.09
C TYR B 305 15.21 23.47 -10.62
N LYS B 306 16.18 23.26 -9.73
CA LYS B 306 17.60 23.28 -10.08
C LYS B 306 18.08 21.89 -10.50
N ASN B 312 21.24 16.20 -21.93
CA ASN B 312 21.19 14.74 -21.91
C ASN B 312 21.42 14.22 -20.50
N VAL B 313 20.60 14.69 -19.56
CA VAL B 313 20.84 14.42 -18.15
C VAL B 313 19.89 13.35 -17.59
N LEU B 314 18.73 13.12 -18.24
CA LEU B 314 17.80 12.01 -18.03
C LEU B 314 18.32 10.68 -18.51
N LYS B 315 19.51 10.67 -19.13
CA LYS B 315 20.09 9.45 -19.67
C LYS B 315 20.32 8.39 -18.61
N LYS B 316 20.78 8.79 -17.42
CA LYS B 316 21.20 7.78 -16.46
C LYS B 316 20.03 6.90 -16.10
N ASN B 317 18.92 7.51 -15.73
CA ASN B 317 17.76 6.72 -15.37
C ASN B 317 17.29 5.87 -16.53
N SER B 318 17.32 6.41 -17.74
CA SER B 318 16.74 5.67 -18.85
C SER B 318 17.59 4.46 -19.23
N VAL B 319 18.92 4.57 -19.15
CA VAL B 319 19.74 3.44 -19.55
C VAL B 319 19.64 2.31 -18.55
N ARG B 320 19.57 2.65 -17.25
CA ARG B 320 19.35 1.63 -16.22
C ARG B 320 18.04 0.90 -16.44
N LEU B 321 16.98 1.65 -16.75
CA LEU B 321 15.68 1.07 -17.06
C LEU B 321 15.79 0.08 -18.22
N ALA B 322 16.58 0.41 -19.25
CA ALA B 322 16.66 -0.49 -20.39
C ALA B 322 17.63 -1.64 -20.13
N GLU B 323 18.78 -1.36 -19.50
CA GLU B 323 19.69 -2.46 -19.23
C GLU B 323 19.01 -3.56 -18.42
N VAL B 324 18.16 -3.19 -17.46
CA VAL B 324 17.55 -4.19 -16.61
C VAL B 324 16.31 -4.79 -17.28
N TRP B 325 15.40 -3.94 -17.77
CA TRP B 325 14.04 -4.39 -18.04
C TRP B 325 13.67 -4.57 -19.50
N MET B 326 14.46 -4.09 -20.46
CA MET B 326 13.96 -4.07 -21.83
C MET B 326 14.57 -5.13 -22.74
N ASP B 327 15.31 -6.10 -22.20
CA ASP B 327 15.84 -7.24 -22.94
C ASP B 327 16.54 -6.74 -24.19
N GLU B 328 16.27 -7.33 -25.37
CA GLU B 328 16.95 -6.96 -26.60
C GLU B 328 16.45 -5.65 -27.19
N TYR B 329 15.30 -5.18 -26.76
CA TYR B 329 14.77 -3.92 -27.25
C TYR B 329 15.49 -2.72 -26.65
N SER B 330 16.42 -2.92 -25.70
CA SER B 330 17.17 -1.77 -25.21
C SER B 330 17.91 -1.06 -26.34
N GLN B 331 18.35 -1.82 -27.35
CA GLN B 331 19.13 -1.23 -28.43
C GLN B 331 18.39 -0.09 -29.11
N TYR B 332 17.05 -0.13 -29.13
CA TYR B 332 16.31 0.93 -29.81
C TYR B 332 16.39 2.25 -29.06
N TYR B 333 16.57 2.22 -27.74
CA TYR B 333 16.85 3.47 -27.07
C TYR B 333 18.29 3.92 -27.35
N TYR B 334 19.23 2.97 -27.42
CA TYR B 334 20.63 3.36 -27.61
C TYR B 334 20.85 4.00 -28.97
N HIS B 335 20.17 3.51 -30.02
CA HIS B 335 20.23 4.16 -31.32
C HIS B 335 19.76 5.61 -31.22
N ARG B 336 18.71 5.86 -30.44
CA ARG B 336 18.15 7.20 -30.36
C ARG B 336 19.05 8.16 -29.62
N ILE B 337 19.98 7.68 -28.80
CA ILE B 337 20.91 8.54 -28.10
C ILE B 337 22.31 8.44 -28.69
N GLY B 338 22.40 7.93 -29.92
CA GLY B 338 23.67 7.84 -30.57
C GLY B 338 24.61 6.85 -29.93
N ASN B 339 24.09 5.89 -29.18
CA ASN B 339 24.87 4.89 -28.46
C ASN B 339 25.76 5.46 -27.36
N ASP B 340 25.58 6.74 -27.00
CA ASP B 340 26.33 7.29 -25.88
C ASP B 340 25.59 6.91 -24.61
N LYS B 341 25.79 5.64 -24.21
CA LYS B 341 25.10 5.09 -23.05
C LYS B 341 25.58 5.73 -21.75
N GLY B 342 26.84 6.15 -21.68
CA GLY B 342 27.32 6.79 -20.48
C GLY B 342 27.68 5.80 -19.38
N ASP B 343 27.49 6.23 -18.13
CA ASP B 343 27.75 5.39 -16.97
C ASP B 343 26.50 5.29 -16.10
N TRP B 344 25.76 4.20 -16.24
CA TRP B 344 24.57 3.96 -15.44
C TRP B 344 24.84 3.40 -14.05
N GLY B 345 26.09 3.12 -13.71
CA GLY B 345 26.38 2.63 -12.40
C GLY B 345 26.10 1.15 -12.29
N ASP B 346 26.10 0.68 -11.04
CA ASP B 346 25.80 -0.71 -10.75
C ASP B 346 24.30 -0.95 -10.88
N VAL B 347 23.93 -2.01 -11.57
CA VAL B 347 22.52 -2.32 -11.73
C VAL B 347 22.30 -3.77 -11.32
N SER B 348 23.33 -4.42 -10.78
CA SER B 348 23.20 -5.84 -10.45
C SER B 348 22.05 -6.10 -9.46
N ASP B 349 21.87 -5.24 -8.44
CA ASP B 349 20.79 -5.47 -7.47
C ASP B 349 19.45 -5.55 -8.17
N ARG B 350 19.22 -4.69 -9.18
CA ARG B 350 17.96 -4.76 -9.92
C ARG B 350 17.90 -5.99 -10.81
N ARG B 351 19.04 -6.41 -11.37
CA ARG B 351 19.02 -7.61 -12.21
C ARG B 351 18.68 -8.83 -11.38
N LYS B 352 19.20 -8.91 -10.16
CA LYS B 352 18.81 -9.98 -9.26
C LYS B 352 17.33 -9.90 -8.91
N LEU B 353 16.84 -8.70 -8.57
CA LEU B 353 15.44 -8.53 -8.18
C LEU B 353 14.51 -9.08 -9.26
N ARG B 354 14.76 -8.69 -10.51
CA ARG B 354 13.93 -9.19 -11.61
C ARG B 354 14.02 -10.70 -11.73
N ASN B 355 15.20 -11.28 -11.51
CA ASN B 355 15.34 -12.72 -11.62
C ASN B 355 14.55 -13.44 -10.54
N ASP B 356 14.56 -12.90 -9.31
CA ASP B 356 13.87 -13.56 -8.21
C ASP B 356 12.37 -13.54 -8.41
N LEU B 357 11.83 -12.45 -8.94
CA LEU B 357 10.40 -12.31 -9.14
C LEU B 357 9.88 -13.20 -10.27
N LYS B 358 10.75 -13.79 -11.07
CA LYS B 358 10.38 -14.59 -12.25
C LYS B 358 9.41 -13.80 -13.15
N CYS B 359 9.87 -12.63 -13.58
CA CYS B 359 9.05 -11.77 -14.43
C CYS B 359 9.07 -12.28 -15.85
N LYS B 360 8.06 -11.86 -16.60
CA LYS B 360 7.96 -12.17 -18.01
C LYS B 360 9.04 -11.40 -18.77
N SER B 361 9.26 -11.79 -20.03
CA SER B 361 10.18 -11.09 -20.92
C SER B 361 9.59 -9.76 -21.39
N PHE B 362 10.46 -8.86 -21.85
CA PHE B 362 9.96 -7.59 -22.39
C PHE B 362 9.27 -7.80 -23.73
N LYS B 363 9.73 -8.78 -24.51
CA LYS B 363 9.00 -9.20 -25.69
C LYS B 363 7.56 -9.58 -25.34
N TRP B 364 7.39 -10.36 -24.28
CA TRP B 364 6.03 -10.70 -23.85
C TRP B 364 5.21 -9.45 -23.57
N TYR B 365 5.83 -8.45 -22.95
CA TYR B 365 5.13 -7.21 -22.62
C TYR B 365 4.62 -6.50 -23.88
N LEU B 366 5.48 -6.35 -24.88
CA LEU B 366 5.05 -5.69 -26.10
C LEU B 366 4.01 -6.53 -26.84
N ASP B 367 4.22 -7.84 -26.92
CA ASP B 367 3.31 -8.68 -27.68
C ASP B 367 1.92 -8.73 -27.06
N ASN B 368 1.82 -8.69 -25.74
CA ASN B 368 0.55 -8.87 -25.05
C ASN B 368 -0.01 -7.60 -24.45
N ILE B 369 0.82 -6.71 -23.93
CA ILE B 369 0.28 -5.51 -23.30
C ILE B 369 0.24 -4.34 -24.28
N TYR B 370 1.28 -4.18 -25.10
CA TYR B 370 1.46 -2.98 -25.91
C TYR B 370 1.79 -3.34 -27.37
N PRO B 371 0.93 -4.13 -28.03
CA PRO B 371 1.24 -4.54 -29.40
C PRO B 371 1.01 -3.45 -30.41
N GLU B 372 0.30 -2.39 -30.02
CA GLU B 372 0.11 -1.24 -30.86
C GLU B 372 1.40 -0.47 -31.09
N LEU B 373 2.37 -0.61 -30.17
CA LEU B 373 3.61 0.16 -30.23
C LEU B 373 4.42 -0.25 -31.45
N PHE B 374 4.81 0.76 -32.25
CA PHE B 374 5.60 0.53 -33.46
C PHE B 374 7.05 0.25 -33.07
N ILE B 375 7.54 -0.91 -33.50
CA ILE B 375 8.85 -1.39 -33.10
C ILE B 375 9.85 -1.00 -34.19
N PRO B 376 10.84 -0.15 -33.89
CA PRO B 376 11.71 0.39 -34.96
C PRO B 376 12.37 -0.64 -35.84
N GLY B 377 12.72 -1.80 -35.32
CA GLY B 377 13.35 -2.81 -36.14
C GLY B 377 12.46 -3.36 -37.25
N ASP B 378 11.15 -3.12 -37.17
CA ASP B 378 10.29 -3.58 -38.26
C ASP B 378 10.35 -2.66 -39.46
N SER B 379 11.01 -1.51 -39.32
CA SER B 379 11.00 -0.50 -40.37
C SER B 379 11.93 -0.85 -41.53
N VAL B 380 11.57 -0.34 -42.70
CA VAL B 380 12.37 -0.46 -43.92
C VAL B 380 13.70 0.26 -43.74
N ALA B 381 13.71 1.34 -42.98
CA ALA B 381 14.98 1.95 -42.62
C ALA B 381 14.80 2.67 -41.29
N HIS B 382 15.89 2.79 -40.55
CA HIS B 382 15.86 3.54 -39.30
C HIS B 382 17.24 4.09 -39.06
N GLY B 383 17.28 5.35 -38.63
CA GLY B 383 18.55 6.03 -38.48
C GLY B 383 18.54 7.43 -39.05
N GLU B 384 19.63 7.80 -39.74
CA GLU B 384 19.71 9.10 -40.36
C GLU B 384 19.11 9.05 -41.76
N ILE B 385 18.74 10.22 -42.26
CA ILE B 385 18.33 10.40 -43.64
C ILE B 385 19.28 11.47 -44.21
N ARG B 386 20.19 11.04 -45.09
CA ARG B 386 21.27 11.90 -45.55
C ARG B 386 21.02 12.37 -46.98
N ASN B 387 21.23 13.67 -47.23
CA ASN B 387 21.08 14.23 -48.56
C ASN B 387 22.44 14.31 -49.25
N LEU B 388 22.53 13.70 -50.44
CA LEU B 388 23.78 13.65 -51.19
C LEU B 388 24.12 14.96 -51.88
N GLY B 389 23.25 15.95 -51.85
CA GLY B 389 23.56 17.20 -52.49
C GLY B 389 24.50 18.06 -51.68
N TYR B 390 25.17 18.95 -52.39
CA TYR B 390 25.95 20.06 -51.83
C TYR B 390 26.82 19.60 -50.67
N GLY B 391 27.71 18.65 -50.97
CA GLY B 391 28.65 18.12 -50.02
C GLY B 391 28.28 16.75 -49.47
N GLY B 392 26.99 16.47 -49.35
CA GLY B 392 26.58 15.21 -48.79
C GLY B 392 26.76 15.15 -47.30
N ARG B 393 26.69 16.29 -46.62
CA ARG B 393 26.84 16.36 -45.18
C ARG B 393 25.63 17.03 -44.53
N THR B 394 24.48 16.96 -45.17
CA THR B 394 23.26 17.56 -44.68
C THR B 394 22.22 16.47 -44.37
N CYS B 395 21.52 16.63 -43.25
CA CYS B 395 20.62 15.61 -42.74
C CYS B 395 19.23 16.18 -42.51
N LEU B 396 18.23 15.31 -42.63
CA LEU B 396 16.89 15.65 -42.19
C LEU B 396 16.87 15.78 -40.68
N ASP B 397 16.46 16.93 -40.16
CA ASP B 397 16.63 17.24 -38.73
C ASP B 397 15.51 18.14 -38.27
N ALA B 398 14.71 17.66 -37.31
CA ALA B 398 13.65 18.46 -36.71
C ALA B 398 13.30 17.87 -35.37
N PRO B 399 12.77 18.67 -34.45
CA PRO B 399 12.21 18.12 -33.21
C PRO B 399 10.78 17.66 -33.39
N ALA B 400 10.42 16.61 -32.63
CA ALA B 400 9.08 16.04 -32.63
C ALA B 400 8.31 16.47 -31.39
N GLY B 401 7.01 16.22 -31.42
CA GLY B 401 6.12 16.55 -30.33
C GLY B 401 5.02 17.50 -30.78
N LYS B 402 4.22 17.93 -29.79
CA LYS B 402 3.05 18.76 -30.09
C LYS B 402 3.39 20.24 -30.23
N LYS B 403 4.45 20.69 -29.56
CA LYS B 403 4.86 22.09 -29.64
C LYS B 403 5.46 22.41 -31.01
N HIS B 404 6.07 21.42 -31.65
CA HIS B 404 6.70 21.58 -32.95
C HIS B 404 5.88 20.95 -34.07
N GLN B 405 4.59 20.73 -33.83
CA GLN B 405 3.68 20.24 -34.87
C GLN B 405 3.53 21.24 -36.00
N LYS B 406 3.50 22.52 -35.67
CA LYS B 406 3.22 23.57 -36.65
C LYS B 406 4.45 23.95 -37.48
N LYS B 407 5.66 23.68 -36.99
CA LYS B 407 6.89 24.21 -37.58
C LYS B 407 7.39 23.37 -38.75
N ALA B 408 8.07 24.04 -39.68
CA ALA B 408 8.70 23.38 -40.81
C ALA B 408 9.80 22.46 -40.33
N VAL B 409 10.01 21.37 -41.03
CA VAL B 409 10.98 20.37 -40.58
C VAL B 409 12.41 20.81 -40.88
N GLY B 410 12.72 21.08 -42.13
CA GLY B 410 14.09 21.54 -42.43
C GLY B 410 15.26 20.56 -42.25
N THR B 411 16.47 21.14 -42.30
CA THR B 411 17.72 20.39 -42.37
C THR B 411 18.79 20.99 -41.45
N TYR B 412 19.85 20.21 -41.24
CA TYR B 412 20.95 20.51 -40.35
C TYR B 412 22.13 19.57 -40.64
N PRO B 413 23.37 19.96 -40.32
CA PRO B 413 24.50 19.10 -40.68
C PRO B 413 24.48 17.79 -39.92
N CYS B 414 24.82 16.70 -40.61
CA CYS B 414 24.78 15.37 -39.98
C CYS B 414 25.78 15.26 -38.85
N HIS B 415 25.27 15.00 -37.67
CA HIS B 415 26.03 14.48 -36.56
C HIS B 415 25.61 13.02 -36.42
N ARG B 416 26.54 12.10 -36.61
CA ARG B 416 26.15 10.70 -36.64
C ARG B 416 25.53 10.25 -35.30
N GLN B 417 25.80 10.97 -34.23
CA GLN B 417 25.22 10.62 -32.96
C GLN B 417 23.82 11.21 -32.84
N GLY B 418 23.00 10.55 -32.07
CA GLY B 418 21.77 11.14 -31.59
C GLY B 418 20.55 10.95 -32.48
N GLY B 419 19.49 11.64 -32.03
CA GLY B 419 18.14 11.27 -32.35
C GLY B 419 17.26 12.33 -32.94
N ASN B 420 17.58 13.60 -32.73
CA ASN B 420 16.83 14.59 -33.47
C ASN B 420 16.99 14.45 -34.97
N GLN B 421 17.96 13.64 -35.43
CA GLN B 421 18.10 13.21 -36.82
C GLN B 421 17.86 11.72 -36.94
N TYR B 422 16.95 11.19 -36.12
CA TYR B 422 16.60 9.78 -36.16
C TYR B 422 15.23 9.63 -36.80
N TRP B 423 15.13 8.69 -37.74
CA TRP B 423 13.90 8.49 -38.49
C TRP B 423 13.69 7.01 -38.80
N MET B 424 12.43 6.66 -38.99
CA MET B 424 12.03 5.35 -39.46
C MET B 424 11.18 5.52 -40.70
N LEU B 425 11.51 4.76 -41.74
CA LEU B 425 10.68 4.62 -42.93
C LEU B 425 9.90 3.32 -42.79
N SER B 426 8.60 3.44 -42.52
CA SER B 426 7.74 2.29 -42.29
C SER B 426 7.39 1.58 -43.58
N LYS B 427 6.83 0.38 -43.44
CA LYS B 427 6.34 -0.37 -44.58
C LYS B 427 5.18 0.34 -45.25
N ALA B 428 4.47 1.17 -44.51
CA ALA B 428 3.37 1.96 -45.04
C ALA B 428 3.85 3.28 -45.62
N GLY B 429 5.14 3.38 -45.90
CA GLY B 429 5.61 4.63 -46.49
C GLY B 429 5.56 5.80 -45.55
N GLU B 430 5.62 5.57 -44.25
CA GLU B 430 5.71 6.68 -43.32
C GLU B 430 7.17 7.06 -43.12
N ILE B 431 7.47 8.35 -43.20
CA ILE B 431 8.73 8.85 -42.69
C ILE B 431 8.42 9.39 -41.30
N ARG B 432 8.82 8.65 -40.28
CA ARG B 432 8.30 8.91 -38.96
C ARG B 432 9.36 8.71 -37.88
N ARG B 433 9.05 9.31 -36.72
CA ARG B 433 9.75 9.17 -35.45
C ARG B 433 8.68 9.11 -34.38
N ASP B 434 8.52 7.95 -33.74
CA ASP B 434 7.50 7.70 -32.71
C ASP B 434 6.14 7.80 -33.39
N ASP B 435 5.16 8.50 -32.81
CA ASP B 435 3.87 8.71 -33.44
C ASP B 435 3.81 9.97 -34.28
N SER B 436 4.95 10.55 -34.62
CA SER B 436 5.01 11.73 -35.48
C SER B 436 5.40 11.34 -36.89
N CYS B 437 4.74 11.96 -37.89
CA CYS B 437 4.92 11.62 -39.30
C CYS B 437 5.21 12.88 -40.13
N LEU B 438 6.09 12.72 -41.12
CA LEU B 438 6.33 13.76 -42.12
C LEU B 438 5.08 13.97 -42.97
N ASP B 439 4.81 15.22 -43.31
CA ASP B 439 3.57 15.56 -44.02
C ASP B 439 3.78 16.75 -44.93
N TYR B 440 3.18 16.71 -46.14
CA TYR B 440 3.25 17.81 -47.10
C TYR B 440 1.88 18.02 -47.76
N ALA B 441 1.33 19.23 -47.59
CA ALA B 441 0.08 19.65 -48.22
C ALA B 441 0.29 20.92 -49.04
N GLY B 442 1.45 21.02 -49.69
CA GLY B 442 1.67 22.07 -50.65
C GLY B 442 2.28 23.35 -50.13
N LYS B 443 2.58 23.45 -48.84
CA LYS B 443 3.27 24.62 -48.34
C LYS B 443 4.62 24.15 -47.83
N ASP B 444 4.77 23.85 -46.54
CA ASP B 444 6.01 23.35 -45.98
C ASP B 444 5.79 21.93 -45.50
N VAL B 445 6.89 21.22 -45.33
CA VAL B 445 6.87 19.90 -44.68
C VAL B 445 6.75 20.07 -43.17
N THR B 446 5.89 19.25 -42.57
CA THR B 446 5.59 19.35 -41.15
C THR B 446 5.72 17.98 -40.49
N LEU B 447 5.93 18.00 -39.18
CA LEU B 447 5.90 16.80 -38.36
C LEU B 447 4.64 16.84 -37.53
N PHE B 448 3.74 15.89 -37.72
CA PHE B 448 2.67 15.78 -36.74
C PHE B 448 2.10 14.36 -36.76
N GLY B 449 1.03 14.17 -36.00
CA GLY B 449 0.53 12.86 -35.67
C GLY B 449 0.27 11.90 -36.80
N CYS B 450 0.83 10.71 -36.69
CA CYS B 450 0.56 9.65 -37.65
C CYS B 450 -0.90 9.27 -37.55
N HIS B 451 -1.63 9.36 -38.66
CA HIS B 451 -3.02 8.95 -38.68
C HIS B 451 -3.25 7.62 -39.39
N GLY B 452 -2.21 7.01 -39.96
CA GLY B 452 -2.31 5.69 -40.55
C GLY B 452 -3.18 5.61 -41.79
N GLY B 453 -3.54 6.74 -42.40
CA GLY B 453 -4.36 6.79 -43.58
C GLY B 453 -3.65 7.06 -44.88
N LYS B 454 -2.32 7.01 -44.91
CA LYS B 454 -1.52 7.25 -46.11
C LYS B 454 -1.80 8.68 -46.57
N GLY B 455 -2.27 8.90 -47.78
CA GLY B 455 -2.52 10.28 -48.21
C GLY B 455 -1.27 11.15 -48.19
N ASN B 456 -1.36 12.32 -47.55
CA ASN B 456 -0.21 13.22 -47.51
C ASN B 456 0.90 12.75 -46.57
N GLN B 457 0.70 11.69 -45.79
CA GLN B 457 1.75 11.14 -44.97
C GLN B 457 2.43 9.94 -45.63
N PHE B 458 2.31 9.83 -46.94
CA PHE B 458 2.83 8.70 -47.68
C PHE B 458 4.08 9.07 -48.47
N TRP B 459 5.11 8.21 -48.39
CA TRP B 459 6.36 8.42 -49.12
C TRP B 459 6.85 7.10 -49.70
N THR B 460 7.63 7.23 -50.75
CA THR B 460 8.25 6.09 -51.42
C THR B 460 9.71 6.44 -51.57
N TYR B 461 10.58 5.54 -51.17
CA TYR B 461 12.00 5.74 -51.42
C TYR B 461 12.27 5.02 -52.73
N ARG B 462 12.52 5.82 -53.78
CA ARG B 462 12.82 5.29 -55.11
CA ARG B 462 12.83 5.28 -55.10
C ARG B 462 14.28 4.84 -55.08
N GLU B 463 14.47 3.54 -54.85
CA GLU B 463 15.81 2.99 -54.65
C GLU B 463 16.75 3.33 -55.78
N ASN B 464 16.31 3.11 -57.02
CA ASN B 464 17.20 3.20 -58.18
C ASN B 464 17.72 4.63 -58.41
N THR B 465 16.92 5.64 -58.10
CA THR B 465 17.30 7.02 -58.31
C THR B 465 17.65 7.78 -57.03
N LYS B 466 17.29 7.24 -55.86
CA LYS B 466 17.57 7.76 -54.51
C LYS B 466 16.67 8.93 -54.10
N GLN B 467 15.46 9.02 -54.66
CA GLN B 467 14.54 10.10 -54.29
C GLN B 467 13.52 9.69 -53.23
N LEU B 468 13.06 10.68 -52.47
CA LEU B 468 11.95 10.50 -51.53
C LEU B 468 10.73 11.09 -52.21
N HIS B 469 9.87 10.23 -52.71
CA HIS B 469 8.79 10.67 -53.57
C HIS B 469 7.48 10.74 -52.79
N HIS B 470 6.79 11.86 -52.91
CA HIS B 470 5.55 12.08 -52.19
C HIS B 470 4.41 11.67 -53.09
N GLY B 471 3.67 10.63 -52.69
CA GLY B 471 2.68 10.06 -53.59
C GLY B 471 1.59 11.03 -53.98
N THR B 472 1.19 11.92 -53.06
CA THR B 472 -0.03 12.68 -53.28
C THR B 472 0.19 13.90 -54.19
N SER B 473 1.25 14.66 -53.96
CA SER B 473 1.57 15.82 -54.77
C SER B 473 2.44 15.48 -55.98
N GLY B 474 3.05 14.30 -55.99
CA GLY B 474 3.97 13.87 -57.02
C GLY B 474 5.32 14.54 -57.01
N LYS B 475 5.62 15.37 -56.01
CA LYS B 475 6.91 16.02 -55.94
C LYS B 475 7.96 15.16 -55.21
N CYS B 476 9.21 15.62 -55.26
CA CYS B 476 10.34 14.94 -54.62
C CYS B 476 10.90 15.79 -53.50
N LEU B 477 11.42 15.12 -52.48
CA LEU B 477 11.95 15.82 -51.32
C LEU B 477 13.38 16.25 -51.64
N ALA B 478 13.76 17.47 -51.22
CA ALA B 478 15.03 18.05 -51.63
C ALA B 478 15.41 19.16 -50.67
N ILE B 479 16.68 19.57 -50.75
CA ILE B 479 17.20 20.65 -49.91
C ILE B 479 17.62 21.82 -50.80
N SER B 480 17.61 23.02 -50.24
CA SER B 480 18.00 24.21 -50.97
C SER B 480 19.54 24.33 -51.02
N GLU B 481 20.01 25.33 -51.76
CA GLU B 481 21.46 25.57 -51.80
C GLU B 481 21.97 25.99 -50.42
N SER B 482 21.16 26.75 -49.69
CA SER B 482 21.50 27.22 -48.35
C SER B 482 21.62 26.08 -47.35
N LYS B 483 21.25 24.86 -47.72
CA LYS B 483 21.33 23.68 -46.87
C LYS B 483 20.47 23.83 -45.61
N ASP B 484 19.81 24.98 -45.42
CA ASP B 484 19.01 25.23 -44.23
C ASP B 484 17.57 24.71 -44.38
N LYS B 485 16.92 25.01 -45.50
CA LYS B 485 15.51 24.70 -45.67
C LYS B 485 15.33 23.34 -46.36
N LEU B 486 14.11 22.81 -46.25
CA LEU B 486 13.73 21.51 -46.78
C LEU B 486 12.57 21.70 -47.74
N LEU B 487 12.77 21.35 -49.01
CA LEU B 487 11.83 21.73 -50.04
C LEU B 487 11.21 20.51 -50.71
N MET B 488 10.08 20.76 -51.38
CA MET B 488 9.41 19.79 -52.23
C MET B 488 9.41 20.41 -53.62
N GLU B 489 9.89 19.68 -54.61
CA GLU B 489 10.05 20.27 -55.93
C GLU B 489 9.79 19.22 -57.01
N GLU B 490 9.73 19.65 -58.28
CA GLU B 490 9.52 18.71 -59.37
C GLU B 490 10.70 17.76 -59.51
N CYS B 491 10.40 16.47 -59.66
CA CYS B 491 11.40 15.40 -59.64
C CYS B 491 12.26 15.40 -60.90
N SER B 492 13.57 15.37 -60.70
CA SER B 492 14.52 15.22 -61.79
C SER B 492 15.64 14.30 -61.35
N ALA B 493 15.88 13.24 -62.13
CA ALA B 493 16.84 12.23 -61.68
C ALA B 493 18.25 12.78 -61.56
N SER B 494 18.63 13.72 -62.42
CA SER B 494 20.03 14.16 -62.48
C SER B 494 20.43 15.13 -61.38
N LEU B 495 19.50 15.54 -60.52
CA LEU B 495 19.79 16.52 -59.48
C LEU B 495 20.17 15.81 -58.18
N SER B 496 21.38 16.07 -57.67
CA SER B 496 21.83 15.37 -56.47
C SER B 496 21.10 15.82 -55.20
N ARG B 497 20.62 17.05 -55.17
CA ARG B 497 19.93 17.57 -53.99
C ARG B 497 18.59 16.89 -53.74
N GLN B 498 18.21 15.96 -54.62
CA GLN B 498 17.02 15.14 -54.49
C GLN B 498 17.36 13.71 -54.13
N GLN B 499 18.62 13.43 -53.85
CA GLN B 499 19.07 12.09 -53.52
C GLN B 499 19.31 11.93 -52.02
N TRP B 500 18.92 10.76 -51.49
CA TRP B 500 19.04 10.47 -50.07
C TRP B 500 19.54 9.04 -49.90
N THR B 501 20.26 8.82 -48.81
CA THR B 501 20.58 7.48 -48.34
C THR B 501 20.01 7.33 -46.94
N LEU B 502 19.39 6.17 -46.69
CA LEU B 502 18.73 5.83 -45.43
C LEU B 502 19.56 4.79 -44.68
N GLU B 503 19.86 5.08 -43.42
CA GLU B 503 20.92 4.37 -42.70
C GLU B 503 20.76 2.85 -42.66
N ASN B 504 19.54 2.33 -42.69
CA ASN B 504 19.43 0.87 -42.62
C ASN B 504 18.54 0.31 -43.70
N TYR B 505 18.52 0.94 -44.87
CA TYR B 505 17.56 0.56 -45.89
C TYR B 505 17.68 -0.92 -46.22
N ASP B 506 16.54 -1.60 -46.16
CA ASP B 506 16.42 -3.02 -46.45
C ASP B 506 15.25 -3.22 -47.39
N SER B 507 15.51 -3.59 -48.63
CA SER B 507 14.43 -3.79 -49.58
C SER B 507 13.50 -4.93 -49.16
N SER B 508 14.01 -5.94 -48.44
CA SER B 508 13.21 -7.13 -48.15
C SER B 508 12.17 -6.89 -47.07
N LYS B 509 12.39 -5.91 -46.20
CA LYS B 509 11.43 -5.52 -45.18
C LYS B 509 10.24 -4.72 -45.73
N LEU B 510 10.27 -4.34 -47.01
CA LEU B 510 9.20 -3.58 -47.66
C LEU B 510 7.92 -4.39 -47.75
N GLY C 3 -18.74 -5.60 76.96
CA GLY C 3 -18.06 -6.87 76.75
C GLY C 3 -18.76 -7.80 75.77
N GLY C 4 -18.17 -7.91 74.58
CA GLY C 4 -18.76 -8.71 73.52
C GLY C 4 -19.39 -7.87 72.43
N GLY C 5 -20.52 -8.31 71.90
CA GLY C 5 -21.20 -7.59 70.85
C GLY C 5 -21.95 -8.49 69.88
N PRO C 6 -22.31 -7.95 68.73
CA PRO C 6 -23.06 -8.75 67.75
C PRO C 6 -22.18 -9.86 67.22
N GLY C 7 -22.75 -11.07 67.17
CA GLY C 7 -22.03 -12.22 66.68
C GLY C 7 -21.15 -12.88 67.70
N GLU C 8 -21.24 -12.44 68.95
CA GLU C 8 -20.46 -13.01 70.05
C GLU C 8 -20.74 -14.50 70.16
N LEU C 9 -19.67 -15.27 70.31
CA LEU C 9 -19.77 -16.73 70.47
C LEU C 9 -20.54 -17.37 69.31
N GLY C 10 -20.46 -16.77 68.13
CA GLY C 10 -21.01 -17.38 66.93
C GLY C 10 -22.51 -17.32 66.77
N LYS C 11 -23.20 -16.59 67.66
CA LYS C 11 -24.66 -16.45 67.58
C LYS C 11 -25.06 -15.72 66.29
N PRO C 12 -26.28 -15.94 65.79
CA PRO C 12 -26.66 -15.31 64.53
C PRO C 12 -26.86 -13.81 64.71
N VAL C 13 -26.90 -13.09 63.60
CA VAL C 13 -27.25 -11.67 63.59
C VAL C 13 -28.34 -11.43 62.54
N ARG C 14 -29.48 -10.90 62.99
CA ARG C 14 -30.62 -10.65 62.14
C ARG C 14 -30.92 -9.15 62.15
N LEU C 15 -31.02 -8.57 60.97
CA LEU C 15 -31.32 -7.15 60.81
C LEU C 15 -32.79 -6.86 61.14
N PRO C 16 -33.11 -5.62 61.51
CA PRO C 16 -34.50 -5.31 61.88
C PRO C 16 -35.52 -5.71 60.83
N LYS C 17 -36.73 -5.92 61.30
CA LYS C 17 -37.85 -6.20 60.40
C LYS C 17 -38.03 -5.05 59.40
N GLU C 18 -38.25 -3.85 59.91
CA GLU C 18 -38.34 -2.63 59.10
C GLU C 18 -37.01 -1.89 59.14
N MET C 19 -36.54 -1.43 57.98
CA MET C 19 -35.30 -0.68 57.93
C MET C 19 -35.47 0.52 57.01
N SER C 20 -34.66 1.56 57.24
CA SER C 20 -34.66 2.75 56.39
C SER C 20 -34.26 2.42 54.96
N ASP C 21 -34.42 3.42 54.08
CA ASP C 21 -34.04 3.22 52.68
C ASP C 21 -32.52 3.20 52.52
N GLU C 22 -31.82 4.11 53.18
CA GLU C 22 -30.36 4.08 53.11
C GLU C 22 -29.84 2.74 53.58
N MET C 23 -30.40 2.22 54.68
CA MET C 23 -29.93 0.94 55.20
C MET C 23 -30.24 -0.22 54.26
N LYS C 24 -31.44 -0.21 53.64
CA LYS C 24 -31.75 -1.23 52.64
C LYS C 24 -30.76 -1.17 51.49
N LYS C 25 -30.36 0.05 51.07
CA LYS C 25 -29.38 0.19 50.00
C LYS C 25 -28.07 -0.47 50.38
N ALA C 26 -27.60 -0.25 51.61
CA ALA C 26 -26.31 -0.79 52.02
C ALA C 26 -26.35 -2.31 52.16
N VAL C 27 -27.45 -2.85 52.67
CA VAL C 27 -27.58 -4.31 52.73
C VAL C 27 -27.52 -4.90 51.34
N ASP C 28 -28.30 -4.33 50.41
CA ASP C 28 -28.27 -4.83 49.03
C ASP C 28 -26.90 -4.61 48.41
N ASP C 29 -26.32 -3.42 48.60
CA ASP C 29 -24.95 -3.21 48.17
C ASP C 29 -24.03 -4.32 48.66
N GLY C 30 -24.12 -4.64 49.95
CA GLY C 30 -23.26 -5.66 50.52
C GLY C 30 -23.48 -7.04 49.90
N TRP C 31 -24.74 -7.38 49.63
CA TRP C 31 -25.00 -8.65 48.97
C TRP C 31 -24.47 -8.69 47.54
N THR C 32 -24.63 -7.60 46.78
CA THR C 32 -24.11 -7.59 45.40
C THR C 32 -22.60 -7.74 45.39
N LYS C 33 -21.90 -7.01 46.26
CA LYS C 33 -20.44 -7.05 46.27
C LYS C 33 -19.92 -8.42 46.69
N ASN C 34 -20.57 -9.10 47.63
CA ASN C 34 -19.96 -10.27 48.26
C ASN C 34 -20.69 -11.60 48.15
N ALA C 35 -21.96 -11.63 47.79
CA ALA C 35 -22.79 -12.85 47.86
C ALA C 35 -22.85 -13.40 49.29
N PHE C 36 -22.65 -12.51 50.27
CA PHE C 36 -23.05 -12.71 51.65
C PHE C 36 -23.48 -11.37 52.21
N ASN C 37 -23.91 -11.36 53.47
CA ASN C 37 -24.47 -10.15 54.07
C ASN C 37 -23.34 -9.34 54.73
N GLN C 38 -22.73 -8.46 53.94
CA GLN C 38 -21.61 -7.69 54.46
C GLN C 38 -22.03 -6.82 55.63
N TYR C 39 -23.26 -6.30 55.59
CA TYR C 39 -23.75 -5.41 56.63
C TYR C 39 -23.74 -6.11 57.99
N VAL C 40 -24.17 -7.38 58.02
CA VAL C 40 -24.10 -8.11 59.28
C VAL C 40 -22.65 -8.24 59.73
N SER C 41 -21.80 -8.74 58.84
CA SER C 41 -20.39 -8.92 59.16
C SER C 41 -19.77 -7.63 59.68
N ASP C 42 -20.22 -6.48 59.16
CA ASP C 42 -19.66 -5.21 59.59
C ASP C 42 -20.01 -4.87 61.03
N LEU C 43 -21.13 -5.36 61.55
CA LEU C 43 -21.48 -5.09 62.92
C LEU C 43 -20.77 -6.00 63.91
N ILE C 44 -20.16 -7.11 63.42
CA ILE C 44 -19.54 -8.14 64.24
C ILE C 44 -18.06 -7.86 64.42
N SER C 45 -17.56 -8.08 65.64
CA SER C 45 -16.17 -7.82 65.96
C SER C 45 -15.24 -8.57 65.02
N VAL C 46 -14.17 -7.87 64.60
CA VAL C 46 -13.12 -8.51 63.84
C VAL C 46 -12.37 -9.55 64.67
N HIS C 47 -12.44 -9.42 65.99
CA HIS C 47 -11.97 -10.43 66.94
C HIS C 47 -13.13 -11.20 67.54
N ARG C 48 -14.15 -11.48 66.74
CA ARG C 48 -15.34 -12.17 67.24
C ARG C 48 -14.95 -13.43 67.99
N THR C 49 -15.44 -13.54 69.22
CA THR C 49 -15.17 -14.72 70.02
C THR C 49 -16.02 -15.86 69.51
N LEU C 50 -15.52 -17.07 69.69
CA LEU C 50 -16.14 -18.23 69.08
C LEU C 50 -16.12 -19.37 70.10
N PRO C 51 -17.04 -20.33 69.96
CA PRO C 51 -17.03 -21.51 70.84
C PRO C 51 -15.96 -22.53 70.42
N ASP C 52 -15.68 -23.46 71.33
CA ASP C 52 -14.69 -24.52 71.11
C ASP C 52 -15.36 -25.75 70.51
N PRO C 53 -15.22 -25.99 69.21
CA PRO C 53 -15.98 -27.05 68.54
C PRO C 53 -15.40 -28.44 68.72
N ARG C 54 -14.29 -28.55 69.44
CA ARG C 54 -13.54 -29.79 69.47
C ARG C 54 -14.24 -30.82 70.34
N ASP C 55 -14.06 -32.09 69.98
CA ASP C 55 -14.51 -33.17 70.85
C ASP C 55 -13.75 -33.18 72.17
N ALA C 56 -14.32 -33.86 73.16
CA ALA C 56 -13.60 -34.11 74.39
C ALA C 56 -12.31 -34.85 74.11
N TRP C 57 -12.36 -35.82 73.18
CA TRP C 57 -11.17 -36.57 72.82
C TRP C 57 -10.04 -35.66 72.33
N CYS C 58 -10.39 -34.52 71.71
CA CYS C 58 -9.35 -33.64 71.18
C CYS C 58 -8.64 -32.86 72.28
N LYS C 59 -9.27 -32.70 73.44
CA LYS C 59 -8.61 -32.08 74.58
C LYS C 59 -7.92 -33.09 75.50
N ASP C 60 -8.52 -34.28 75.68
CA ASP C 60 -8.15 -35.21 76.75
C ASP C 60 -7.22 -36.33 76.28
N GLU C 61 -7.50 -36.98 75.14
CA GLU C 61 -6.79 -38.18 74.75
C GLU C 61 -5.85 -38.04 73.55
N ALA C 62 -5.80 -36.90 72.88
CA ALA C 62 -4.91 -36.74 71.75
C ALA C 62 -3.60 -36.13 72.21
N ARG C 63 -2.49 -36.79 71.87
CA ARG C 63 -1.16 -36.30 72.21
C ARG C 63 -0.50 -35.79 70.93
N TYR C 64 0.13 -34.62 71.02
CA TYR C 64 0.81 -34.04 69.86
C TYR C 64 2.30 -33.92 70.13
N LEU C 65 3.09 -34.06 69.07
CA LEU C 65 4.53 -33.91 69.20
C LEU C 65 4.91 -32.55 69.74
N THR C 66 5.97 -32.54 70.54
CA THR C 66 6.34 -31.34 71.27
C THR C 66 6.95 -30.29 70.35
N ASN C 67 7.59 -30.71 69.24
CA ASN C 67 8.26 -29.84 68.27
C ASN C 67 7.47 -29.78 66.97
N LEU C 68 6.81 -28.66 66.71
CA LEU C 68 6.04 -28.69 65.48
C LEU C 68 6.60 -27.66 64.50
N PRO C 69 6.47 -27.92 63.20
CA PRO C 69 7.05 -26.99 62.21
C PRO C 69 6.26 -25.70 62.10
N LYS C 70 6.98 -24.57 62.07
CA LYS C 70 6.38 -23.27 61.76
C LYS C 70 5.74 -23.28 60.37
N THR C 71 4.58 -22.66 60.27
CA THR C 71 3.85 -22.57 59.02
C THR C 71 3.67 -21.12 58.63
N ASP C 72 3.56 -20.88 57.33
CA ASP C 72 3.00 -19.62 56.84
C ASP C 72 1.53 -19.84 56.49
N VAL C 73 0.73 -18.79 56.63
CA VAL C 73 -0.68 -18.84 56.28
C VAL C 73 -0.89 -17.94 55.07
N ILE C 74 -1.28 -18.54 53.95
CA ILE C 74 -1.43 -17.83 52.70
C ILE C 74 -2.90 -17.59 52.42
N ILE C 75 -3.28 -16.31 52.36
CA ILE C 75 -4.64 -15.89 52.13
C ILE C 75 -4.65 -15.05 50.84
N CYS C 76 -5.10 -15.66 49.76
CA CYS C 76 -5.35 -14.91 48.53
C CYS C 76 -6.73 -14.26 48.63
N PHE C 77 -6.91 -13.17 47.89
CA PHE C 77 -8.20 -12.49 47.88
C PHE C 77 -8.33 -11.66 46.63
N HIS C 78 -9.58 -11.29 46.32
CA HIS C 78 -9.93 -10.36 45.24
C HIS C 78 -11.23 -9.68 45.67
N ASN C 79 -11.12 -8.40 46.03
CA ASN C 79 -12.26 -7.58 46.44
C ASN C 79 -13.00 -8.12 47.66
N GLU C 80 -12.27 -8.81 48.55
CA GLU C 80 -12.89 -9.30 49.77
C GLU C 80 -13.31 -8.14 50.67
N ALA C 81 -14.40 -8.35 51.39
CA ALA C 81 -14.92 -7.31 52.26
C ALA C 81 -13.95 -7.05 53.42
N TRP C 82 -13.89 -5.79 53.84
CA TRP C 82 -12.93 -5.36 54.87
C TRP C 82 -13.02 -6.18 56.14
N THR C 83 -14.19 -6.15 56.81
CA THR C 83 -14.31 -6.84 58.09
C THR C 83 -14.13 -8.34 57.94
N VAL C 84 -14.46 -8.88 56.77
CA VAL C 84 -14.34 -10.31 56.58
C VAL C 84 -12.88 -10.72 56.48
N LEU C 85 -12.12 -10.05 55.60
CA LEU C 85 -10.71 -10.33 55.48
C LEU C 85 -9.98 -10.08 56.79
N LEU C 86 -10.26 -8.95 57.44
CA LEU C 86 -9.62 -8.67 58.72
C LEU C 86 -9.94 -9.76 59.76
N ARG C 87 -11.18 -10.22 59.81
CA ARG C 87 -11.53 -11.27 60.77
C ARG C 87 -10.79 -12.57 60.45
N THR C 88 -10.58 -12.85 59.17
CA THR C 88 -9.81 -14.04 58.81
C THR C 88 -8.40 -13.94 59.36
N VAL C 89 -7.76 -12.81 59.09
CA VAL C 89 -6.38 -12.62 59.56
C VAL C 89 -6.34 -12.61 61.07
N HIS C 90 -7.23 -11.84 61.70
CA HIS C 90 -7.20 -11.76 63.15
C HIS C 90 -7.50 -13.09 63.80
N SER C 91 -8.31 -13.92 63.16
CA SER C 91 -8.56 -15.22 63.78
C SER C 91 -7.30 -16.08 63.79
N VAL C 92 -6.45 -15.98 62.78
CA VAL C 92 -5.23 -16.79 62.78
C VAL C 92 -4.30 -16.31 63.88
N LEU C 93 -4.02 -15.01 63.90
CA LEU C 93 -3.13 -14.44 64.91
C LEU C 93 -3.59 -14.79 66.32
N ASP C 94 -4.87 -14.60 66.60
CA ASP C 94 -5.39 -14.71 67.96
C ASP C 94 -5.47 -16.14 68.47
N ARG C 95 -5.55 -17.12 67.56
CA ARG C 95 -5.79 -18.50 67.95
C ARG C 95 -4.70 -19.46 67.49
N SER C 96 -3.57 -18.95 67.01
CA SER C 96 -2.43 -19.82 66.76
C SER C 96 -1.27 -19.39 67.65
N PRO C 97 -0.55 -20.35 68.23
CA PRO C 97 0.62 -20.01 69.08
C PRO C 97 1.71 -19.29 68.30
N GLU C 98 2.13 -18.13 68.82
CA GLU C 98 3.09 -17.27 68.14
C GLU C 98 4.23 -18.04 67.48
N HIS C 99 4.79 -18.99 68.21
CA HIS C 99 5.96 -19.70 67.70
C HIS C 99 5.66 -20.61 66.52
N LEU C 100 4.39 -20.75 66.14
CA LEU C 100 3.99 -21.63 65.04
C LEU C 100 3.64 -20.87 63.77
N ILE C 101 3.55 -19.55 63.83
CA ILE C 101 3.24 -18.72 62.68
C ILE C 101 4.53 -18.04 62.26
N GLY C 102 4.91 -18.22 61.00
CA GLY C 102 5.99 -17.43 60.43
C GLY C 102 5.42 -16.14 59.85
N LYS C 103 4.97 -16.17 58.60
CA LYS C 103 4.41 -15.00 57.95
C LYS C 103 3.00 -15.30 57.48
N ILE C 104 2.10 -14.34 57.68
CA ILE C 104 0.74 -14.40 57.17
C ILE C 104 0.76 -13.62 55.86
N ILE C 105 0.76 -14.34 54.75
CA ILE C 105 1.00 -13.78 53.42
C ILE C 105 -0.36 -13.49 52.77
N LEU C 106 -0.67 -12.21 52.61
CA LEU C 106 -1.89 -11.78 51.94
C LEU C 106 -1.57 -11.44 50.47
N VAL C 107 -2.13 -12.26 49.57
CA VAL C 107 -1.93 -12.10 48.13
C VAL C 107 -3.13 -11.38 47.53
N ASP C 108 -2.86 -10.33 46.74
CA ASP C 108 -3.87 -9.36 46.32
C ASP C 108 -4.65 -9.79 45.08
N ASP C 109 -4.01 -10.36 44.07
CA ASP C 109 -4.73 -10.73 42.82
C ASP C 109 -5.55 -9.57 42.26
N TYR C 110 -4.91 -8.40 42.17
CA TYR C 110 -5.40 -7.28 41.38
C TYR C 110 -6.79 -6.82 41.80
N SER C 111 -7.01 -6.73 43.11
CA SER C 111 -8.23 -6.12 43.62
C SER C 111 -8.25 -4.63 43.32
N ASP C 112 -9.44 -4.09 43.12
CA ASP C 112 -9.59 -2.68 42.78
C ASP C 112 -10.27 -1.85 43.87
N MET C 113 -10.79 -2.46 44.90
CA MET C 113 -11.54 -1.68 45.87
C MET C 113 -10.60 -0.90 46.78
N PRO C 114 -10.86 0.38 47.01
CA PRO C 114 -9.91 1.21 47.76
C PRO C 114 -9.52 0.66 49.14
N HIS C 115 -10.46 0.06 49.88
CA HIS C 115 -10.14 -0.33 51.26
C HIS C 115 -9.07 -1.41 51.33
N LEU C 116 -8.82 -2.14 50.25
CA LEU C 116 -7.76 -3.13 50.24
C LEU C 116 -6.47 -2.59 49.68
N LYS C 117 -6.38 -1.28 49.43
CA LYS C 117 -5.15 -0.71 48.91
C LYS C 117 -4.31 -0.11 50.04
N ARG C 118 -4.22 1.21 50.13
CA ARG C 118 -3.38 1.75 51.19
C ARG C 118 -3.99 1.53 52.57
N GLN C 119 -5.31 1.61 52.68
CA GLN C 119 -5.98 1.41 53.96
C GLN C 119 -5.57 0.08 54.59
N LEU C 120 -5.42 -0.95 53.76
CA LEU C 120 -5.02 -2.28 54.22
C LEU C 120 -3.59 -2.30 54.72
N GLU C 121 -2.69 -1.67 53.97
CA GLU C 121 -1.29 -1.60 54.35
C GLU C 121 -1.13 -0.88 55.68
N ASP C 122 -1.79 0.28 55.81
CA ASP C 122 -1.65 1.06 57.03
C ASP C 122 -2.16 0.27 58.24
N TYR C 123 -3.25 -0.46 58.07
CA TYR C 123 -3.85 -1.17 59.20
C TYR C 123 -2.87 -2.19 59.79
N PHE C 124 -2.28 -3.03 58.94
CA PHE C 124 -1.38 -4.10 59.31
C PHE C 124 0.09 -3.68 59.43
N ALA C 125 0.40 -2.38 59.46
CA ALA C 125 1.78 -2.01 59.72
C ALA C 125 2.22 -2.48 61.10
N ALA C 126 1.33 -2.35 62.10
CA ALA C 126 1.67 -2.73 63.48
C ALA C 126 1.90 -4.23 63.62
N TYR C 127 1.42 -5.04 62.68
CA TYR C 127 1.53 -6.47 62.81
C TYR C 127 2.71 -6.95 61.96
N PRO C 128 3.90 -7.13 62.54
CA PRO C 128 5.09 -7.39 61.72
C PRO C 128 5.00 -8.70 60.95
N LYS C 129 4.23 -9.66 61.43
CA LYS C 129 4.09 -10.97 60.79
C LYS C 129 3.19 -10.95 59.56
N VAL C 130 2.49 -9.86 59.27
CA VAL C 130 1.61 -9.74 58.12
C VAL C 130 2.33 -9.02 57.00
N GLN C 131 2.50 -9.68 55.86
CA GLN C 131 3.03 -9.03 54.67
C GLN C 131 2.05 -9.18 53.51
N ILE C 132 1.96 -8.13 52.69
CA ILE C 132 1.00 -8.03 51.62
C ILE C 132 1.74 -8.13 50.29
N ILE C 133 1.36 -9.10 49.47
CA ILE C 133 1.90 -9.27 48.13
C ILE C 133 0.83 -8.83 47.14
N ARG C 134 1.23 -8.13 46.08
CA ARG C 134 0.29 -7.65 45.08
C ARG C 134 0.61 -8.27 43.73
N GLY C 135 -0.40 -8.88 43.10
CA GLY C 135 -0.22 -9.35 41.74
C GLY C 135 -0.21 -8.20 40.74
N GLN C 136 0.56 -8.37 39.66
CA GLN C 136 0.68 -7.34 38.65
C GLN C 136 -0.54 -7.25 37.74
N LYS C 137 -1.31 -8.32 37.62
CA LYS C 137 -2.54 -8.37 36.83
C LYS C 137 -3.45 -9.48 37.37
N ARG C 138 -4.76 -9.31 37.22
CA ARG C 138 -5.66 -10.37 37.67
C ARG C 138 -5.27 -11.68 37.02
N GLU C 139 -5.01 -12.67 37.87
CA GLU C 139 -4.54 -13.98 37.43
C GLU C 139 -5.32 -15.15 38.01
N GLY C 140 -6.16 -14.93 39.00
CA GLY C 140 -6.95 -16.00 39.56
C GLY C 140 -6.28 -16.71 40.71
N LEU C 141 -7.09 -17.50 41.41
CA LEU C 141 -6.68 -18.20 42.63
C LEU C 141 -5.49 -19.13 42.40
N ILE C 142 -5.48 -19.91 41.32
CA ILE C 142 -4.40 -20.89 41.18
C ILE C 142 -3.06 -20.19 41.13
N ARG C 143 -2.88 -19.27 40.19
CA ARG C 143 -1.58 -18.60 40.13
C ARG C 143 -1.31 -17.74 41.36
N ALA C 144 -2.36 -17.21 42.03
CA ALA C 144 -2.11 -16.39 43.21
C ALA C 144 -1.52 -17.21 44.35
N ARG C 145 -2.09 -18.38 44.62
CA ARG C 145 -1.49 -19.25 45.63
C ARG C 145 -0.05 -19.60 45.30
N ILE C 146 0.24 -19.77 44.00
CA ILE C 146 1.62 -20.09 43.66
C ILE C 146 2.49 -18.88 43.93
N LEU C 147 1.95 -17.68 43.71
CA LEU C 147 2.71 -16.48 44.04
C LEU C 147 3.02 -16.46 45.51
N GLY C 148 2.04 -16.85 46.33
CA GLY C 148 2.25 -16.89 47.77
C GLY C 148 3.31 -17.89 48.17
N ALA C 149 3.31 -19.06 47.55
CA ALA C 149 4.33 -20.06 47.88
C ALA C 149 5.72 -19.56 47.53
N ASN C 150 5.86 -18.69 46.52
CA ASN C 150 7.20 -18.25 46.14
C ASN C 150 7.77 -17.27 47.15
N HIS C 151 6.91 -16.49 47.81
CA HIS C 151 7.45 -15.56 48.79
CA HIS C 151 7.28 -15.51 48.83
C HIS C 151 7.44 -16.14 50.21
N ALA C 152 7.01 -17.38 50.37
CA ALA C 152 6.91 -18.02 51.67
C ALA C 152 8.18 -18.80 51.98
N LYS C 153 8.67 -18.65 53.22
CA LYS C 153 9.95 -19.25 53.60
C LYS C 153 9.89 -20.27 54.74
N SER C 154 8.75 -20.43 55.42
CA SER C 154 8.58 -21.39 56.52
C SER C 154 8.41 -22.81 56.00
N PRO C 155 8.72 -23.83 56.81
CA PRO C 155 8.72 -25.21 56.29
C PRO C 155 7.36 -25.71 55.87
N VAL C 156 6.29 -25.07 56.32
CA VAL C 156 4.93 -25.53 56.07
C VAL C 156 4.12 -24.37 55.50
N LEU C 157 3.26 -24.67 54.54
CA LEU C 157 2.24 -23.74 54.05
C LEU C 157 0.89 -24.19 54.56
N THR C 158 0.05 -23.24 54.96
CA THR C 158 -1.38 -23.51 55.11
C THR C 158 -2.12 -22.42 54.33
N TYR C 159 -3.08 -22.85 53.52
CA TYR C 159 -3.84 -21.94 52.68
C TYR C 159 -5.24 -21.76 53.28
N LEU C 160 -5.77 -20.54 53.21
CA LEU C 160 -7.12 -20.25 53.69
C LEU C 160 -7.83 -19.31 52.73
N ASP C 161 -9.14 -19.51 52.60
CA ASP C 161 -9.95 -18.50 51.94
C ASP C 161 -9.94 -17.22 52.77
N SER C 162 -10.25 -16.11 52.12
CA SER C 162 -10.24 -14.82 52.81
C SER C 162 -11.46 -14.63 53.68
N HIS C 163 -12.42 -15.56 53.66
CA HIS C 163 -13.61 -15.48 54.48
C HIS C 163 -13.68 -16.67 55.42
N CYS C 164 -12.66 -16.84 56.24
CA CYS C 164 -12.57 -17.96 57.18
C CYS C 164 -12.46 -17.46 58.60
N GLU C 165 -12.67 -18.39 59.52
CA GLU C 165 -12.47 -18.13 60.94
C GLU C 165 -11.90 -19.37 61.58
N CYS C 166 -10.71 -19.24 62.14
CA CYS C 166 -10.07 -20.32 62.85
C CYS C 166 -10.68 -20.43 64.22
N THR C 167 -10.74 -21.66 64.74
CA THR C 167 -11.33 -21.93 66.04
C THR C 167 -10.23 -22.30 67.01
N GLU C 168 -10.59 -22.33 68.29
CA GLU C 168 -9.64 -22.75 69.32
C GLU C 168 -9.05 -24.12 69.02
N GLY C 169 -7.73 -24.22 69.10
CA GLY C 169 -7.02 -25.48 68.94
C GLY C 169 -6.85 -25.98 67.52
N TRP C 170 -6.92 -25.09 66.53
CA TRP C 170 -6.98 -25.53 65.13
C TRP C 170 -5.62 -25.91 64.56
N LEU C 171 -4.55 -25.24 64.99
CA LEU C 171 -3.32 -25.37 64.21
C LEU C 171 -2.50 -26.61 64.59
N GLU C 172 -2.36 -26.89 65.90
CA GLU C 172 -1.56 -28.01 66.36
C GLU C 172 -1.95 -29.34 65.71
N PRO C 173 -3.24 -29.73 65.64
CA PRO C 173 -3.52 -31.05 65.09
C PRO C 173 -3.15 -31.15 63.64
N LEU C 174 -3.23 -30.03 62.91
CA LEU C 174 -2.79 -30.02 61.52
C LEU C 174 -1.29 -30.18 61.44
N LEU C 175 -0.56 -29.30 62.11
CA LEU C 175 0.90 -29.40 62.10
C LEU C 175 1.40 -30.74 62.64
N ASP C 176 0.68 -31.34 63.59
CA ASP C 176 1.16 -32.58 64.17
C ASP C 176 1.33 -33.68 63.12
N ARG C 177 0.37 -33.80 62.20
CA ARG C 177 0.45 -34.87 61.21
C ARG C 177 1.68 -34.72 60.33
N ILE C 178 1.97 -33.48 59.92
CA ILE C 178 3.16 -33.21 59.10
C ILE C 178 4.44 -33.42 59.91
N ALA C 179 4.44 -33.01 61.17
CA ALA C 179 5.58 -33.24 62.03
C ALA C 179 5.92 -34.72 62.16
N ARG C 180 4.95 -35.61 61.94
CA ARG C 180 5.25 -37.04 61.95
C ARG C 180 5.82 -37.52 60.63
N ASN C 181 5.32 -37.00 59.51
CA ASN C 181 5.72 -37.46 58.17
C ASN C 181 5.36 -36.34 57.21
N SER C 182 6.37 -35.73 56.59
CA SER C 182 6.16 -34.50 55.81
C SER C 182 5.42 -34.73 54.48
N THR C 183 5.34 -35.98 54.00
CA THR C 183 4.59 -36.27 52.78
C THR C 183 3.06 -36.25 53.00
N THR C 184 2.66 -35.73 54.15
CA THR C 184 1.27 -35.75 54.57
C THR C 184 0.67 -34.36 54.39
N VAL C 185 -0.35 -34.27 53.55
CA VAL C 185 -1.11 -33.05 53.36
C VAL C 185 -2.36 -33.15 54.20
N VAL C 186 -2.75 -32.06 54.87
CA VAL C 186 -3.85 -32.10 55.82
C VAL C 186 -4.79 -30.94 55.61
N CYS C 187 -6.10 -31.21 55.75
CA CYS C 187 -7.21 -30.28 55.74
C CYS C 187 -7.95 -30.34 57.06
N PRO C 188 -8.37 -29.21 57.59
CA PRO C 188 -9.25 -29.21 58.75
C PRO C 188 -10.67 -29.58 58.35
N VAL C 189 -11.46 -29.88 59.38
CA VAL C 189 -12.90 -29.93 59.18
C VAL C 189 -13.37 -28.54 58.84
N ILE C 190 -14.13 -28.41 57.74
CA ILE C 190 -14.57 -27.11 57.24
C ILE C 190 -16.04 -26.93 57.63
N ASP C 191 -16.27 -26.10 58.65
CA ASP C 191 -17.59 -25.81 59.20
C ASP C 191 -18.21 -24.64 58.44
N VAL C 192 -19.48 -24.37 58.74
CA VAL C 192 -20.24 -23.43 57.96
C VAL C 192 -20.49 -22.15 58.76
N ILE C 193 -20.14 -21.00 58.17
CA ILE C 193 -20.63 -19.71 58.62
C ILE C 193 -21.75 -19.25 57.68
N SER C 194 -22.89 -18.87 58.27
CA SER C 194 -24.04 -18.46 57.49
C SER C 194 -23.73 -17.23 56.63
N ASP C 195 -24.07 -17.29 55.35
CA ASP C 195 -24.01 -16.07 54.55
C ASP C 195 -24.99 -15.03 55.07
N GLU C 196 -26.12 -15.47 55.64
CA GLU C 196 -27.19 -14.54 56.04
C GLU C 196 -27.00 -13.95 57.43
N THR C 197 -26.62 -14.76 58.42
CA THR C 197 -26.54 -14.31 59.80
C THR C 197 -25.15 -14.48 60.42
N LEU C 198 -24.20 -15.04 59.69
CA LEU C 198 -22.84 -15.28 60.18
C LEU C 198 -22.80 -16.17 61.42
N GLU C 199 -23.89 -16.86 61.71
CA GLU C 199 -23.88 -17.87 62.77
C GLU C 199 -22.86 -18.97 62.44
N TYR C 200 -22.26 -19.53 63.49
CA TYR C 200 -21.26 -20.58 63.36
C TYR C 200 -21.86 -21.91 63.79
N HIS C 201 -21.72 -22.93 62.93
CA HIS C 201 -22.37 -24.23 63.11
C HIS C 201 -21.30 -25.32 63.14
N TYR C 202 -21.18 -26.01 64.28
CA TYR C 202 -20.27 -27.15 64.42
C TYR C 202 -21.03 -28.35 64.93
N ARG C 203 -20.52 -29.54 64.61
CA ARG C 203 -21.24 -30.78 64.81
C ARG C 203 -20.37 -31.82 65.51
N ASP C 204 -21.01 -32.95 65.83
CA ASP C 204 -20.36 -34.11 66.40
C ASP C 204 -19.22 -34.57 65.49
N SER C 205 -18.12 -35.02 66.09
CA SER C 205 -17.06 -35.60 65.26
C SER C 205 -17.51 -36.88 64.56
N GLY C 206 -18.68 -37.41 64.91
CA GLY C 206 -19.24 -38.53 64.17
C GLY C 206 -19.59 -38.17 62.74
N GLY C 207 -20.34 -37.09 62.56
CA GLY C 207 -20.77 -36.74 61.22
C GLY C 207 -19.73 -36.06 60.34
N VAL C 208 -18.59 -36.72 60.15
CA VAL C 208 -17.48 -36.19 59.35
C VAL C 208 -17.56 -36.80 57.95
N ASN C 209 -17.33 -35.95 56.95
CA ASN C 209 -17.30 -36.38 55.55
C ASN C 209 -15.89 -36.32 54.97
N VAL C 210 -15.66 -37.19 54.00
CA VAL C 210 -14.37 -37.34 53.34
C VAL C 210 -14.54 -37.02 51.85
N GLY C 211 -13.47 -36.51 51.24
CA GLY C 211 -13.58 -35.96 49.89
C GLY C 211 -13.42 -37.05 48.83
N GLY C 212 -14.21 -36.92 47.76
CA GLY C 212 -14.13 -37.78 46.60
C GLY C 212 -14.36 -36.99 45.33
N PHE C 213 -14.83 -37.65 44.26
CA PHE C 213 -15.17 -36.87 43.07
C PHE C 213 -16.25 -37.59 42.28
N ASP C 214 -17.03 -36.80 41.53
CA ASP C 214 -17.97 -37.26 40.53
C ASP C 214 -17.26 -37.43 39.19
N TRP C 215 -17.84 -38.25 38.33
CA TRP C 215 -17.19 -38.51 37.04
C TRP C 215 -17.37 -37.39 36.02
N ASN C 216 -17.83 -36.22 36.43
CA ASN C 216 -17.59 -35.03 35.63
C ASN C 216 -16.37 -34.28 36.14
N LEU C 217 -15.57 -34.95 36.96
CA LEU C 217 -14.39 -34.37 37.61
C LEU C 217 -14.78 -33.14 38.42
N GLN C 218 -15.86 -33.29 39.20
CA GLN C 218 -16.25 -32.32 40.21
C GLN C 218 -16.10 -32.92 41.60
N PHE C 219 -15.53 -32.14 42.51
CA PHE C 219 -15.38 -32.58 43.88
C PHE C 219 -16.74 -32.84 44.51
N SER C 220 -16.77 -33.82 45.42
CA SER C 220 -17.97 -34.19 46.14
C SER C 220 -17.58 -34.82 47.47
N TRP C 221 -18.46 -34.63 48.46
CA TRP C 221 -18.35 -35.22 49.78
C TRP C 221 -19.06 -36.57 49.86
N HIS C 222 -18.50 -37.45 50.66
CA HIS C 222 -19.18 -38.67 51.08
C HIS C 222 -18.80 -38.97 52.52
N PRO C 223 -19.62 -39.74 53.22
CA PRO C 223 -19.30 -40.05 54.62
C PRO C 223 -18.16 -41.05 54.72
N VAL C 224 -17.51 -41.05 55.87
CA VAL C 224 -16.29 -41.83 56.08
C VAL C 224 -16.63 -43.31 55.88
N PRO C 225 -15.93 -44.00 54.98
CA PRO C 225 -16.27 -45.41 54.69
C PRO C 225 -16.02 -46.31 55.90
N GLU C 226 -16.71 -47.45 55.90
CA GLU C 226 -16.50 -48.39 57.00
C GLU C 226 -15.07 -48.90 56.99
N ARG C 227 -14.52 -49.12 55.80
CA ARG C 227 -13.12 -49.54 55.63
C ARG C 227 -12.16 -48.63 56.38
N GLU C 228 -12.35 -47.32 56.27
CA GLU C 228 -11.55 -46.37 57.03
C GLU C 228 -11.94 -46.41 58.50
N ARG C 229 -13.24 -46.52 58.78
CA ARG C 229 -13.70 -46.43 60.16
C ARG C 229 -13.08 -47.51 61.03
N LYS C 230 -12.76 -48.66 60.43
CA LYS C 230 -12.19 -49.79 61.18
C LYS C 230 -10.72 -49.59 61.53
N ARG C 231 -10.10 -48.50 61.10
CA ARG C 231 -8.72 -48.18 61.45
C ARG C 231 -8.64 -47.21 62.62
N HIS C 232 -9.71 -47.06 63.39
CA HIS C 232 -9.73 -46.00 64.40
C HIS C 232 -10.59 -46.40 65.57
N ASN C 233 -10.01 -46.25 66.77
CA ASN C 233 -10.70 -46.50 68.03
C ASN C 233 -11.71 -45.40 68.34
N SER C 234 -11.45 -44.18 67.84
CA SER C 234 -12.28 -43.02 68.05
C SER C 234 -12.43 -42.28 66.73
N THR C 235 -13.61 -41.70 66.49
CA THR C 235 -13.87 -41.04 65.22
C THR C 235 -13.20 -39.68 65.08
N ALA C 236 -12.63 -39.12 66.15
CA ALA C 236 -11.94 -37.84 66.08
C ALA C 236 -10.49 -37.99 65.65
N GLU C 237 -10.00 -39.21 65.47
CA GLU C 237 -8.65 -39.37 64.93
C GLU C 237 -8.63 -38.89 63.48
N PRO C 238 -7.47 -38.46 63.00
CA PRO C 238 -7.37 -38.04 61.60
C PRO C 238 -7.70 -39.19 60.65
N VAL C 239 -8.40 -38.88 59.57
CA VAL C 239 -8.86 -39.89 58.62
C VAL C 239 -8.33 -39.61 57.22
N TYR C 240 -8.02 -40.68 56.49
CA TYR C 240 -7.73 -40.59 55.07
C TYR C 240 -8.93 -40.01 54.31
N SER C 241 -8.62 -39.29 53.27
CA SER C 241 -9.60 -38.72 52.35
C SER C 241 -9.01 -38.77 50.95
N PRO C 242 -9.65 -39.46 50.00
CA PRO C 242 -9.08 -39.52 48.65
C PRO C 242 -8.89 -38.18 48.00
N THR C 243 -9.45 -37.09 48.56
CA THR C 243 -9.58 -35.85 47.82
C THR C 243 -9.86 -34.69 48.79
N MET C 244 -9.36 -33.50 48.47
CA MET C 244 -9.60 -32.34 49.33
C MET C 244 -10.57 -31.37 48.68
N ALA C 245 -11.28 -30.62 49.51
CA ALA C 245 -12.15 -29.59 48.95
C ALA C 245 -11.33 -28.51 48.26
N GLY C 246 -10.21 -28.14 48.83
CA GLY C 246 -9.33 -27.15 48.22
C GLY C 246 -9.41 -25.83 48.96
N GLY C 247 -8.33 -25.09 48.97
CA GLY C 247 -8.35 -23.77 49.57
C GLY C 247 -8.18 -23.73 51.07
N LEU C 248 -8.45 -24.82 51.78
CA LEU C 248 -8.11 -24.92 53.20
C LEU C 248 -7.35 -26.23 53.32
N PHE C 249 -6.02 -26.14 53.48
CA PHE C 249 -5.20 -27.34 53.67
C PHE C 249 -3.80 -26.88 54.06
N SER C 250 -2.99 -27.82 54.54
CA SER C 250 -1.61 -27.53 54.92
C SER C 250 -0.71 -28.60 54.35
N ILE C 251 0.45 -28.16 53.85
CA ILE C 251 1.34 -29.04 53.12
C ILE C 251 2.75 -28.60 53.40
N ASP C 252 3.70 -29.54 53.30
CA ASP C 252 5.10 -29.19 53.46
C ASP C 252 5.57 -28.38 52.23
N ARG C 253 6.17 -27.21 52.48
CA ARG C 253 6.56 -26.31 51.39
C ARG C 253 7.38 -26.99 50.30
N GLU C 254 8.52 -27.61 50.64
CA GLU C 254 9.31 -28.23 49.58
C GLU C 254 8.62 -29.47 49.03
N PHE C 255 7.76 -30.14 49.82
CA PHE C 255 6.97 -31.21 49.23
C PHE C 255 6.00 -30.68 48.19
N PHE C 256 5.32 -29.59 48.52
CA PHE C 256 4.49 -28.92 47.53
C PHE C 256 5.29 -28.66 46.25
N ASP C 257 6.50 -28.12 46.39
CA ASP C 257 7.31 -27.88 45.21
C ASP C 257 7.58 -29.18 44.48
N ARG C 258 7.95 -30.23 45.22
CA ARG C 258 8.25 -31.51 44.59
C ARG C 258 7.06 -32.01 43.79
N LEU C 259 5.84 -31.85 44.32
CA LEU C 259 4.65 -32.29 43.62
C LEU C 259 4.32 -31.43 42.40
N GLY C 260 5.15 -30.45 42.04
CA GLY C 260 4.84 -29.65 40.87
C GLY C 260 3.79 -28.59 41.12
N THR C 261 3.56 -28.22 42.38
CA THR C 261 2.58 -27.20 42.79
C THR C 261 1.28 -27.44 42.02
N TYR C 262 0.69 -26.43 41.41
CA TYR C 262 -0.50 -26.57 40.58
C TYR C 262 -0.09 -26.51 39.12
N ASP C 263 -0.94 -27.07 38.26
CA ASP C 263 -0.70 -27.02 36.82
C ASP C 263 -0.65 -25.58 36.32
N SER C 264 0.50 -25.19 35.77
CA SER C 264 0.64 -23.84 35.24
C SER C 264 -0.36 -23.57 34.11
N GLY C 265 -0.76 -24.61 33.37
CA GLY C 265 -1.65 -24.49 32.23
C GLY C 265 -3.12 -24.50 32.56
N PHE C 266 -3.46 -24.61 33.84
CA PHE C 266 -4.84 -24.42 34.25
C PHE C 266 -5.27 -22.98 34.00
N ASP C 267 -6.53 -22.83 33.62
CA ASP C 267 -7.18 -21.53 33.65
C ASP C 267 -7.95 -21.46 34.96
N ILE C 268 -8.48 -20.28 35.29
CA ILE C 268 -9.06 -20.06 36.62
C ILE C 268 -10.12 -21.12 36.97
N TRP C 269 -10.84 -21.64 35.97
CA TRP C 269 -12.04 -22.47 36.15
C TRP C 269 -11.79 -23.88 36.70
N GLY C 270 -10.58 -24.16 37.16
CA GLY C 270 -10.14 -25.53 37.30
C GLY C 270 -10.09 -26.01 38.72
N GLY C 271 -10.31 -27.31 38.88
CA GLY C 271 -10.17 -28.00 40.14
C GLY C 271 -8.73 -28.39 40.35
N GLU C 272 -7.91 -27.39 40.64
CA GLU C 272 -6.55 -27.66 41.08
C GLU C 272 -6.57 -28.56 42.32
N ASN C 273 -7.60 -28.40 43.14
CA ASN C 273 -7.70 -29.22 44.35
C ASN C 273 -7.66 -30.70 43.98
N LEU C 274 -8.34 -31.09 42.90
CA LEU C 274 -8.31 -32.49 42.48
C LEU C 274 -6.93 -32.89 41.98
N GLU C 275 -6.23 -32.00 41.27
CA GLU C 275 -4.88 -32.35 40.85
C GLU C 275 -4.00 -32.64 42.04
N LEU C 276 -3.95 -31.70 42.99
CA LEU C 276 -3.11 -31.88 44.16
C LEU C 276 -3.49 -33.14 44.94
N SER C 277 -4.78 -33.49 44.98
CA SER C 277 -5.22 -34.71 45.66
C SER C 277 -4.62 -35.96 45.04
N PHE C 278 -4.75 -36.09 43.71
CA PHE C 278 -4.22 -37.26 43.04
C PHE C 278 -2.71 -37.34 43.19
N LYS C 279 -2.02 -36.20 43.03
CA LYS C 279 -0.56 -36.19 43.08
C LYS C 279 -0.05 -36.59 44.47
N THR C 280 -0.67 -36.05 45.51
CA THR C 280 -0.29 -36.39 46.87
C THR C 280 -0.33 -37.91 47.08
N TRP C 281 -1.44 -38.55 46.72
CA TRP C 281 -1.55 -40.00 46.92
C TRP C 281 -0.65 -40.77 45.96
N MET C 282 -0.72 -40.47 44.67
CA MET C 282 -0.07 -41.31 43.69
C MET C 282 1.45 -41.20 43.73
N CYS C 283 1.98 -40.18 44.41
CA CYS C 283 3.39 -39.86 44.42
C CYS C 283 4.00 -39.80 45.82
N GLY C 284 3.63 -40.74 46.68
CA GLY C 284 4.33 -40.94 47.93
C GLY C 284 3.87 -40.14 49.13
N GLY C 285 2.60 -39.76 49.17
CA GLY C 285 2.08 -38.94 50.26
C GLY C 285 0.72 -39.47 50.66
N THR C 286 0.13 -38.79 51.63
CA THR C 286 -1.21 -39.13 52.08
C THR C 286 -1.96 -37.82 52.35
N LEU C 287 -3.29 -37.91 52.26
CA LEU C 287 -4.20 -36.79 52.45
C LEU C 287 -5.15 -37.10 53.59
N GLU C 288 -5.25 -36.19 54.55
CA GLU C 288 -5.97 -36.47 55.79
C GLU C 288 -6.90 -35.30 56.11
N ILE C 289 -8.11 -35.64 56.58
CA ILE C 289 -9.00 -34.67 57.19
C ILE C 289 -8.91 -34.81 58.70
N VAL C 290 -8.62 -33.71 59.38
CA VAL C 290 -8.24 -33.78 60.78
C VAL C 290 -9.37 -33.25 61.65
N PRO C 291 -10.15 -34.15 62.25
CA PRO C 291 -11.38 -33.71 62.93
C PRO C 291 -11.10 -32.92 64.19
N CYS C 292 -9.89 -32.96 64.71
CA CYS C 292 -9.63 -32.09 65.83
C CYS C 292 -9.49 -30.63 65.42
N SER C 293 -9.42 -30.34 64.11
CA SER C 293 -9.21 -28.98 63.62
C SER C 293 -10.45 -28.49 62.87
N HIS C 294 -11.08 -27.45 63.40
CA HIS C 294 -12.25 -26.87 62.78
C HIS C 294 -11.89 -25.46 62.29
N VAL C 295 -12.24 -25.16 61.04
CA VAL C 295 -12.15 -23.78 60.53
C VAL C 295 -13.50 -23.43 59.91
N GLY C 296 -14.04 -22.27 60.29
CA GLY C 296 -15.29 -21.81 59.72
C GLY C 296 -15.07 -21.15 58.38
N HIS C 297 -16.06 -21.33 57.50
CA HIS C 297 -15.99 -20.82 56.14
C HIS C 297 -17.31 -20.16 55.80
N ILE C 298 -17.26 -19.04 55.09
CA ILE C 298 -18.47 -18.37 54.62
C ILE C 298 -18.86 -19.00 53.28
N PHE C 299 -19.82 -19.91 53.32
CA PHE C 299 -20.30 -20.53 52.10
C PHE C 299 -21.27 -19.58 51.41
N ARG C 300 -21.16 -19.48 50.09
CA ARG C 300 -21.99 -18.58 49.30
C ARG C 300 -22.81 -19.37 48.29
N LYS C 301 -24.02 -18.87 48.02
CA LYS C 301 -24.89 -19.51 47.03
C LYS C 301 -24.40 -19.26 45.61
N ARG C 302 -23.60 -18.22 45.40
CA ARG C 302 -23.05 -17.87 44.10
C ARG C 302 -21.68 -17.22 44.32
N SER C 303 -20.80 -17.30 43.29
CA SER C 303 -19.53 -16.59 43.49
C SER C 303 -19.60 -15.24 42.79
N PRO C 304 -19.30 -14.14 43.47
CA PRO C 304 -19.50 -12.82 42.84
C PRO C 304 -18.25 -12.39 42.11
N TYR C 305 -17.57 -13.35 41.47
CA TYR C 305 -16.31 -13.12 40.80
C TYR C 305 -16.51 -13.21 39.29
N LYS C 306 -15.63 -12.52 38.56
CA LYS C 306 -15.74 -12.31 37.11
C LYS C 306 -14.63 -13.04 36.33
N ASN C 312 -19.07 -25.99 31.01
CA ASN C 312 -18.51 -26.25 29.70
C ASN C 312 -17.44 -25.22 29.34
N VAL C 313 -17.03 -24.43 30.33
CA VAL C 313 -15.84 -23.61 30.23
C VAL C 313 -14.70 -24.18 31.08
N LEU C 314 -15.03 -24.86 32.18
CA LEU C 314 -14.14 -25.62 33.06
C LEU C 314 -13.70 -26.91 32.42
N LYS C 315 -14.13 -27.12 31.17
CA LYS C 315 -13.71 -28.29 30.41
C LYS C 315 -12.19 -28.41 30.30
N LYS C 316 -11.49 -27.27 30.18
CA LYS C 316 -10.06 -27.34 29.90
C LYS C 316 -9.29 -27.97 31.05
N ASN C 317 -9.44 -27.43 32.26
CA ASN C 317 -8.67 -27.98 33.38
C ASN C 317 -9.00 -29.44 33.65
N SER C 318 -10.26 -29.82 33.49
CA SER C 318 -10.62 -31.21 33.76
C SER C 318 -9.99 -32.15 32.74
N VAL C 319 -9.87 -31.72 31.47
CA VAL C 319 -9.26 -32.63 30.51
C VAL C 319 -7.74 -32.69 30.74
N ARG C 320 -7.12 -31.55 31.06
CA ARG C 320 -5.70 -31.55 31.39
C ARG C 320 -5.43 -32.45 32.58
N LEU C 321 -6.27 -32.37 33.60
CA LEU C 321 -6.16 -33.28 34.74
C LEU C 321 -6.27 -34.72 34.30
N ALA C 322 -7.17 -35.02 33.37
CA ALA C 322 -7.43 -36.40 33.00
C ALA C 322 -6.37 -36.92 32.05
N GLU C 323 -5.95 -36.10 31.08
CA GLU C 323 -4.93 -36.56 30.14
C GLU C 323 -3.67 -37.01 30.88
N VAL C 324 -3.33 -36.32 31.95
CA VAL C 324 -2.10 -36.55 32.66
C VAL C 324 -2.24 -37.67 33.68
N TRP C 325 -3.24 -37.61 34.57
CA TRP C 325 -3.16 -38.40 35.78
C TRP C 325 -4.06 -39.63 35.81
N MET C 326 -5.03 -39.75 34.89
CA MET C 326 -6.09 -40.73 35.09
C MET C 326 -5.98 -41.99 34.22
N ASP C 327 -4.83 -42.22 33.57
CA ASP C 327 -4.58 -43.49 32.85
C ASP C 327 -5.77 -43.71 31.93
N GLU C 328 -6.37 -44.89 31.90
CA GLU C 328 -7.46 -45.21 30.99
C GLU C 328 -8.80 -44.66 31.47
N TYR C 329 -8.92 -44.30 32.75
CA TYR C 329 -10.20 -43.88 33.28
C TYR C 329 -10.65 -42.51 32.77
N SER C 330 -9.79 -41.80 32.04
CA SER C 330 -10.24 -40.54 31.46
C SER C 330 -11.47 -40.75 30.61
N GLN C 331 -11.57 -41.93 29.97
CA GLN C 331 -12.65 -42.18 29.04
C GLN C 331 -14.00 -42.00 29.73
N TYR C 332 -14.06 -42.24 31.03
CA TYR C 332 -15.32 -42.06 31.74
C TYR C 332 -15.64 -40.58 31.94
N TYR C 333 -14.62 -39.72 31.99
CA TYR C 333 -14.93 -38.29 31.97
C TYR C 333 -15.33 -37.86 30.57
N TYR C 334 -14.65 -38.40 29.55
CA TYR C 334 -14.90 -38.01 28.17
C TYR C 334 -16.28 -38.43 27.69
N HIS C 335 -16.79 -39.56 28.19
CA HIS C 335 -18.17 -39.95 27.92
C HIS C 335 -19.14 -38.90 28.43
N ARG C 336 -18.87 -38.36 29.63
CA ARG C 336 -19.77 -37.44 30.31
C ARG C 336 -19.81 -36.05 29.71
N ILE C 337 -18.81 -35.66 28.93
CA ILE C 337 -18.81 -34.37 28.26
C ILE C 337 -19.02 -34.54 26.77
N GLY C 338 -19.52 -35.70 26.36
CA GLY C 338 -19.82 -35.95 24.97
C GLY C 338 -18.62 -36.07 24.08
N ASN C 339 -17.47 -36.40 24.65
CA ASN C 339 -16.22 -36.57 23.93
C ASN C 339 -15.74 -35.30 23.24
N ASP C 340 -16.37 -34.15 23.51
CA ASP C 340 -15.91 -32.86 23.02
C ASP C 340 -14.85 -32.35 23.97
N LYS C 341 -13.62 -32.88 23.82
CA LYS C 341 -12.55 -32.53 24.74
C LYS C 341 -12.07 -31.09 24.53
N GLY C 342 -12.20 -30.56 23.31
CA GLY C 342 -11.75 -29.20 23.09
C GLY C 342 -10.25 -29.15 22.88
N ASP C 343 -9.64 -28.05 23.33
CA ASP C 343 -8.19 -27.86 23.25
C ASP C 343 -7.66 -27.60 24.67
N TRP C 344 -7.15 -28.66 25.31
CA TRP C 344 -6.61 -28.58 26.66
C TRP C 344 -5.21 -27.99 26.70
N GLY C 345 -4.64 -27.64 25.53
CA GLY C 345 -3.34 -27.02 25.47
C GLY C 345 -2.19 -28.00 25.59
N ASP C 346 -1.00 -27.43 25.75
CA ASP C 346 0.21 -28.23 25.89
C ASP C 346 0.29 -28.82 27.29
N VAL C 347 0.48 -30.14 27.36
CA VAL C 347 0.48 -30.86 28.63
C VAL C 347 1.74 -31.71 28.81
N SER C 348 2.68 -31.62 27.86
CA SER C 348 3.90 -32.43 27.89
C SER C 348 4.71 -32.21 29.17
N ASP C 349 4.84 -30.95 29.60
CA ASP C 349 5.61 -30.63 30.80
C ASP C 349 5.08 -31.39 32.02
N ARG C 350 3.76 -31.48 32.16
CA ARG C 350 3.20 -32.21 33.29
C ARG C 350 3.39 -33.71 33.13
N ARG C 351 3.39 -34.21 31.90
CA ARG C 351 3.63 -35.63 31.69
C ARG C 351 5.03 -36.00 32.17
N LYS C 352 6.01 -35.15 31.84
CA LYS C 352 7.38 -35.32 32.32
C LYS C 352 7.45 -35.25 33.84
N LEU C 353 6.76 -34.27 34.46
CA LEU C 353 6.77 -34.16 35.92
C LEU C 353 6.30 -35.46 36.58
N ARG C 354 5.18 -36.02 36.09
CA ARG C 354 4.68 -37.27 36.65
C ARG C 354 5.64 -38.43 36.42
N ASN C 355 6.25 -38.48 35.22
CA ASN C 355 7.16 -39.57 34.91
C ASN C 355 8.41 -39.52 35.82
N ASP C 356 8.90 -38.32 36.12
CA ASP C 356 10.11 -38.21 36.94
C ASP C 356 9.86 -38.64 38.37
N LEU C 357 8.67 -38.34 38.91
CA LEU C 357 8.38 -38.73 40.28
C LEU C 357 8.13 -40.23 40.44
N LYS C 358 7.95 -40.96 39.34
CA LYS C 358 7.63 -42.39 39.35
C LYS C 358 6.42 -42.70 40.23
N CYS C 359 5.30 -42.09 39.86
CA CYS C 359 4.06 -42.24 40.60
C CYS C 359 3.33 -43.53 40.25
N LYS C 360 2.44 -43.94 41.16
CA LYS C 360 1.63 -45.12 40.99
C LYS C 360 0.58 -44.86 39.89
N SER C 361 -0.07 -45.93 39.40
CA SER C 361 -1.11 -45.80 38.38
C SER C 361 -2.41 -45.25 38.99
N PHE C 362 -3.33 -44.78 38.13
CA PHE C 362 -4.60 -44.30 38.65
C PHE C 362 -5.46 -45.47 39.12
N LYS C 363 -5.35 -46.62 38.44
CA LYS C 363 -5.92 -47.86 38.96
C LYS C 363 -5.43 -48.15 40.36
N TRP C 364 -4.14 -47.99 40.61
CA TRP C 364 -3.68 -48.15 41.99
C TRP C 364 -4.41 -47.20 42.91
N TYR C 365 -4.60 -45.95 42.46
CA TYR C 365 -5.28 -44.97 43.30
C TYR C 365 -6.70 -45.39 43.62
N LEU C 366 -7.47 -45.79 42.61
CA LEU C 366 -8.83 -46.20 42.85
C LEU C 366 -8.87 -47.48 43.69
N ASP C 367 -7.99 -48.45 43.36
CA ASP C 367 -8.03 -49.76 44.01
C ASP C 367 -7.71 -49.66 45.50
N ASN C 368 -6.78 -48.78 45.89
CA ASN C 368 -6.29 -48.71 47.25
C ASN C 368 -6.75 -47.51 48.06
N ILE C 369 -6.88 -46.34 47.47
CA ILE C 369 -7.23 -45.19 48.30
C ILE C 369 -8.73 -44.96 48.31
N TYR C 370 -9.38 -45.11 47.15
CA TYR C 370 -10.78 -44.72 46.93
C TYR C 370 -11.58 -45.85 46.27
N PRO C 371 -11.62 -47.04 46.89
CA PRO C 371 -12.29 -48.16 46.24
C PRO C 371 -13.81 -48.10 46.33
N GLU C 372 -14.34 -47.25 47.19
CA GLU C 372 -15.79 -47.09 47.30
C GLU C 372 -16.37 -46.43 46.06
N LEU C 373 -15.57 -45.66 45.32
CA LEU C 373 -16.09 -44.91 44.18
C LEU C 373 -16.60 -45.87 43.12
N PHE C 374 -17.81 -45.62 42.66
CA PHE C 374 -18.44 -46.44 41.64
C PHE C 374 -17.82 -46.12 40.27
N ILE C 375 -17.34 -47.15 39.58
CA ILE C 375 -16.69 -47.01 38.28
C ILE C 375 -17.72 -47.27 37.19
N PRO C 376 -18.05 -46.28 36.35
CA PRO C 376 -19.14 -46.46 35.37
C PRO C 376 -19.01 -47.69 34.50
N GLY C 377 -17.78 -48.09 34.16
CA GLY C 377 -17.58 -49.26 33.33
C GLY C 377 -18.05 -50.56 33.95
N ASP C 378 -18.27 -50.58 35.28
CA ASP C 378 -18.81 -51.75 35.98
C ASP C 378 -20.34 -51.87 35.86
N SER C 379 -21.00 -50.89 35.27
CA SER C 379 -22.45 -50.86 35.26
C SER C 379 -23.04 -51.85 34.25
N VAL C 380 -24.28 -52.26 34.51
CA VAL C 380 -25.03 -53.09 33.59
C VAL C 380 -25.25 -52.33 32.30
N ALA C 381 -25.44 -51.01 32.40
CA ALA C 381 -25.47 -50.14 31.25
C ALA C 381 -25.02 -48.74 31.68
N HIS C 382 -24.47 -48.01 30.72
CA HIS C 382 -24.04 -46.65 30.93
C HIS C 382 -24.13 -45.90 29.60
N GLY C 383 -24.65 -44.69 29.64
CA GLY C 383 -24.87 -43.97 28.41
C GLY C 383 -26.22 -43.30 28.37
N GLU C 384 -26.88 -43.33 27.22
CA GLU C 384 -28.19 -42.71 27.12
C GLU C 384 -29.25 -43.73 27.47
N ILE C 385 -30.42 -43.22 27.85
CA ILE C 385 -31.60 -44.05 28.04
C ILE C 385 -32.66 -43.51 27.09
N ARG C 386 -32.93 -44.26 26.04
CA ARG C 386 -33.77 -43.81 24.95
C ARG C 386 -35.15 -44.48 25.03
N ASN C 387 -36.19 -43.70 24.84
CA ASN C 387 -37.56 -44.20 24.81
C ASN C 387 -37.97 -44.40 23.36
N LEU C 388 -38.42 -45.62 23.04
CA LEU C 388 -38.84 -45.94 21.68
C LEU C 388 -40.19 -45.37 21.31
N GLY C 389 -40.96 -44.87 22.28
CA GLY C 389 -42.27 -44.38 22.00
C GLY C 389 -42.28 -43.02 21.33
N TYR C 390 -43.38 -42.77 20.62
CA TYR C 390 -43.75 -41.48 20.06
C TYR C 390 -42.56 -40.82 19.37
N GLY C 391 -42.06 -41.52 18.34
CA GLY C 391 -40.98 -41.06 17.53
C GLY C 391 -39.66 -41.74 17.82
N GLY C 392 -39.43 -42.14 19.06
CA GLY C 392 -38.17 -42.78 19.40
C GLY C 392 -37.01 -41.84 19.40
N ARG C 393 -37.26 -40.55 19.69
CA ARG C 393 -36.20 -39.55 19.76
C ARG C 393 -36.27 -38.78 21.08
N THR C 394 -36.83 -39.39 22.12
CA THR C 394 -36.92 -38.76 23.43
C THR C 394 -36.06 -39.51 24.42
N CYS C 395 -35.30 -38.75 25.22
CA CYS C 395 -34.29 -39.34 26.06
C CYS C 395 -34.52 -38.93 27.50
N LEU C 396 -34.13 -39.83 28.39
CA LEU C 396 -34.11 -39.54 29.82
C LEU C 396 -33.06 -38.47 30.12
N ASP C 397 -33.49 -37.39 30.79
CA ASP C 397 -32.69 -36.18 30.91
C ASP C 397 -33.06 -35.42 32.19
N ALA C 398 -32.09 -35.20 33.07
CA ALA C 398 -32.28 -34.34 34.24
C ALA C 398 -30.92 -33.98 34.80
N PRO C 399 -30.80 -32.86 35.50
CA PRO C 399 -29.58 -32.57 36.26
C PRO C 399 -29.62 -33.16 37.67
N ALA C 400 -28.43 -33.53 38.17
CA ALA C 400 -28.25 -34.11 39.49
C ALA C 400 -27.70 -33.10 40.49
N GLY C 401 -27.75 -33.47 41.76
CA GLY C 401 -27.21 -32.62 42.81
C GLY C 401 -28.20 -32.15 43.85
N LYS C 402 -27.70 -31.77 45.03
CA LYS C 402 -28.56 -31.20 46.06
C LYS C 402 -29.19 -29.90 45.59
N LYS C 403 -28.40 -28.98 45.03
CA LYS C 403 -28.94 -27.70 44.56
C LYS C 403 -29.89 -27.95 43.38
N HIS C 404 -31.19 -27.73 43.64
CA HIS C 404 -32.28 -28.11 42.75
C HIS C 404 -32.45 -29.63 42.68
N GLN C 405 -32.21 -30.30 43.81
CA GLN C 405 -32.73 -31.64 44.10
C GLN C 405 -34.25 -31.57 44.21
N LYS C 406 -34.88 -32.72 44.41
CA LYS C 406 -36.32 -32.89 44.66
C LYS C 406 -37.20 -32.26 43.58
N LYS C 407 -36.62 -31.80 42.47
CA LYS C 407 -37.34 -31.51 41.24
C LYS C 407 -37.63 -32.83 40.54
N ALA C 408 -38.73 -32.86 39.80
CA ALA C 408 -39.06 -34.05 39.02
C ALA C 408 -38.06 -34.24 37.89
N VAL C 409 -37.78 -35.50 37.60
CA VAL C 409 -36.92 -35.85 36.47
C VAL C 409 -37.76 -35.82 35.20
N GLY C 410 -37.16 -35.39 34.10
CA GLY C 410 -37.92 -35.24 32.88
C GLY C 410 -37.36 -35.92 31.65
N THR C 411 -37.82 -35.47 30.50
CA THR C 411 -37.45 -36.04 29.22
C THR C 411 -37.08 -34.88 28.31
N TYR C 412 -36.33 -35.19 27.25
CA TYR C 412 -35.77 -34.19 26.37
C TYR C 412 -35.26 -34.88 25.12
N PRO C 413 -35.19 -34.19 23.97
CA PRO C 413 -34.73 -34.86 22.75
C PRO C 413 -33.28 -35.27 22.87
N CYS C 414 -32.99 -36.45 22.35
CA CYS C 414 -31.65 -37.04 22.43
C CYS C 414 -30.63 -36.19 21.70
N HIS C 415 -29.62 -35.74 22.44
CA HIS C 415 -28.37 -35.27 21.87
C HIS C 415 -27.34 -36.33 22.23
N ARG C 416 -26.75 -36.97 21.23
CA ARG C 416 -25.85 -38.07 21.56
C ARG C 416 -24.64 -37.56 22.34
N GLN C 417 -24.35 -36.27 22.25
CA GLN C 417 -23.25 -35.70 23.00
C GLN C 417 -23.71 -35.35 24.41
N GLY C 418 -22.84 -35.58 25.36
CA GLY C 418 -22.94 -35.03 26.70
C GLY C 418 -23.66 -35.88 27.72
N GLY C 419 -23.79 -35.27 28.90
CA GLY C 419 -23.99 -36.01 30.12
C GLY C 419 -25.13 -35.56 30.99
N ASN C 420 -25.89 -34.56 30.56
CA ASN C 420 -27.16 -34.42 31.23
C ASN C 420 -28.10 -35.56 30.86
N GLN C 421 -27.76 -36.32 29.81
CA GLN C 421 -28.42 -37.58 29.44
C GLN C 421 -27.49 -38.78 29.61
N TYR C 422 -26.66 -38.76 30.64
CA TYR C 422 -25.77 -39.87 30.98
C TYR C 422 -26.32 -40.57 32.21
N TRP C 423 -26.43 -41.88 32.15
CA TRP C 423 -26.99 -42.66 33.24
C TRP C 423 -26.26 -43.99 33.32
N MET C 424 -26.25 -44.57 34.50
CA MET C 424 -25.72 -45.91 34.67
C MET C 424 -26.78 -46.76 35.33
N LEU C 425 -26.99 -47.95 34.79
CA LEU C 425 -27.82 -48.96 35.43
C LEU C 425 -26.91 -49.88 36.20
N SER C 426 -26.92 -49.77 37.52
CA SER C 426 -25.99 -50.56 38.29
C SER C 426 -26.49 -52.01 38.39
N LYS C 427 -25.59 -52.88 38.87
CA LYS C 427 -25.97 -54.26 39.13
C LYS C 427 -26.98 -54.36 40.26
N ALA C 428 -26.97 -53.39 41.18
CA ALA C 428 -27.93 -53.33 42.27
C ALA C 428 -29.25 -52.65 41.86
N GLY C 429 -29.53 -52.59 40.57
CA GLY C 429 -30.80 -52.02 40.14
C GLY C 429 -30.94 -50.53 40.34
N GLU C 430 -29.84 -49.79 40.41
CA GLU C 430 -29.90 -48.34 40.43
C GLU C 430 -29.83 -47.76 39.00
N ILE C 431 -30.71 -46.81 38.74
CA ILE C 431 -30.56 -45.92 37.59
C ILE C 431 -29.95 -44.66 38.18
N ARG C 432 -28.68 -44.39 37.88
CA ARG C 432 -27.95 -43.42 38.66
C ARG C 432 -27.00 -42.58 37.81
N ARG C 433 -26.63 -41.43 38.38
CA ARG C 433 -25.52 -40.60 37.89
C ARG C 433 -24.78 -40.07 39.12
N ASP C 434 -23.61 -40.65 39.41
CA ASP C 434 -22.68 -40.10 40.42
C ASP C 434 -23.33 -39.94 41.79
N ASP C 435 -23.66 -41.08 42.39
CA ASP C 435 -24.22 -41.10 43.74
C ASP C 435 -25.60 -40.44 43.82
N SER C 436 -26.22 -40.12 42.68
CA SER C 436 -27.61 -39.69 42.65
C SER C 436 -28.46 -40.80 42.04
N CYS C 437 -29.63 -41.04 42.60
CA CYS C 437 -30.45 -42.18 42.19
C CYS C 437 -31.84 -41.73 41.77
N LEU C 438 -32.36 -42.35 40.71
CA LEU C 438 -33.77 -42.21 40.40
C LEU C 438 -34.61 -42.84 41.51
N ASP C 439 -35.69 -42.16 41.87
CA ASP C 439 -36.49 -42.58 43.01
C ASP C 439 -37.95 -42.26 42.69
N TYR C 440 -38.86 -43.18 43.05
CA TYR C 440 -40.29 -42.97 42.85
C TYR C 440 -41.06 -43.39 44.08
N ALA C 441 -41.73 -42.43 44.70
CA ALA C 441 -42.55 -42.64 45.89
C ALA C 441 -43.97 -42.14 45.69
N GLY C 442 -44.54 -42.37 44.51
CA GLY C 442 -45.97 -42.14 44.33
C GLY C 442 -46.39 -40.76 43.90
N LYS C 443 -45.47 -39.82 43.71
CA LYS C 443 -45.81 -38.53 43.14
C LYS C 443 -45.10 -38.42 41.80
N ASP C 444 -43.88 -37.89 41.81
CA ASP C 444 -43.05 -37.74 40.62
C ASP C 444 -41.81 -38.63 40.75
N VAL C 445 -41.19 -38.92 39.61
CA VAL C 445 -39.90 -39.58 39.60
C VAL C 445 -38.84 -38.53 39.91
N THR C 446 -37.91 -38.86 40.79
CA THR C 446 -36.95 -37.85 41.23
C THR C 446 -35.53 -38.40 41.27
N LEU C 447 -34.59 -37.46 41.26
CA LEU C 447 -33.17 -37.74 41.46
C LEU C 447 -32.83 -37.29 42.87
N PHE C 448 -32.46 -38.24 43.72
CA PHE C 448 -32.17 -38.09 45.15
CA PHE C 448 -31.90 -37.81 44.99
C PHE C 448 -30.87 -38.84 45.44
N GLY C 449 -30.30 -38.59 46.61
CA GLY C 449 -29.11 -39.31 47.04
C GLY C 449 -29.27 -40.81 47.13
N CYS C 450 -28.33 -41.56 46.54
CA CYS C 450 -28.32 -43.01 46.68
C CYS C 450 -28.07 -43.44 48.12
N HIS C 451 -28.96 -44.28 48.66
CA HIS C 451 -28.78 -44.86 49.99
C HIS C 451 -28.42 -46.35 49.98
N GLY C 452 -28.30 -46.97 48.82
CA GLY C 452 -27.85 -48.35 48.66
C GLY C 452 -28.78 -49.40 49.19
N GLY C 453 -30.02 -49.03 49.51
CA GLY C 453 -30.98 -49.92 50.12
C GLY C 453 -32.04 -50.48 49.22
N LYS C 454 -31.92 -50.32 47.90
CA LYS C 454 -32.92 -50.79 46.95
C LYS C 454 -34.23 -50.05 47.24
N GLY C 455 -35.34 -50.73 47.51
CA GLY C 455 -36.57 -50.02 47.78
C GLY C 455 -37.06 -49.19 46.60
N ASN C 456 -37.35 -47.90 46.85
CA ASN C 456 -37.82 -47.01 45.79
C ASN C 456 -36.75 -46.66 44.79
N GLN C 457 -35.50 -46.99 45.08
CA GLN C 457 -34.39 -46.82 44.16
C GLN C 457 -34.06 -48.10 43.39
N PHE C 458 -34.97 -49.07 43.37
CA PHE C 458 -34.70 -50.33 42.71
C PHE C 458 -35.45 -50.43 41.40
N TRP C 459 -34.72 -50.80 40.35
CA TRP C 459 -35.29 -50.94 39.02
C TRP C 459 -34.74 -52.19 38.35
N THR C 460 -35.52 -52.69 37.41
CA THR C 460 -35.18 -53.87 36.63
C THR C 460 -35.42 -53.52 35.17
N TYR C 461 -34.46 -53.81 34.31
CA TYR C 461 -34.67 -53.67 32.88
C TYR C 461 -35.04 -55.05 32.33
N ARG C 462 -36.23 -55.17 31.77
CA ARG C 462 -36.75 -56.42 31.23
C ARG C 462 -36.36 -56.52 29.77
N GLU C 463 -35.36 -57.35 29.47
CA GLU C 463 -34.87 -57.50 28.10
C GLU C 463 -36.00 -57.89 27.13
N ASN C 464 -36.81 -58.88 27.50
CA ASN C 464 -37.81 -59.40 26.58
C ASN C 464 -38.86 -58.34 26.23
N THR C 465 -39.22 -57.47 27.17
CA THR C 465 -40.22 -56.45 26.91
C THR C 465 -39.64 -55.05 26.74
N LYS C 466 -38.43 -54.80 27.21
CA LYS C 466 -37.69 -53.54 27.06
C LYS C 466 -38.23 -52.40 27.94
N GLN C 467 -38.98 -52.70 29.00
CA GLN C 467 -39.46 -51.64 29.87
C GLN C 467 -38.62 -51.55 31.14
N LEU C 468 -38.65 -50.38 31.76
CA LEU C 468 -37.94 -50.15 33.02
C LEU C 468 -38.93 -50.31 34.17
N HIS C 469 -38.81 -51.43 34.90
CA HIS C 469 -39.80 -51.87 35.87
C HIS C 469 -39.37 -51.54 37.29
N HIS C 470 -40.29 -50.93 38.05
CA HIS C 470 -40.06 -50.45 39.41
C HIS C 470 -40.57 -51.48 40.41
N GLY C 471 -39.67 -51.99 41.26
CA GLY C 471 -40.04 -53.10 42.13
C GLY C 471 -41.12 -52.77 43.15
N THR C 472 -41.09 -51.56 43.71
CA THR C 472 -41.93 -51.21 44.85
C THR C 472 -43.35 -50.84 44.42
N SER C 473 -43.49 -50.02 43.39
CA SER C 473 -44.81 -49.67 42.91
C SER C 473 -45.32 -50.66 41.89
N GLY C 474 -44.46 -51.52 41.36
CA GLY C 474 -44.88 -52.45 40.35
C GLY C 474 -45.25 -51.82 39.04
N LYS C 475 -45.07 -50.50 38.91
CA LYS C 475 -45.36 -49.77 37.69
C LYS C 475 -44.12 -49.72 36.80
N CYS C 476 -44.33 -49.25 35.57
CA CYS C 476 -43.29 -49.16 34.56
C CYS C 476 -43.01 -47.71 34.18
N LEU C 477 -41.77 -47.46 33.80
CA LEU C 477 -41.32 -46.12 33.46
C LEU C 477 -41.74 -45.82 32.03
N ALA C 478 -42.16 -44.58 31.78
CA ALA C 478 -42.78 -44.21 30.52
C ALA C 478 -42.76 -42.69 30.35
N ILE C 479 -42.99 -42.26 29.10
CA ILE C 479 -43.09 -40.85 28.75
C ILE C 479 -44.50 -40.56 28.24
N SER C 480 -44.89 -39.29 28.36
CA SER C 480 -46.20 -38.78 28.00
C SER C 480 -46.32 -38.54 26.49
N GLU C 481 -47.52 -38.16 26.06
CA GLU C 481 -47.73 -37.84 24.65
C GLU C 481 -46.97 -36.60 24.23
N SER C 482 -46.90 -35.59 25.13
CA SER C 482 -46.16 -34.35 24.87
C SER C 482 -44.65 -34.57 24.83
N LYS C 483 -44.18 -35.77 25.17
CA LYS C 483 -42.76 -36.08 25.24
C LYS C 483 -42.07 -35.22 26.29
N ASP C 484 -42.81 -34.34 26.97
CA ASP C 484 -42.19 -33.46 27.95
C ASP C 484 -42.10 -34.09 29.34
N LYS C 485 -43.09 -34.87 29.74
CA LYS C 485 -43.13 -35.34 31.12
C LYS C 485 -42.83 -36.84 31.18
N LEU C 486 -42.41 -37.28 32.38
CA LEU C 486 -41.97 -38.65 32.65
C LEU C 486 -42.85 -39.25 33.73
N LEU C 487 -43.61 -40.29 33.38
CA LEU C 487 -44.69 -40.80 34.20
C LEU C 487 -44.48 -42.26 34.60
N MET C 488 -45.23 -42.69 35.60
CA MET C 488 -45.28 -44.08 36.02
C MET C 488 -46.66 -44.64 35.75
N GLU C 489 -46.73 -45.77 35.06
CA GLU C 489 -48.05 -46.28 34.75
C GLU C 489 -48.07 -47.80 34.79
N GLU C 490 -49.28 -48.34 34.72
CA GLU C 490 -49.47 -49.77 34.76
C GLU C 490 -48.74 -50.42 33.58
N CYS C 491 -48.05 -51.51 33.85
CA CYS C 491 -47.20 -52.11 32.82
C CYS C 491 -48.03 -52.77 31.74
N SER C 492 -47.79 -52.40 30.49
CA SER C 492 -48.34 -53.09 29.34
C SER C 492 -47.27 -53.14 28.25
N ALA C 493 -46.96 -54.36 27.78
CA ALA C 493 -45.90 -54.55 26.78
C ALA C 493 -46.25 -53.91 25.45
N SER C 494 -47.54 -53.77 25.13
CA SER C 494 -47.96 -53.28 23.82
C SER C 494 -47.79 -51.77 23.65
N LEU C 495 -47.31 -51.06 24.65
CA LEU C 495 -47.12 -49.61 24.58
C LEU C 495 -45.67 -49.27 24.20
N SER C 496 -45.49 -48.52 23.12
CA SER C 496 -44.13 -48.13 22.78
C SER C 496 -43.59 -47.13 23.80
N ARG C 497 -44.48 -46.36 24.43
CA ARG C 497 -44.09 -45.34 25.37
C ARG C 497 -43.55 -45.90 26.66
N GLN C 498 -43.56 -47.21 26.81
CA GLN C 498 -42.98 -47.85 27.98
C GLN C 498 -41.72 -48.63 27.68
N GLN C 499 -41.23 -48.55 26.45
CA GLN C 499 -40.04 -49.28 26.02
C GLN C 499 -38.81 -48.38 26.04
N TRP C 500 -37.68 -48.94 26.46
CA TRP C 500 -36.44 -48.21 26.54
C TRP C 500 -35.33 -49.07 25.97
N THR C 501 -34.34 -48.40 25.39
CA THR C 501 -33.08 -49.01 25.00
C THR C 501 -31.98 -48.30 25.77
N LEU C 502 -31.13 -49.07 26.43
CA LEU C 502 -30.09 -48.53 27.28
C LEU C 502 -28.73 -48.73 26.60
N GLU C 503 -28.01 -47.63 26.43
CA GLU C 503 -26.72 -47.71 25.76
C GLU C 503 -25.83 -48.65 26.55
N ASN C 504 -25.07 -49.48 25.83
CA ASN C 504 -24.10 -50.41 26.40
C ASN C 504 -24.74 -51.48 27.30
N TYR C 505 -26.00 -51.84 27.07
CA TYR C 505 -26.61 -52.86 27.91
C TYR C 505 -25.88 -54.18 27.75
N ASP C 506 -25.47 -54.78 28.87
CA ASP C 506 -24.70 -56.01 28.83
C ASP C 506 -25.39 -57.03 29.74
N SER C 507 -26.02 -58.04 29.13
CA SER C 507 -26.72 -59.03 29.93
C SER C 507 -25.78 -59.77 30.86
N SER C 508 -24.53 -59.94 30.45
CA SER C 508 -23.58 -60.71 31.25
C SER C 508 -23.10 -59.94 32.46
N LYS C 509 -23.17 -58.61 32.42
CA LYS C 509 -22.80 -57.80 33.57
C LYS C 509 -23.83 -57.90 34.68
N LEU C 510 -24.98 -58.54 34.42
CA LEU C 510 -26.05 -58.68 35.39
C LEU C 510 -25.68 -59.60 36.54
N GLY D 3 53.11 69.39 -21.70
CA GLY D 3 54.03 68.33 -22.08
C GLY D 3 53.59 66.92 -21.71
N GLY D 4 53.19 66.16 -22.72
CA GLY D 4 52.68 64.83 -22.48
C GLY D 4 51.31 64.90 -21.83
N GLY D 5 50.90 63.75 -21.30
CA GLY D 5 49.62 63.61 -20.64
C GLY D 5 49.52 62.30 -19.89
N PRO D 6 48.30 61.87 -19.59
CA PRO D 6 48.13 60.56 -18.93
C PRO D 6 48.54 59.44 -19.88
N GLY D 7 49.34 58.50 -19.38
CA GLY D 7 49.82 57.36 -20.12
C GLY D 7 51.05 57.61 -20.97
N GLU D 8 51.61 58.82 -20.91
CA GLU D 8 52.76 59.19 -21.72
C GLU D 8 53.94 58.24 -21.48
N LEU D 9 54.66 57.94 -22.56
CA LEU D 9 55.81 57.04 -22.52
C LEU D 9 55.41 55.67 -22.00
N GLY D 10 54.13 55.32 -22.21
CA GLY D 10 53.58 54.02 -21.91
C GLY D 10 53.30 53.72 -20.44
N LYS D 11 53.46 54.68 -19.52
CA LYS D 11 53.17 54.42 -18.12
C LYS D 11 51.67 54.17 -17.90
N PRO D 12 51.31 53.44 -16.83
CA PRO D 12 49.91 53.03 -16.65
C PRO D 12 49.00 54.19 -16.24
N VAL D 13 47.70 53.94 -16.36
CA VAL D 13 46.66 54.85 -15.92
C VAL D 13 45.69 54.06 -15.06
N ARG D 14 45.51 54.48 -13.81
CA ARG D 14 44.59 53.84 -12.88
C ARG D 14 43.54 54.86 -12.46
N LEU D 15 42.27 54.45 -12.50
CA LEU D 15 41.21 55.36 -12.10
C LEU D 15 41.17 55.45 -10.58
N PRO D 16 40.62 56.57 -10.03
CA PRO D 16 40.59 56.76 -8.57
C PRO D 16 39.84 55.67 -7.79
N LYS D 17 39.80 55.83 -6.47
CA LYS D 17 39.14 54.86 -5.61
C LYS D 17 37.62 54.98 -5.68
N GLU D 18 37.06 56.03 -5.08
CA GLU D 18 35.61 56.23 -5.08
C GLU D 18 35.19 57.09 -6.26
N MET D 19 34.22 56.61 -7.01
CA MET D 19 33.72 57.28 -8.20
C MET D 19 32.25 57.63 -8.02
N SER D 20 31.83 58.65 -8.75
CA SER D 20 30.42 58.98 -8.80
C SER D 20 29.63 57.82 -9.41
N ASP D 21 28.31 57.95 -9.40
CA ASP D 21 27.48 56.95 -10.05
C ASP D 21 27.62 57.06 -11.58
N GLU D 22 27.61 58.29 -12.11
CA GLU D 22 27.80 58.50 -13.55
C GLU D 22 29.12 57.93 -14.02
N MET D 23 30.20 58.17 -13.26
CA MET D 23 31.51 57.71 -13.69
C MET D 23 31.59 56.19 -13.67
N LYS D 24 31.00 55.56 -12.65
CA LYS D 24 30.95 54.11 -12.62
C LYS D 24 30.19 53.56 -13.82
N LYS D 25 29.20 54.31 -14.33
CA LYS D 25 28.41 53.81 -15.46
C LYS D 25 29.23 53.78 -16.73
N ALA D 26 30.00 54.84 -16.98
CA ALA D 26 30.79 54.93 -18.21
C ALA D 26 31.93 53.93 -18.23
N VAL D 27 32.56 53.70 -17.08
CA VAL D 27 33.64 52.71 -17.02
C VAL D 27 33.09 51.33 -17.35
N ASP D 28 31.99 50.94 -16.71
CA ASP D 28 31.39 49.65 -17.00
C ASP D 28 30.82 49.61 -18.42
N ASP D 29 30.16 50.69 -18.84
CA ASP D 29 29.77 50.83 -20.24
C ASP D 29 30.99 50.61 -21.14
N GLY D 30 32.11 51.25 -20.81
CA GLY D 30 33.29 51.11 -21.64
C GLY D 30 33.80 49.69 -21.73
N TRP D 31 33.80 48.96 -20.59
CA TRP D 31 34.19 47.56 -20.61
C TRP D 31 33.20 46.71 -21.39
N THR D 32 31.90 47.03 -21.26
CA THR D 32 30.89 46.28 -22.00
C THR D 32 31.10 46.41 -23.50
N LYS D 33 31.32 47.64 -23.99
CA LYS D 33 31.41 47.87 -25.42
C LYS D 33 32.65 47.22 -26.03
N ASN D 34 33.81 47.25 -25.34
CA ASN D 34 35.07 46.91 -25.98
C ASN D 34 35.83 45.73 -25.40
N ALA D 35 35.53 45.31 -24.16
CA ALA D 35 36.33 44.31 -23.44
C ALA D 35 37.76 44.80 -23.15
N PHE D 36 37.93 46.11 -23.07
CA PHE D 36 39.07 46.75 -22.43
C PHE D 36 38.58 48.01 -21.75
N ASN D 37 39.48 48.75 -21.12
CA ASN D 37 39.05 49.89 -20.30
C ASN D 37 39.04 51.17 -21.15
N GLN D 38 37.89 51.44 -21.79
CA GLN D 38 37.80 52.59 -22.69
C GLN D 38 37.93 53.93 -21.97
N TYR D 39 37.36 54.05 -20.77
CA TYR D 39 37.45 55.32 -20.04
C TYR D 39 38.90 55.69 -19.81
N VAL D 40 39.73 54.72 -19.44
CA VAL D 40 41.16 55.02 -19.31
C VAL D 40 41.72 55.43 -20.66
N SER D 41 41.45 54.63 -21.70
CA SER D 41 41.96 54.94 -23.03
C SER D 41 41.58 56.34 -23.47
N ASP D 42 40.37 56.79 -23.11
CA ASP D 42 39.88 58.11 -23.49
C ASP D 42 40.68 59.23 -22.84
N LEU D 43 41.27 58.97 -21.68
CA LEU D 43 42.07 60.00 -21.05
C LEU D 43 43.47 60.10 -21.65
N ILE D 44 43.88 59.12 -22.45
CA ILE D 44 45.23 59.04 -23.00
C ILE D 44 45.28 59.70 -24.38
N SER D 45 46.36 60.44 -24.64
CA SER D 45 46.51 61.14 -25.91
C SER D 45 46.39 60.17 -27.08
N VAL D 46 45.75 60.63 -28.16
CA VAL D 46 45.73 59.80 -29.34
C VAL D 46 47.12 59.71 -29.96
N HIS D 47 47.97 60.70 -29.68
CA HIS D 47 49.37 60.68 -30.04
C HIS D 47 50.27 60.31 -28.86
N ARG D 48 49.80 59.44 -27.97
CA ARG D 48 50.57 59.12 -26.77
C ARG D 48 51.97 58.69 -27.15
N THR D 49 52.94 59.29 -26.47
CA THR D 49 54.33 58.99 -26.73
C THR D 49 54.69 57.63 -26.16
N LEU D 50 55.70 56.99 -26.75
CA LEU D 50 56.03 55.61 -26.43
C LEU D 50 57.52 55.44 -26.23
N PRO D 51 57.95 54.49 -25.41
CA PRO D 51 59.39 54.22 -25.30
C PRO D 51 59.90 53.40 -26.47
N ASP D 52 61.22 53.42 -26.66
CA ASP D 52 61.85 52.74 -27.78
C ASP D 52 62.17 51.30 -27.37
N PRO D 53 61.39 50.33 -27.83
CA PRO D 53 61.55 48.96 -27.34
C PRO D 53 62.70 48.20 -28.01
N ARG D 54 63.41 48.82 -28.93
CA ARG D 54 64.39 48.11 -29.72
C ARG D 54 65.64 47.83 -28.90
N ASP D 55 66.26 46.68 -29.18
CA ASP D 55 67.55 46.37 -28.60
C ASP D 55 68.63 47.29 -29.18
N ALA D 56 69.76 47.36 -28.49
CA ALA D 56 70.89 48.13 -29.03
C ALA D 56 71.26 47.62 -30.41
N TRP D 57 71.24 46.30 -30.62
CA TRP D 57 71.61 45.71 -31.90
C TRP D 57 70.77 46.25 -33.04
N CYS D 58 69.51 46.59 -32.77
CA CYS D 58 68.61 47.01 -33.84
C CYS D 58 68.91 48.43 -34.31
N LYS D 59 69.59 49.23 -33.50
CA LYS D 59 69.97 50.58 -33.89
C LYS D 59 71.34 50.65 -34.55
N ASP D 60 72.29 49.84 -34.09
CA ASP D 60 73.69 49.97 -34.45
C ASP D 60 74.19 48.89 -35.40
N GLU D 61 73.87 47.62 -35.15
CA GLU D 61 74.48 46.52 -35.88
C GLU D 61 73.58 45.96 -36.97
N ALA D 62 72.34 46.41 -37.06
CA ALA D 62 71.46 46.02 -38.15
C ALA D 62 71.50 47.12 -39.20
N ARG D 63 71.90 46.76 -40.41
CA ARG D 63 71.83 47.66 -41.55
C ARG D 63 70.78 47.15 -42.51
N TYR D 64 69.98 48.08 -43.01
CA TYR D 64 68.88 47.79 -43.89
C TYR D 64 69.13 48.39 -45.26
N LEU D 65 68.58 47.75 -46.29
CA LEU D 65 68.68 48.35 -47.61
C LEU D 65 68.06 49.74 -47.57
N THR D 66 68.66 50.66 -48.30
CA THR D 66 68.26 52.06 -48.17
C THR D 66 66.91 52.34 -48.84
N ASN D 67 66.58 51.59 -49.89
CA ASN D 67 65.35 51.77 -50.68
C ASN D 67 64.39 50.60 -50.46
N LEU D 68 63.27 50.87 -49.81
CA LEU D 68 62.34 49.83 -49.43
C LEU D 68 60.98 49.98 -50.12
N PRO D 69 60.26 48.87 -50.33
CA PRO D 69 58.98 48.95 -51.04
C PRO D 69 57.91 49.66 -50.23
N LYS D 70 57.14 50.50 -50.91
CA LYS D 70 55.99 51.17 -50.33
C LYS D 70 54.96 50.14 -49.83
N THR D 71 54.41 50.38 -48.64
CA THR D 71 53.42 49.47 -48.07
C THR D 71 52.12 50.22 -47.86
N ASP D 72 51.01 49.50 -48.01
CA ASP D 72 49.71 49.95 -47.55
C ASP D 72 49.47 49.33 -46.19
N VAL D 73 48.79 50.07 -45.33
CA VAL D 73 48.45 49.56 -44.01
C VAL D 73 46.95 49.39 -43.98
N ILE D 74 46.50 48.14 -43.81
CA ILE D 74 45.10 47.78 -43.83
C ILE D 74 44.67 47.54 -42.39
N ILE D 75 43.69 48.31 -41.91
CA ILE D 75 43.17 48.16 -40.55
C ILE D 75 41.68 47.87 -40.63
N CYS D 76 41.29 46.62 -40.40
CA CYS D 76 39.88 46.29 -40.30
C CYS D 76 39.37 46.54 -38.89
N PHE D 77 38.07 46.86 -38.78
CA PHE D 77 37.49 47.16 -37.49
C PHE D 77 36.00 46.91 -37.52
N HIS D 78 35.42 46.81 -36.31
CA HIS D 78 33.98 46.71 -36.12
C HIS D 78 33.65 47.26 -34.74
N ASN D 79 32.97 48.41 -34.72
CA ASN D 79 32.52 49.02 -33.48
C ASN D 79 33.69 49.36 -32.55
N GLU D 80 34.85 49.65 -33.12
CA GLU D 80 36.01 50.02 -32.32
C GLU D 80 35.81 51.37 -31.64
N ALA D 81 36.41 51.50 -30.46
CA ALA D 81 36.30 52.74 -29.73
C ALA D 81 37.08 53.82 -30.46
N TRP D 82 36.60 55.06 -30.33
CA TRP D 82 37.16 56.19 -31.06
C TRP D 82 38.65 56.37 -30.81
N THR D 83 39.01 56.62 -29.55
CA THR D 83 40.39 56.93 -29.20
C THR D 83 41.33 55.76 -29.52
N VAL D 84 40.82 54.52 -29.47
CA VAL D 84 41.69 53.38 -29.72
C VAL D 84 42.00 53.27 -31.22
N LEU D 85 40.96 53.33 -32.06
CA LEU D 85 41.18 53.29 -33.52
C LEU D 85 42.06 54.46 -33.97
N LEU D 86 41.76 55.66 -33.49
CA LEU D 86 42.55 56.82 -33.87
C LEU D 86 44.01 56.65 -33.48
N ARG D 87 44.28 56.16 -32.26
CA ARG D 87 45.66 56.02 -31.79
C ARG D 87 46.42 55.01 -32.64
N THR D 88 45.75 53.95 -33.08
CA THR D 88 46.41 53.01 -33.98
C THR D 88 46.79 53.70 -35.28
N VAL D 89 45.86 54.46 -35.88
CA VAL D 89 46.15 55.16 -37.12
C VAL D 89 47.22 56.22 -36.89
N HIS D 90 47.07 57.01 -35.82
CA HIS D 90 48.04 58.06 -35.58
C HIS D 90 49.43 57.48 -35.33
N SER D 91 49.52 56.31 -34.69
CA SER D 91 50.83 55.72 -34.48
C SER D 91 51.45 55.29 -35.81
N VAL D 92 50.64 54.84 -36.77
CA VAL D 92 51.18 54.49 -38.07
C VAL D 92 51.76 55.72 -38.76
N LEU D 93 50.96 56.78 -38.87
CA LEU D 93 51.44 58.00 -39.51
C LEU D 93 52.67 58.55 -38.82
N ASP D 94 52.60 58.67 -37.48
CA ASP D 94 53.63 59.42 -36.77
C ASP D 94 54.95 58.68 -36.69
N ARG D 95 54.95 57.35 -36.81
CA ARG D 95 56.16 56.59 -36.57
C ARG D 95 56.59 55.76 -37.78
N SER D 96 56.02 56.03 -38.95
CA SER D 96 56.48 55.42 -40.19
C SER D 96 57.02 56.48 -41.14
N PRO D 97 58.10 56.17 -41.86
CA PRO D 97 58.64 57.13 -42.82
C PRO D 97 57.63 57.34 -43.93
N GLU D 98 57.21 58.62 -44.10
CA GLU D 98 56.18 59.02 -45.04
C GLU D 98 56.32 58.31 -46.39
N HIS D 99 57.53 58.27 -46.92
CA HIS D 99 57.77 57.70 -48.24
C HIS D 99 57.60 56.20 -48.29
N LEU D 100 57.34 55.54 -47.16
CA LEU D 100 57.13 54.11 -47.12
C LEU D 100 55.67 53.72 -46.92
N ILE D 101 54.79 54.69 -46.67
CA ILE D 101 53.37 54.47 -46.50
C ILE D 101 52.67 54.98 -47.75
N GLY D 102 51.88 54.12 -48.39
CA GLY D 102 51.04 54.57 -49.47
C GLY D 102 49.70 55.04 -48.93
N LYS D 103 48.79 54.09 -48.70
CA LYS D 103 47.43 54.36 -48.25
C LYS D 103 47.13 53.62 -46.95
N ILE D 104 46.48 54.32 -46.01
CA ILE D 104 46.07 53.72 -44.74
C ILE D 104 44.59 53.37 -44.87
N ILE D 105 44.31 52.09 -45.08
CA ILE D 105 42.98 51.60 -45.44
C ILE D 105 42.27 51.13 -44.18
N LEU D 106 41.22 51.84 -43.80
CA LEU D 106 40.37 51.47 -42.69
C LEU D 106 39.14 50.78 -43.26
N VAL D 107 38.97 49.50 -42.97
CA VAL D 107 37.83 48.72 -43.46
C VAL D 107 36.78 48.65 -42.36
N ASP D 108 35.55 49.06 -42.69
CA ASP D 108 34.52 49.28 -41.68
C ASP D 108 33.80 48.00 -41.28
N ASP D 109 33.46 47.14 -42.23
CA ASP D 109 32.71 45.91 -41.93
C ASP D 109 31.46 46.20 -41.09
N TYR D 110 30.64 47.14 -41.57
CA TYR D 110 29.26 47.30 -41.09
C TYR D 110 29.21 47.59 -39.59
N SER D 111 30.09 48.46 -39.12
CA SER D 111 29.95 48.95 -37.75
C SER D 111 28.68 49.78 -37.64
N ASP D 112 28.08 49.77 -36.46
CA ASP D 112 26.83 50.51 -36.25
C ASP D 112 26.98 51.72 -35.35
N MET D 113 28.11 51.88 -34.68
CA MET D 113 28.24 52.96 -33.71
C MET D 113 28.46 54.31 -34.40
N PRO D 114 27.75 55.35 -33.96
CA PRO D 114 27.79 56.65 -34.68
C PRO D 114 29.16 57.27 -34.86
N HIS D 115 30.05 57.18 -33.86
CA HIS D 115 31.33 57.89 -33.96
C HIS D 115 32.22 57.35 -35.08
N LEU D 116 31.95 56.14 -35.58
CA LEU D 116 32.72 55.63 -36.71
C LEU D 116 32.04 55.87 -38.06
N LYS D 117 30.92 56.60 -38.10
CA LYS D 117 30.28 56.84 -39.38
C LYS D 117 30.79 58.15 -39.93
N ARG D 118 29.96 59.18 -39.95
CA ARG D 118 30.41 60.45 -40.50
C ARG D 118 31.50 61.07 -39.64
N GLN D 119 31.41 60.91 -38.31
CA GLN D 119 32.40 61.49 -37.41
C GLN D 119 33.82 61.08 -37.78
N LEU D 120 33.98 59.81 -38.15
CA LEU D 120 35.28 59.30 -38.59
C LEU D 120 35.72 59.95 -39.88
N GLU D 121 34.79 60.08 -40.84
CA GLU D 121 35.08 60.68 -42.15
C GLU D 121 35.53 62.13 -42.04
N ASP D 122 34.84 62.93 -41.24
CA ASP D 122 35.25 64.32 -41.11
C ASP D 122 36.66 64.44 -40.51
N TYR D 123 36.96 63.59 -39.52
CA TYR D 123 38.24 63.67 -38.81
C TYR D 123 39.42 63.39 -39.73
N PHE D 124 39.36 62.28 -40.48
CA PHE D 124 40.45 61.90 -41.37
C PHE D 124 40.34 62.56 -42.74
N ALA D 125 39.43 63.53 -42.89
CA ALA D 125 39.37 64.28 -44.14
C ALA D 125 40.66 65.02 -44.40
N ALA D 126 41.27 65.58 -43.37
CA ALA D 126 42.52 66.33 -43.53
C ALA D 126 43.69 65.44 -43.93
N TYR D 127 43.61 64.13 -43.65
CA TYR D 127 44.73 63.21 -43.82
C TYR D 127 44.59 62.50 -45.16
N PRO D 128 45.25 62.97 -46.22
CA PRO D 128 44.97 62.44 -47.56
C PRO D 128 45.29 60.97 -47.72
N LYS D 129 46.19 60.43 -46.89
CA LYS D 129 46.59 59.04 -47.01
C LYS D 129 45.55 58.06 -46.45
N VAL D 130 44.56 58.53 -45.72
CA VAL D 130 43.61 57.65 -45.05
C VAL D 130 42.37 57.51 -45.93
N GLN D 131 42.04 56.28 -46.32
CA GLN D 131 40.81 55.99 -47.04
C GLN D 131 40.00 54.95 -46.27
N ILE D 132 38.68 55.14 -46.30
CA ILE D 132 37.74 54.33 -45.51
C ILE D 132 36.91 53.47 -46.46
N ILE D 133 36.97 52.15 -46.26
CA ILE D 133 36.21 51.20 -47.04
C ILE D 133 35.04 50.75 -46.18
N ARG D 134 33.83 50.72 -46.74
CA ARG D 134 32.65 50.35 -45.95
C ARG D 134 32.03 49.09 -46.53
N GLY D 135 31.93 48.06 -45.69
CA GLY D 135 31.27 46.84 -46.12
C GLY D 135 29.77 47.01 -46.16
N GLN D 136 29.15 46.29 -47.10
CA GLN D 136 27.73 46.45 -47.36
C GLN D 136 26.85 45.63 -46.43
N LYS D 137 27.44 44.74 -45.62
CA LYS D 137 26.81 43.98 -44.55
C LYS D 137 27.89 43.20 -43.81
N ARG D 138 27.70 42.92 -42.52
CA ARG D 138 28.71 42.25 -41.70
C ARG D 138 29.23 40.97 -42.34
N GLU D 139 30.54 40.90 -42.51
CA GLU D 139 31.14 39.73 -43.13
C GLU D 139 32.34 39.19 -42.38
N GLY D 140 32.79 39.86 -41.33
CA GLY D 140 33.86 39.34 -40.52
C GLY D 140 35.24 39.83 -40.92
N LEU D 141 36.18 39.61 -40.00
CA LEU D 141 37.57 40.02 -40.21
C LEU D 141 38.17 39.45 -41.49
N ILE D 142 37.93 38.17 -41.76
CA ILE D 142 38.58 37.52 -42.90
C ILE D 142 38.18 38.18 -44.21
N ARG D 143 36.88 38.27 -44.47
CA ARG D 143 36.45 38.84 -45.74
C ARG D 143 36.80 40.32 -45.81
N ALA D 144 36.86 41.00 -44.67
CA ALA D 144 37.25 42.40 -44.66
C ALA D 144 38.71 42.57 -45.07
N ARG D 145 39.61 41.72 -44.55
CA ARG D 145 40.99 41.79 -45.02
C ARG D 145 41.11 41.54 -46.52
N ILE D 146 40.24 40.70 -47.08
CA ILE D 146 40.29 40.50 -48.52
C ILE D 146 39.76 41.74 -49.22
N LEU D 147 38.74 42.37 -48.65
CA LEU D 147 38.23 43.62 -49.21
C LEU D 147 39.29 44.69 -49.21
N GLY D 148 40.03 44.79 -48.11
CA GLY D 148 41.11 45.77 -48.03
C GLY D 148 42.22 45.49 -49.02
N ALA D 149 42.57 44.22 -49.21
CA ALA D 149 43.61 43.87 -50.16
C ALA D 149 43.25 44.30 -51.58
N ASN D 150 41.97 44.34 -51.91
CA ASN D 150 41.58 44.71 -53.27
C ASN D 150 41.65 46.21 -53.52
N HIS D 151 41.43 47.05 -52.48
CA HIS D 151 41.58 48.49 -52.67
C HIS D 151 43.02 48.95 -52.66
N ALA D 152 43.95 48.07 -52.32
CA ALA D 152 45.33 48.44 -52.09
C ALA D 152 46.12 48.33 -53.38
N LYS D 153 47.00 49.31 -53.62
CA LYS D 153 47.73 49.34 -54.87
C LYS D 153 49.25 49.27 -54.70
N SER D 154 49.74 49.37 -53.48
CA SER D 154 51.16 49.34 -53.20
C SER D 154 51.71 47.92 -53.33
N PRO D 155 53.03 47.76 -53.48
CA PRO D 155 53.59 46.41 -53.64
C PRO D 155 53.50 45.57 -52.39
N VAL D 156 53.29 46.19 -51.23
CA VAL D 156 53.30 45.49 -49.96
C VAL D 156 52.02 45.79 -49.20
N LEU D 157 51.44 44.77 -48.56
CA LEU D 157 50.34 44.92 -47.63
C LEU D 157 50.86 44.75 -46.22
N THR D 158 50.38 45.58 -45.31
CA THR D 158 50.67 45.42 -43.89
C THR D 158 49.37 45.48 -43.13
N TYR D 159 49.14 44.49 -42.28
CA TYR D 159 47.89 44.37 -41.52
C TYR D 159 48.13 44.72 -40.07
N LEU D 160 47.14 45.39 -39.48
CA LEU D 160 47.12 45.70 -38.07
C LEU D 160 45.69 45.61 -37.59
N ASP D 161 45.54 45.09 -36.38
CA ASP D 161 44.28 45.22 -35.67
C ASP D 161 44.00 46.69 -35.38
N SER D 162 42.74 46.99 -35.11
CA SER D 162 42.39 48.38 -34.84
C SER D 162 42.75 48.82 -33.42
N HIS D 163 43.25 47.91 -32.58
CA HIS D 163 43.62 48.26 -31.22
C HIS D 163 45.11 48.03 -31.02
N CYS D 164 45.93 48.68 -31.85
CA CYS D 164 47.37 48.52 -31.85
C CYS D 164 48.05 49.85 -31.60
N GLU D 165 49.36 49.78 -31.32
CA GLU D 165 50.21 50.96 -31.26
C GLU D 165 51.58 50.59 -31.80
N CYS D 166 51.99 51.28 -32.87
CA CYS D 166 53.30 51.07 -33.47
C CYS D 166 54.39 51.75 -32.66
N THR D 167 55.59 51.18 -32.70
CA THR D 167 56.72 51.69 -31.94
C THR D 167 57.73 52.34 -32.86
N GLU D 168 58.64 53.09 -32.24
CA GLU D 168 59.72 53.73 -32.98
C GLU D 168 60.51 52.70 -33.77
N GLY D 169 60.74 53.00 -35.04
CA GLY D 169 61.53 52.13 -35.89
C GLY D 169 60.83 50.87 -36.33
N TRP D 170 59.50 50.85 -36.32
CA TRP D 170 58.82 49.58 -36.52
C TRP D 170 58.78 49.16 -37.97
N LEU D 171 58.70 50.10 -38.90
CA LEU D 171 58.34 49.70 -40.23
C LEU D 171 59.52 49.18 -41.04
N GLU D 172 60.67 49.87 -40.95
CA GLU D 172 61.80 49.54 -41.81
C GLU D 172 62.23 48.08 -41.72
N PRO D 173 62.46 47.50 -40.53
CA PRO D 173 62.98 46.13 -40.50
C PRO D 173 62.01 45.11 -41.05
N LEU D 174 60.71 45.37 -40.99
CA LEU D 174 59.77 44.48 -41.65
C LEU D 174 59.92 44.56 -43.15
N LEU D 175 59.86 45.77 -43.71
CA LEU D 175 60.02 45.92 -45.16
C LEU D 175 61.36 45.38 -45.65
N ASP D 176 62.41 45.45 -44.81
CA ASP D 176 63.72 45.03 -45.27
C ASP D 176 63.70 43.59 -45.75
N ARG D 177 63.00 42.70 -45.05
CA ARG D 177 62.99 41.30 -45.45
C ARG D 177 62.34 41.11 -46.82
N ILE D 178 61.23 41.79 -47.08
CA ILE D 178 60.58 41.66 -48.38
C ILE D 178 61.46 42.28 -49.45
N ALA D 179 62.08 43.41 -49.13
CA ALA D 179 62.99 44.05 -50.09
C ALA D 179 64.13 43.14 -50.50
N ARG D 180 64.45 42.12 -49.70
CA ARG D 180 65.45 41.14 -50.08
C ARG D 180 64.84 40.04 -50.93
N ASN D 181 63.61 39.66 -50.59
CA ASN D 181 62.93 38.53 -51.23
C ASN D 181 61.45 38.64 -50.90
N SER D 182 60.63 38.90 -51.91
CA SER D 182 59.20 39.22 -51.75
C SER D 182 58.36 38.01 -51.32
N THR D 183 58.93 36.82 -51.40
CA THR D 183 58.33 35.55 -51.01
C THR D 183 58.29 35.37 -49.50
N THR D 184 58.80 36.35 -48.76
CA THR D 184 58.97 36.24 -47.33
C THR D 184 57.93 37.10 -46.62
N VAL D 185 57.16 36.47 -45.77
CA VAL D 185 56.17 37.15 -44.95
C VAL D 185 56.78 37.44 -43.59
N VAL D 186 56.49 38.61 -43.04
CA VAL D 186 57.13 39.06 -41.82
C VAL D 186 56.05 39.51 -40.85
N CYS D 187 56.28 39.24 -39.58
CA CYS D 187 55.47 39.71 -38.50
C CYS D 187 56.35 40.45 -37.51
N PRO D 188 55.86 41.52 -36.90
CA PRO D 188 56.61 42.13 -35.82
C PRO D 188 56.50 41.27 -34.59
N VAL D 189 57.41 41.53 -33.66
CA VAL D 189 57.20 41.08 -32.30
C VAL D 189 56.02 41.84 -31.75
N ILE D 190 55.06 41.12 -31.17
CA ILE D 190 53.80 41.70 -30.72
C ILE D 190 53.85 41.85 -29.21
N ASP D 191 53.95 43.10 -28.73
CA ASP D 191 54.00 43.38 -27.30
C ASP D 191 52.59 43.55 -26.74
N VAL D 192 52.51 43.67 -25.41
CA VAL D 192 51.24 43.69 -24.69
C VAL D 192 50.92 45.09 -24.23
N ILE D 193 49.73 45.59 -24.63
CA ILE D 193 49.11 46.77 -24.03
C ILE D 193 48.07 46.28 -23.04
N SER D 194 48.15 46.82 -21.82
CA SER D 194 47.32 46.36 -20.71
C SER D 194 45.84 46.48 -21.01
N ASP D 195 45.13 45.42 -20.62
CA ASP D 195 43.68 45.40 -20.61
C ASP D 195 43.12 46.56 -19.78
N GLU D 196 43.62 46.71 -18.55
CA GLU D 196 43.05 47.62 -17.56
C GLU D 196 43.66 49.00 -17.56
N THR D 197 44.98 49.11 -17.74
CA THR D 197 45.68 50.37 -17.53
C THR D 197 46.40 50.91 -18.74
N LEU D 198 46.38 50.20 -19.88
CA LEU D 198 47.00 50.62 -21.13
C LEU D 198 48.49 50.85 -21.01
N GLU D 199 49.12 50.33 -19.96
CA GLU D 199 50.58 50.36 -19.90
C GLU D 199 51.15 49.58 -21.07
N TYR D 200 52.33 49.98 -21.53
CA TYR D 200 53.01 49.33 -22.64
C TYR D 200 54.16 48.48 -22.09
N HIS D 201 54.19 47.21 -22.49
CA HIS D 201 55.09 46.22 -21.92
C HIS D 201 55.99 45.68 -23.04
N TYR D 202 57.28 46.01 -22.98
CA TYR D 202 58.25 45.57 -23.96
C TYR D 202 59.38 44.82 -23.28
N ARG D 203 59.91 43.81 -23.98
CA ARG D 203 60.89 42.92 -23.39
C ARG D 203 62.14 42.83 -24.25
N ASP D 204 63.19 42.35 -23.58
CA ASP D 204 64.49 42.03 -24.17
C ASP D 204 64.33 41.09 -25.37
N SER D 205 65.21 41.27 -26.36
CA SER D 205 65.21 40.37 -27.51
C SER D 205 65.48 38.92 -27.14
N GLY D 206 65.86 38.65 -25.89
CA GLY D 206 66.03 37.26 -25.46
C GLY D 206 64.73 36.48 -25.40
N GLY D 207 63.74 37.00 -24.69
CA GLY D 207 62.50 36.26 -24.53
C GLY D 207 61.55 36.34 -25.71
N VAL D 208 62.03 35.98 -26.90
CA VAL D 208 61.22 36.08 -28.12
C VAL D 208 60.59 34.72 -28.39
N ASN D 209 59.29 34.74 -28.69
CA ASN D 209 58.53 33.53 -29.00
C ASN D 209 58.16 33.47 -30.48
N VAL D 210 58.09 32.24 -30.96
CA VAL D 210 57.84 31.90 -32.36
C VAL D 210 56.56 31.05 -32.43
N GLY D 211 55.84 31.16 -33.54
CA GLY D 211 54.49 30.60 -33.62
C GLY D 211 54.44 29.12 -33.97
N GLY D 212 53.49 28.41 -33.37
CA GLY D 212 53.20 27.01 -33.70
C GLY D 212 51.71 26.71 -33.67
N PHE D 213 51.31 25.46 -33.47
CA PHE D 213 49.88 25.17 -33.33
C PHE D 213 49.67 23.92 -32.50
N ASP D 214 48.52 23.88 -31.80
CA ASP D 214 48.02 22.71 -31.10
C ASP D 214 47.22 21.86 -32.07
N TRP D 215 47.05 20.57 -31.74
CA TRP D 215 46.34 19.64 -32.62
C TRP D 215 44.83 19.74 -32.52
N ASN D 216 44.33 20.76 -31.84
CA ASN D 216 42.98 21.23 -32.08
C ASN D 216 42.98 22.37 -33.09
N LEU D 217 44.09 22.52 -33.82
CA LEU D 217 44.30 23.56 -34.83
C LEU D 217 44.11 24.96 -34.25
N GLN D 218 44.69 25.19 -33.07
CA GLN D 218 44.70 26.53 -32.48
C GLN D 218 46.14 27.03 -32.38
N PHE D 219 46.33 28.29 -32.72
CA PHE D 219 47.66 28.87 -32.63
C PHE D 219 48.18 28.85 -31.20
N SER D 220 49.50 28.73 -31.08
CA SER D 220 50.16 28.77 -29.78
C SER D 220 51.61 29.20 -29.95
N TRP D 221 52.14 29.81 -28.89
CA TRP D 221 53.53 30.22 -28.84
C TRP D 221 54.41 29.09 -28.29
N HIS D 222 55.64 29.01 -28.79
CA HIS D 222 56.70 28.20 -28.21
C HIS D 222 57.98 29.00 -28.36
N PRO D 223 58.97 28.77 -27.50
CA PRO D 223 60.22 29.54 -27.61
C PRO D 223 61.07 29.04 -28.79
N VAL D 224 61.96 29.92 -29.22
CA VAL D 224 62.75 29.67 -30.43
C VAL D 224 63.59 28.42 -30.25
N PRO D 225 63.42 27.40 -31.08
CA PRO D 225 64.19 26.16 -30.92
C PRO D 225 65.68 26.41 -31.08
N GLU D 226 66.47 25.51 -30.51
CA GLU D 226 67.91 25.68 -30.60
C GLU D 226 68.38 25.54 -32.05
N ARG D 227 67.76 24.63 -32.80
CA ARG D 227 68.07 24.49 -34.22
C ARG D 227 68.04 25.85 -34.90
N GLU D 228 67.01 26.63 -34.58
CA GLU D 228 66.94 27.99 -35.08
C GLU D 228 67.94 28.90 -34.36
N ARG D 229 68.03 28.80 -33.04
CA ARG D 229 68.87 29.73 -32.29
C ARG D 229 70.32 29.66 -32.79
N LYS D 230 70.71 28.51 -33.32
CA LYS D 230 72.00 28.21 -33.93
C LYS D 230 72.12 28.78 -35.33
N ARG D 231 71.08 29.39 -35.86
CA ARG D 231 71.16 30.03 -37.17
C ARG D 231 71.66 31.47 -37.07
N HIS D 232 71.99 31.93 -35.86
CA HIS D 232 72.09 33.37 -35.66
C HIS D 232 73.22 33.75 -34.71
N ASN D 233 74.01 34.75 -35.13
CA ASN D 233 75.06 35.32 -34.31
C ASN D 233 74.45 36.12 -33.15
N SER D 234 73.28 36.72 -33.38
CA SER D 234 72.58 37.52 -32.38
C SER D 234 71.11 37.16 -32.37
N THR D 235 70.52 37.25 -31.18
CA THR D 235 69.12 36.91 -31.04
C THR D 235 68.19 37.99 -31.56
N ALA D 236 68.70 39.17 -31.95
CA ALA D 236 67.81 40.19 -32.51
C ALA D 236 67.57 40.04 -34.02
N GLU D 237 68.32 39.20 -34.71
CA GLU D 237 68.08 38.98 -36.13
C GLU D 237 66.72 38.33 -36.31
N PRO D 238 66.12 38.51 -37.47
CA PRO D 238 64.84 37.82 -37.74
C PRO D 238 65.00 36.30 -37.72
N VAL D 239 64.00 35.65 -37.15
CA VAL D 239 64.00 34.20 -36.98
C VAL D 239 62.80 33.62 -37.71
N TYR D 240 62.97 32.43 -38.28
CA TYR D 240 61.86 31.68 -38.84
C TYR D 240 60.82 31.37 -37.79
N SER D 241 59.56 31.34 -38.22
CA SER D 241 58.45 30.95 -37.34
C SER D 241 57.50 30.08 -38.16
N PRO D 242 57.25 28.85 -37.75
CA PRO D 242 56.42 27.96 -38.57
C PRO D 242 55.00 28.47 -38.79
N THR D 243 54.57 29.50 -38.05
CA THR D 243 53.19 29.95 -37.98
C THR D 243 53.15 31.36 -37.39
N MET D 244 52.16 32.16 -37.80
CA MET D 244 51.98 33.54 -37.32
C MET D 244 50.77 33.66 -36.41
N ALA D 245 50.81 34.67 -35.54
CA ALA D 245 49.66 34.96 -34.69
C ALA D 245 48.46 35.36 -35.53
N GLY D 246 48.69 36.07 -36.65
CA GLY D 246 47.62 36.37 -37.60
C GLY D 246 47.14 37.78 -37.89
N GLY D 247 46.89 38.60 -36.87
CA GLY D 247 46.41 39.95 -37.15
C GLY D 247 47.46 40.96 -37.58
N LEU D 248 48.74 40.70 -37.31
CA LEU D 248 49.79 41.68 -37.53
C LEU D 248 50.86 41.06 -38.42
N PHE D 249 50.94 41.51 -39.67
CA PHE D 249 51.92 40.95 -40.60
C PHE D 249 51.99 41.79 -41.87
N SER D 250 53.02 41.52 -42.67
CA SER D 250 53.27 42.23 -43.92
C SER D 250 53.67 41.24 -45.00
N ILE D 251 53.10 41.41 -46.19
CA ILE D 251 53.29 40.45 -47.27
C ILE D 251 53.24 41.22 -48.57
N ASP D 252 53.89 40.67 -49.61
CA ASP D 252 53.83 41.26 -50.94
C ASP D 252 52.43 41.08 -51.53
N ARG D 253 51.81 42.18 -51.96
CA ARG D 253 50.44 42.15 -52.44
C ARG D 253 50.25 41.08 -53.51
N GLU D 254 51.14 41.03 -54.50
CA GLU D 254 50.97 40.06 -55.58
C GLU D 254 51.16 38.64 -55.04
N PHE D 255 52.12 38.46 -54.13
CA PHE D 255 52.33 37.15 -53.55
C PHE D 255 51.13 36.74 -52.71
N PHE D 256 50.58 37.66 -51.92
CA PHE D 256 49.33 37.38 -51.23
C PHE D 256 48.25 36.85 -52.20
N ASP D 257 48.07 37.52 -53.35
CA ASP D 257 47.08 37.00 -54.30
C ASP D 257 47.47 35.61 -54.80
N ARG D 258 48.76 35.41 -55.15
CA ARG D 258 49.21 34.14 -55.69
C ARG D 258 48.89 32.98 -54.75
N LEU D 259 49.13 33.17 -53.47
CA LEU D 259 48.87 32.21 -52.42
C LEU D 259 47.41 32.02 -52.18
N GLY D 260 46.55 32.62 -53.01
CA GLY D 260 45.12 32.44 -52.83
C GLY D 260 44.51 33.27 -51.74
N THR D 261 45.17 34.34 -51.30
CA THR D 261 44.72 35.25 -50.24
C THR D 261 44.27 34.40 -49.04
N TYR D 262 43.13 34.67 -48.42
CA TYR D 262 42.56 33.82 -47.38
C TYR D 262 41.47 32.95 -47.98
N ASP D 263 41.23 31.78 -47.37
CA ASP D 263 40.09 30.97 -47.81
C ASP D 263 38.79 31.73 -47.53
N SER D 264 38.14 32.21 -48.60
CA SER D 264 36.96 33.05 -48.48
C SER D 264 35.81 32.34 -47.76
N GLY D 265 35.79 31.00 -47.80
CA GLY D 265 34.72 30.25 -47.20
C GLY D 265 34.82 30.05 -45.71
N PHE D 266 35.86 30.59 -45.08
CA PHE D 266 35.89 30.61 -43.62
C PHE D 266 34.75 31.48 -43.14
N ASP D 267 34.15 31.14 -42.02
CA ASP D 267 33.17 32.03 -41.42
C ASP D 267 33.78 32.81 -40.25
N ILE D 268 33.07 33.87 -39.84
CA ILE D 268 33.50 34.82 -38.81
C ILE D 268 35.02 34.98 -38.71
N TRP D 269 35.65 34.39 -37.70
CA TRP D 269 37.10 34.46 -37.60
C TRP D 269 37.68 33.13 -37.13
N GLY D 270 38.99 33.01 -37.29
CA GLY D 270 39.71 31.90 -36.73
C GLY D 270 40.25 30.89 -37.73
N GLY D 271 41.57 30.85 -37.86
CA GLY D 271 42.25 29.84 -38.65
C GLY D 271 42.78 30.34 -39.97
N GLU D 272 42.40 31.55 -40.37
CA GLU D 272 43.03 32.12 -41.55
C GLU D 272 44.53 32.25 -41.32
N ASN D 273 44.92 32.62 -40.11
CA ASN D 273 46.33 32.76 -39.78
C ASN D 273 47.08 31.45 -40.01
N LEU D 274 46.51 30.33 -39.62
CA LEU D 274 47.22 29.09 -39.85
C LEU D 274 47.29 28.77 -41.35
N GLU D 275 46.20 29.03 -42.08
CA GLU D 275 46.22 28.77 -43.53
C GLU D 275 47.30 29.58 -44.22
N LEU D 276 47.29 30.90 -44.00
CA LEU D 276 48.35 31.73 -44.58
C LEU D 276 49.73 31.25 -44.12
N SER D 277 49.84 30.75 -42.89
CA SER D 277 51.10 30.19 -42.41
C SER D 277 51.49 28.95 -43.22
N PHE D 278 50.57 27.97 -43.30
CA PHE D 278 50.89 26.72 -43.98
C PHE D 278 51.19 26.96 -45.45
N LYS D 279 50.39 27.81 -46.10
CA LYS D 279 50.59 28.10 -47.52
C LYS D 279 51.94 28.75 -47.76
N THR D 280 52.30 29.73 -46.92
CA THR D 280 53.54 30.46 -47.10
C THR D 280 54.75 29.53 -47.19
N TRP D 281 54.87 28.58 -46.27
CA TRP D 281 56.03 27.70 -46.32
C TRP D 281 55.90 26.70 -47.47
N MET D 282 54.71 26.10 -47.63
CA MET D 282 54.57 24.95 -48.50
C MET D 282 54.57 25.30 -49.97
N CYS D 283 54.35 26.56 -50.30
CA CYS D 283 54.19 26.94 -51.70
C CYS D 283 55.22 27.97 -52.08
N GLY D 284 56.44 27.82 -51.57
CA GLY D 284 57.48 28.75 -51.89
C GLY D 284 57.27 29.87 -50.90
N GLY D 285 58.32 30.42 -50.33
CA GLY D 285 58.09 31.43 -49.31
C GLY D 285 58.58 31.02 -47.94
N THR D 286 58.71 32.02 -47.08
CA THR D 286 59.15 31.82 -45.71
C THR D 286 58.40 32.78 -44.81
N LEU D 287 58.35 32.43 -43.53
CA LEU D 287 57.69 33.23 -42.51
C LEU D 287 58.70 33.55 -41.41
N GLU D 288 58.80 34.81 -41.04
CA GLU D 288 59.83 35.28 -40.14
C GLU D 288 59.20 36.18 -39.10
N ILE D 289 59.64 36.06 -37.85
CA ILE D 289 59.37 37.06 -36.83
C ILE D 289 60.61 37.93 -36.67
N VAL D 290 60.42 39.25 -36.75
CA VAL D 290 61.52 40.21 -36.81
C VAL D 290 61.61 40.93 -35.47
N PRO D 291 62.54 40.53 -34.59
CA PRO D 291 62.58 41.10 -33.24
C PRO D 291 62.97 42.56 -33.21
N CYS D 292 63.47 43.10 -34.32
CA CYS D 292 63.74 44.53 -34.34
C CYS D 292 62.47 45.37 -34.49
N SER D 293 61.34 44.76 -34.81
CA SER D 293 60.09 45.47 -35.08
C SER D 293 59.07 45.12 -34.00
N HIS D 294 58.69 46.11 -33.21
CA HIS D 294 57.73 45.93 -32.13
C HIS D 294 56.46 46.70 -32.45
N VAL D 295 55.30 46.06 -32.26
CA VAL D 295 54.02 46.73 -32.33
C VAL D 295 53.22 46.39 -31.09
N GLY D 296 52.69 47.39 -30.40
CA GLY D 296 51.88 47.13 -29.23
C GLY D 296 50.45 46.77 -29.62
N HIS D 297 49.87 45.86 -28.84
CA HIS D 297 48.51 45.34 -29.09
C HIS D 297 47.74 45.22 -27.78
N ILE D 298 46.47 45.58 -27.80
CA ILE D 298 45.60 45.46 -26.63
C ILE D 298 45.02 44.05 -26.62
N PHE D 299 45.60 43.17 -25.80
CA PHE D 299 45.08 41.81 -25.68
C PHE D 299 43.85 41.82 -24.76
N ARG D 300 42.81 41.07 -25.13
CA ARG D 300 41.55 41.08 -24.39
C ARG D 300 41.26 39.71 -23.76
N LYS D 301 40.56 39.73 -22.61
CA LYS D 301 40.18 38.48 -21.94
C LYS D 301 39.05 37.72 -22.66
N ARG D 302 38.20 38.40 -23.43
CA ARG D 302 37.11 37.75 -24.16
C ARG D 302 36.78 38.58 -25.39
N SER D 303 36.17 37.91 -26.43
CA SER D 303 35.82 38.74 -27.61
C SER D 303 34.36 39.17 -27.56
N PRO D 304 34.06 40.49 -27.70
CA PRO D 304 32.68 40.97 -27.57
C PRO D 304 31.93 41.06 -28.89
N TYR D 305 32.08 40.08 -29.77
CA TYR D 305 31.47 40.14 -31.09
C TYR D 305 30.30 39.18 -31.26
N ASN D 312 34.12 24.31 -31.44
CA ASN D 312 32.67 24.32 -31.63
C ASN D 312 32.21 24.96 -32.95
N VAL D 313 32.14 26.30 -33.01
CA VAL D 313 31.61 26.95 -34.21
C VAL D 313 32.68 27.09 -35.30
N LEU D 314 33.96 27.23 -34.88
CA LEU D 314 35.19 27.23 -35.66
C LEU D 314 35.61 25.83 -36.12
N LYS D 315 34.81 24.81 -35.82
CA LYS D 315 35.06 23.47 -36.37
C LYS D 315 35.15 23.55 -37.88
N LYS D 316 34.31 24.40 -38.49
CA LYS D 316 34.23 24.49 -39.94
C LYS D 316 35.53 24.98 -40.53
N ASN D 317 36.04 26.12 -40.02
CA ASN D 317 37.31 26.64 -40.49
C ASN D 317 38.44 25.65 -40.28
N SER D 318 38.42 24.94 -39.16
CA SER D 318 39.52 24.04 -38.89
C SER D 318 39.50 22.85 -39.84
N VAL D 319 38.30 22.33 -40.17
CA VAL D 319 38.22 21.18 -41.07
C VAL D 319 38.51 21.58 -42.50
N ARG D 320 38.07 22.77 -42.92
CA ARG D 320 38.46 23.28 -44.23
C ARG D 320 39.99 23.39 -44.34
N LEU D 321 40.62 23.94 -43.31
CA LEU D 321 42.07 24.05 -43.30
C LEU D 321 42.73 22.67 -43.41
N ALA D 322 42.16 21.67 -42.74
CA ALA D 322 42.80 20.35 -42.68
C ALA D 322 42.52 19.52 -43.93
N GLU D 323 41.30 19.56 -44.45
CA GLU D 323 41.01 18.82 -45.67
C GLU D 323 41.94 19.26 -46.81
N VAL D 324 42.25 20.55 -46.86
CA VAL D 324 43.00 21.12 -47.98
C VAL D 324 44.50 21.04 -47.78
N TRP D 325 45.00 21.36 -46.59
CA TRP D 325 46.42 21.63 -46.43
C TRP D 325 47.21 20.61 -45.63
N MET D 326 46.56 19.71 -44.87
CA MET D 326 47.29 18.88 -43.91
C MET D 326 47.44 17.42 -44.31
N ASP D 327 47.03 17.06 -45.53
CA ASP D 327 47.27 15.71 -46.10
C ASP D 327 46.84 14.66 -45.08
N GLU D 328 47.64 13.64 -44.80
CA GLU D 328 47.19 12.59 -43.93
C GLU D 328 47.13 13.04 -42.47
N TYR D 329 47.86 14.09 -42.11
CA TYR D 329 47.93 14.47 -40.70
C TYR D 329 46.62 15.08 -40.21
N SER D 330 45.68 15.35 -41.11
CA SER D 330 44.39 15.84 -40.67
C SER D 330 43.76 14.93 -39.64
N GLN D 331 44.07 13.62 -39.72
CA GLN D 331 43.43 12.64 -38.84
C GLN D 331 43.67 12.98 -37.38
N TYR D 332 44.80 13.61 -37.06
CA TYR D 332 45.02 13.88 -35.65
C TYR D 332 44.08 14.98 -35.16
N TYR D 333 43.68 15.91 -36.02
CA TYR D 333 42.69 16.88 -35.57
C TYR D 333 41.33 16.24 -35.41
N TYR D 334 40.95 15.35 -36.34
CA TYR D 334 39.63 14.76 -36.29
C TYR D 334 39.46 13.92 -35.04
N HIS D 335 40.54 13.27 -34.59
CA HIS D 335 40.50 12.56 -33.30
C HIS D 335 40.11 13.50 -32.18
N ARG D 336 40.66 14.71 -32.19
CA ARG D 336 40.42 15.59 -31.06
C ARG D 336 39.00 16.13 -31.02
N ILE D 337 38.28 16.11 -32.13
CA ILE D 337 36.90 16.54 -32.16
C ILE D 337 35.98 15.34 -32.31
N GLY D 338 36.49 14.15 -32.00
CA GLY D 338 35.65 12.97 -32.00
C GLY D 338 35.10 12.59 -33.34
N ASN D 339 35.75 13.01 -34.42
CA ASN D 339 35.26 12.73 -35.76
C ASN D 339 33.91 13.36 -36.03
N ASP D 340 33.52 14.31 -35.18
CA ASP D 340 32.35 15.15 -35.44
C ASP D 340 32.80 16.26 -36.39
N LYS D 341 32.98 15.85 -37.67
CA LYS D 341 33.53 16.78 -38.66
C LYS D 341 32.55 17.87 -39.08
N GLY D 342 31.24 17.58 -39.09
CA GLY D 342 30.28 18.58 -39.50
C GLY D 342 30.25 18.67 -41.01
N ASP D 343 29.90 19.85 -41.52
CA ASP D 343 29.85 20.10 -42.96
C ASP D 343 30.72 21.29 -43.28
N TRP D 344 31.93 21.04 -43.81
CA TRP D 344 32.85 22.12 -44.16
C TRP D 344 32.50 22.82 -45.47
N GLY D 345 31.47 22.38 -46.18
CA GLY D 345 31.09 23.09 -47.36
C GLY D 345 31.98 22.74 -48.53
N ASP D 346 31.81 23.50 -49.62
CA ASP D 346 32.60 23.25 -50.81
C ASP D 346 34.02 23.72 -50.62
N VAL D 347 34.96 22.83 -50.91
CA VAL D 347 36.36 23.08 -50.69
C VAL D 347 37.18 22.79 -51.95
N SER D 348 36.51 22.43 -53.04
CA SER D 348 37.17 21.99 -54.27
C SER D 348 38.12 23.04 -54.83
N ASP D 349 37.70 24.32 -54.87
CA ASP D 349 38.56 25.36 -55.43
C ASP D 349 39.87 25.49 -54.65
N ARG D 350 39.82 25.32 -53.32
CA ARG D 350 41.05 25.41 -52.53
C ARG D 350 41.95 24.23 -52.81
N ARG D 351 41.37 23.07 -53.07
CA ARG D 351 42.17 21.94 -53.51
C ARG D 351 42.77 22.25 -54.88
N LYS D 352 41.99 22.89 -55.74
CA LYS D 352 42.50 23.32 -57.04
C LYS D 352 43.67 24.28 -56.88
N LEU D 353 43.48 25.34 -56.08
CA LEU D 353 44.53 26.33 -55.84
C LEU D 353 45.82 25.68 -55.39
N ARG D 354 45.70 24.75 -54.44
CA ARG D 354 46.87 24.08 -53.88
C ARG D 354 47.59 23.25 -54.94
N ASN D 355 46.83 22.55 -55.78
CA ASN D 355 47.43 21.72 -56.83
C ASN D 355 48.10 22.59 -57.90
N ASP D 356 47.47 23.73 -58.25
CA ASP D 356 48.05 24.58 -59.28
C ASP D 356 49.35 25.21 -58.80
N LEU D 357 49.43 25.58 -57.52
CA LEU D 357 50.67 26.15 -57.01
C LEU D 357 51.79 25.12 -56.82
N LYS D 358 51.48 23.83 -56.85
CA LYS D 358 52.47 22.76 -56.66
C LYS D 358 53.24 22.94 -55.34
N CYS D 359 52.49 22.92 -54.24
CA CYS D 359 53.08 23.12 -52.93
C CYS D 359 53.77 21.85 -52.43
N LYS D 360 54.66 22.02 -51.45
CA LYS D 360 55.24 20.85 -50.81
C LYS D 360 54.17 20.17 -49.96
N SER D 361 54.39 18.91 -49.62
CA SER D 361 53.45 18.15 -48.80
C SER D 361 53.50 18.62 -47.35
N PHE D 362 52.48 18.22 -46.58
CA PHE D 362 52.46 18.63 -45.18
C PHE D 362 53.51 17.87 -44.36
N LYS D 363 53.87 16.65 -44.77
CA LYS D 363 55.02 15.99 -44.15
C LYS D 363 56.27 16.85 -44.30
N TRP D 364 56.50 17.39 -45.50
CA TRP D 364 57.65 18.25 -45.71
C TRP D 364 57.63 19.45 -44.76
N TYR D 365 56.44 19.99 -44.50
CA TYR D 365 56.35 21.14 -43.61
C TYR D 365 56.79 20.77 -42.21
N LEU D 366 56.26 19.67 -41.69
CA LEU D 366 56.64 19.21 -40.37
C LEU D 366 58.09 18.77 -40.35
N ASP D 367 58.53 18.06 -41.39
CA ASP D 367 59.87 17.50 -41.38
C ASP D 367 60.92 18.61 -41.36
N ASN D 368 60.66 19.72 -42.06
CA ASN D 368 61.66 20.78 -42.20
C ASN D 368 61.32 22.07 -41.46
N ILE D 369 60.05 22.47 -41.39
CA ILE D 369 59.75 23.75 -40.74
C ILE D 369 59.40 23.55 -39.27
N TYR D 370 58.68 22.50 -38.93
CA TYR D 370 58.16 22.34 -37.58
C TYR D 370 58.44 20.93 -37.04
N PRO D 371 59.72 20.51 -37.02
CA PRO D 371 60.05 19.17 -36.53
C PRO D 371 60.00 19.07 -35.02
N GLU D 372 59.95 20.21 -34.34
CA GLU D 372 59.81 20.24 -32.89
C GLU D 372 58.43 19.75 -32.47
N LEU D 373 57.43 19.88 -33.34
CA LEU D 373 56.04 19.57 -32.97
C LEU D 373 55.87 18.09 -32.70
N PHE D 374 55.24 17.78 -31.56
CA PHE D 374 54.96 16.41 -31.14
C PHE D 374 53.76 15.85 -31.92
N ILE D 375 53.96 14.71 -32.56
CA ILE D 375 52.93 14.10 -33.41
C ILE D 375 52.19 13.04 -32.60
N PRO D 376 50.88 13.18 -32.39
CA PRO D 376 50.17 12.17 -31.58
C PRO D 376 50.36 10.73 -32.02
N GLY D 377 50.51 10.46 -33.32
CA GLY D 377 50.69 9.09 -33.77
C GLY D 377 51.96 8.43 -33.29
N ASP D 378 52.95 9.22 -32.87
CA ASP D 378 54.21 8.73 -32.32
C ASP D 378 54.11 8.40 -30.84
N SER D 379 52.94 8.61 -30.22
CA SER D 379 52.76 8.49 -28.79
C SER D 379 52.68 7.05 -28.34
N VAL D 380 53.07 6.83 -27.08
CA VAL D 380 52.88 5.51 -26.48
C VAL D 380 51.41 5.16 -26.46
N ALA D 381 50.57 6.16 -26.21
CA ALA D 381 49.12 6.04 -26.32
C ALA D 381 48.56 7.42 -26.60
N HIS D 382 47.41 7.44 -27.26
CA HIS D 382 46.72 8.70 -27.54
C HIS D 382 45.23 8.41 -27.64
N GLY D 383 44.43 9.22 -26.96
CA GLY D 383 43.02 8.96 -26.87
C GLY D 383 42.48 9.11 -25.47
N GLU D 384 41.59 8.21 -25.06
CA GLU D 384 41.01 8.26 -23.73
C GLU D 384 41.87 7.47 -22.76
N ILE D 385 41.72 7.80 -21.49
CA ILE D 385 42.36 7.07 -20.43
C ILE D 385 41.26 6.56 -19.50
N ARG D 386 41.00 5.26 -19.56
CA ARG D 386 39.82 4.66 -18.94
C ARG D 386 40.19 3.92 -17.65
N ASN D 387 39.37 4.13 -16.63
CA ASN D 387 39.54 3.51 -15.32
C ASN D 387 38.66 2.29 -15.20
N LEU D 388 39.27 1.16 -14.88
CA LEU D 388 38.57 -0.11 -14.79
C LEU D 388 37.74 -0.24 -13.50
N GLY D 389 37.89 0.70 -12.58
CA GLY D 389 37.15 0.64 -11.33
C GLY D 389 35.70 1.07 -11.45
N TYR D 390 34.91 0.56 -10.52
CA TYR D 390 33.53 0.97 -10.26
C TYR D 390 32.73 1.11 -11.56
N GLY D 391 32.68 0.02 -12.32
CA GLY D 391 31.95 -0.03 -13.55
C GLY D 391 32.81 0.09 -14.80
N GLY D 392 33.93 0.80 -14.72
CA GLY D 392 34.75 0.93 -15.90
C GLY D 392 34.21 1.85 -16.98
N ARG D 393 33.45 2.87 -16.59
CA ARG D 393 32.88 3.84 -17.51
C ARG D 393 33.26 5.26 -17.11
N THR D 394 34.38 5.39 -16.42
CA THR D 394 34.89 6.66 -15.94
C THR D 394 36.21 6.96 -16.65
N CYS D 395 36.39 8.21 -17.03
CA CYS D 395 37.53 8.57 -17.85
C CYS D 395 38.27 9.74 -17.22
N LEU D 396 39.59 9.76 -17.44
CA LEU D 396 40.38 10.94 -17.11
C LEU D 396 39.92 12.09 -18.00
N ASP D 397 39.51 13.20 -17.37
CA ASP D 397 38.78 14.27 -18.08
C ASP D 397 39.08 15.59 -17.39
N ALA D 398 39.62 16.54 -18.14
CA ALA D 398 39.84 17.89 -17.65
C ALA D 398 40.08 18.79 -18.83
N PRO D 399 39.85 20.09 -18.68
CA PRO D 399 40.29 21.05 -19.69
C PRO D 399 41.70 21.58 -19.43
N ALA D 400 42.40 21.89 -20.54
CA ALA D 400 43.74 22.47 -20.56
C ALA D 400 43.69 23.97 -20.84
N GLY D 401 44.83 24.62 -20.67
CA GLY D 401 44.98 26.04 -20.89
C GLY D 401 45.46 26.77 -19.65
N LYS D 402 45.74 28.06 -19.82
CA LYS D 402 46.32 28.81 -18.71
C LYS D 402 45.28 29.22 -17.66
N LYS D 403 44.03 29.52 -18.05
CA LYS D 403 42.99 29.79 -17.05
C LYS D 403 42.71 28.56 -16.21
N HIS D 404 43.08 27.39 -16.72
CA HIS D 404 42.61 26.10 -16.25
C HIS D 404 43.72 25.35 -15.48
N GLN D 405 44.83 26.05 -15.21
CA GLN D 405 46.11 25.44 -14.82
C GLN D 405 46.20 25.20 -13.32
N LYS D 406 45.59 26.10 -12.53
CA LYS D 406 45.53 25.94 -11.09
C LYS D 406 44.39 25.00 -10.66
N LYS D 407 43.86 24.21 -11.56
CA LYS D 407 42.64 23.47 -11.30
C LYS D 407 42.91 21.98 -11.12
N ALA D 408 42.11 21.34 -10.27
CA ALA D 408 42.24 19.90 -10.09
C ALA D 408 41.69 19.13 -11.30
N VAL D 409 42.41 18.12 -11.73
CA VAL D 409 41.94 17.30 -12.84
C VAL D 409 40.96 16.28 -12.31
N GLY D 410 39.89 16.05 -13.04
CA GLY D 410 38.88 15.15 -12.53
C GLY D 410 38.50 13.99 -13.42
N THR D 411 37.37 13.38 -13.13
CA THR D 411 36.94 12.19 -13.86
C THR D 411 35.51 12.42 -14.33
N TYR D 412 35.12 11.64 -15.34
CA TYR D 412 33.86 11.92 -16.00
C TYR D 412 33.47 10.69 -16.82
N PRO D 413 32.17 10.47 -17.07
CA PRO D 413 31.79 9.28 -17.83
C PRO D 413 32.28 9.34 -19.25
N CYS D 414 32.85 8.24 -19.71
CA CYS D 414 33.49 8.16 -21.02
C CYS D 414 32.48 8.37 -22.13
N HIS D 415 32.70 9.41 -22.92
CA HIS D 415 32.07 9.59 -24.22
C HIS D 415 33.15 9.32 -25.23
N ARG D 416 32.96 8.31 -26.08
CA ARG D 416 34.06 7.91 -26.95
C ARG D 416 34.41 9.01 -27.93
N GLN D 417 33.49 9.91 -28.20
CA GLN D 417 33.79 11.04 -29.05
C GLN D 417 34.38 12.14 -28.18
N GLY D 418 35.20 12.98 -28.80
CA GLY D 418 35.66 14.22 -28.20
C GLY D 418 36.95 14.12 -27.41
N GLY D 419 37.32 15.28 -26.88
CA GLY D 419 38.70 15.49 -26.55
C GLY D 419 38.98 16.24 -25.28
N ASN D 420 37.96 16.60 -24.53
CA ASN D 420 38.30 16.92 -23.16
C ASN D 420 38.76 15.67 -22.43
N GLN D 421 38.54 14.51 -23.04
CA GLN D 421 39.06 13.23 -22.63
C GLN D 421 40.08 12.68 -23.62
N TYR D 422 40.86 13.55 -24.26
CA TYR D 422 41.93 13.15 -25.16
C TYR D 422 43.26 13.36 -24.47
N TRP D 423 44.10 12.34 -24.45
CA TRP D 423 45.37 12.44 -23.76
C TRP D 423 46.41 11.67 -24.55
N MET D 424 47.67 12.05 -24.39
CA MET D 424 48.78 11.32 -24.98
C MET D 424 49.77 10.92 -23.89
N LEU D 425 50.23 9.68 -23.96
CA LEU D 425 51.32 9.19 -23.13
C LEU D 425 52.57 9.28 -23.96
N SER D 426 53.45 10.23 -23.62
CA SER D 426 54.65 10.45 -24.41
C SER D 426 55.71 9.39 -24.11
N LYS D 427 56.74 9.34 -24.96
CA LYS D 427 57.86 8.47 -24.64
C LYS D 427 58.56 8.93 -23.36
N ALA D 428 58.46 10.24 -23.05
CA ALA D 428 59.09 10.85 -21.89
C ALA D 428 58.25 10.77 -20.62
N GLY D 429 57.28 9.85 -20.57
CA GLY D 429 56.49 9.67 -19.37
C GLY D 429 55.53 10.78 -19.06
N GLU D 430 55.15 11.58 -20.06
CA GLU D 430 54.17 12.65 -19.89
C GLU D 430 52.77 12.13 -20.18
N ILE D 431 51.83 12.49 -19.32
CA ILE D 431 50.41 12.40 -19.63
C ILE D 431 49.97 13.81 -20.00
N ARG D 432 49.69 14.03 -21.28
CA ARG D 432 49.59 15.41 -21.71
C ARG D 432 48.55 15.62 -22.80
N ARG D 433 48.23 16.90 -22.97
CA ARG D 433 47.47 17.43 -24.10
C ARG D 433 48.08 18.77 -24.49
N ASP D 434 48.82 18.82 -25.61
CA ASP D 434 49.21 20.09 -26.23
C ASP D 434 49.97 21.02 -25.28
N ASP D 435 51.12 20.57 -24.84
CA ASP D 435 51.96 21.39 -23.97
C ASP D 435 51.35 21.59 -22.58
N SER D 436 50.28 20.87 -22.22
CA SER D 436 49.84 20.81 -20.83
C SER D 436 50.08 19.39 -20.33
N CYS D 437 50.56 19.25 -19.08
CA CYS D 437 51.01 17.97 -18.54
C CYS D 437 50.39 17.67 -17.18
N LEU D 438 50.01 16.40 -16.95
CA LEU D 438 49.57 15.98 -15.62
C LEU D 438 50.70 16.09 -14.62
N ASP D 439 50.37 16.59 -13.42
CA ASP D 439 51.38 16.94 -12.43
C ASP D 439 50.82 16.72 -11.03
N TYR D 440 51.65 16.15 -10.15
CA TYR D 440 51.29 15.87 -8.77
C TYR D 440 52.43 16.25 -7.83
N ALA D 441 52.16 17.21 -6.96
CA ALA D 441 53.11 17.68 -5.98
C ALA D 441 52.58 17.49 -4.58
N GLY D 442 51.87 16.39 -4.36
CA GLY D 442 51.46 16.04 -3.02
C GLY D 442 50.13 16.60 -2.56
N LYS D 443 49.41 17.38 -3.37
CA LYS D 443 48.06 17.80 -3.02
C LYS D 443 47.10 17.16 -3.99
N ASP D 444 46.76 17.81 -5.11
CA ASP D 444 45.85 17.32 -6.12
C ASP D 444 46.63 17.11 -7.42
N VAL D 445 46.06 16.31 -8.32
CA VAL D 445 46.63 16.21 -9.67
C VAL D 445 46.19 17.43 -10.47
N THR D 446 47.15 18.07 -11.16
CA THR D 446 46.86 19.30 -11.88
C THR D 446 47.46 19.24 -13.29
N LEU D 447 46.92 20.09 -14.17
CA LEU D 447 47.40 20.22 -15.55
C LEU D 447 48.24 21.48 -15.61
N PHE D 448 49.52 21.32 -15.86
CA PHE D 448 50.47 22.42 -15.83
C PHE D 448 51.17 22.42 -17.17
N GLY D 449 51.78 23.56 -17.51
CA GLY D 449 52.63 23.61 -18.67
C GLY D 449 53.76 22.59 -18.61
N CYS D 450 53.92 21.81 -19.66
CA CYS D 450 55.01 20.84 -19.72
C CYS D 450 56.34 21.56 -19.68
N HIS D 451 57.19 21.22 -18.70
CA HIS D 451 58.53 21.80 -18.62
C HIS D 451 59.62 20.86 -19.10
N GLY D 452 59.28 19.64 -19.52
CA GLY D 452 60.27 18.75 -20.07
C GLY D 452 61.27 18.20 -19.09
N GLY D 453 60.98 18.27 -17.78
CA GLY D 453 61.92 17.85 -16.77
C GLY D 453 61.69 16.52 -16.07
N LYS D 454 60.67 15.74 -16.43
CA LYS D 454 60.48 14.38 -15.90
C LYS D 454 60.39 14.34 -14.36
N GLY D 455 59.81 15.34 -13.74
CA GLY D 455 59.76 15.34 -12.29
C GLY D 455 58.42 14.86 -11.80
N ASN D 456 57.68 15.75 -11.18
CA ASN D 456 56.30 15.45 -10.82
C ASN D 456 55.43 15.28 -12.06
N GLN D 457 55.98 15.58 -13.24
CA GLN D 457 55.32 15.32 -14.49
C GLN D 457 55.72 13.98 -15.10
N PHE D 458 56.27 13.07 -14.30
CA PHE D 458 56.75 11.80 -14.81
C PHE D 458 55.85 10.65 -14.37
N TRP D 459 55.46 9.80 -15.33
CA TRP D 459 54.56 8.71 -15.07
C TRP D 459 55.00 7.47 -15.83
N THR D 460 54.64 6.31 -15.30
CA THR D 460 54.94 5.02 -15.90
C THR D 460 53.66 4.23 -15.93
N TYR D 461 53.31 3.69 -17.08
CA TYR D 461 52.16 2.82 -17.18
C TYR D 461 52.68 1.40 -17.05
N ARG D 462 52.55 0.83 -15.85
CA ARG D 462 52.96 -0.55 -15.63
C ARG D 462 51.94 -1.47 -16.30
N GLU D 463 52.36 -2.19 -17.34
CA GLU D 463 51.39 -2.93 -18.16
C GLU D 463 50.81 -4.10 -17.39
N ASN D 464 51.67 -4.88 -16.73
CA ASN D 464 51.20 -6.10 -16.11
C ASN D 464 50.14 -5.80 -15.07
N THR D 465 50.24 -4.66 -14.40
CA THR D 465 49.31 -4.29 -13.36
C THR D 465 48.27 -3.28 -13.81
N LYS D 466 48.51 -2.59 -14.91
CA LYS D 466 47.61 -1.60 -15.50
C LYS D 466 47.51 -0.33 -14.66
N GLN D 467 48.52 -0.05 -13.85
CA GLN D 467 48.52 1.15 -13.02
C GLN D 467 49.28 2.29 -13.68
N LEU D 468 48.88 3.50 -13.30
CA LEU D 468 49.60 4.70 -13.68
C LEU D 468 50.41 5.14 -12.48
N HIS D 469 51.71 4.91 -12.53
CA HIS D 469 52.62 5.09 -11.40
C HIS D 469 53.35 6.41 -11.52
N HIS D 470 53.29 7.21 -10.45
CA HIS D 470 53.93 8.52 -10.41
C HIS D 470 55.31 8.33 -9.81
N GLY D 471 56.35 8.53 -10.63
CA GLY D 471 57.69 8.16 -10.21
C GLY D 471 58.22 8.90 -8.99
N THR D 472 57.80 10.14 -8.81
CA THR D 472 58.43 10.99 -7.82
C THR D 472 57.90 10.75 -6.41
N SER D 473 56.59 10.65 -6.24
CA SER D 473 55.99 10.39 -4.95
C SER D 473 55.82 8.89 -4.70
N GLY D 474 55.99 8.09 -5.74
CA GLY D 474 55.76 6.66 -5.69
C GLY D 474 54.30 6.27 -5.55
N LYS D 475 53.37 7.23 -5.59
CA LYS D 475 51.96 6.90 -5.44
C LYS D 475 51.37 6.58 -6.82
N CYS D 476 50.17 6.02 -6.80
CA CYS D 476 49.46 5.60 -8.00
C CYS D 476 48.19 6.41 -8.20
N LEU D 477 47.83 6.57 -9.46
CA LEU D 477 46.65 7.32 -9.86
C LEU D 477 45.43 6.41 -9.80
N ALA D 478 44.32 6.94 -9.27
CA ALA D 478 43.12 6.16 -8.99
C ALA D 478 41.95 7.13 -8.87
N ILE D 479 40.72 6.58 -8.91
CA ILE D 479 39.49 7.35 -8.78
C ILE D 479 38.75 6.90 -7.52
N SER D 480 37.94 7.79 -6.96
CA SER D 480 37.29 7.41 -5.71
C SER D 480 36.11 6.48 -5.99
N GLU D 481 35.48 6.00 -4.92
CA GLU D 481 34.32 5.12 -5.09
C GLU D 481 33.15 5.86 -5.73
N SER D 482 32.98 7.11 -5.35
CA SER D 482 31.96 7.99 -5.88
C SER D 482 32.22 8.37 -7.33
N LYS D 483 33.36 7.99 -7.92
CA LYS D 483 33.74 8.35 -9.28
C LYS D 483 33.90 9.86 -9.44
N ASP D 484 33.88 10.58 -8.33
CA ASP D 484 33.88 12.04 -8.28
C ASP D 484 35.28 12.61 -8.54
N LYS D 485 36.26 12.19 -7.75
CA LYS D 485 37.58 12.79 -7.72
C LYS D 485 38.61 11.90 -8.38
N LEU D 486 39.80 12.47 -8.56
CA LEU D 486 40.97 11.77 -9.09
C LEU D 486 42.05 11.82 -8.01
N LEU D 487 42.43 10.66 -7.48
CA LEU D 487 43.20 10.57 -6.25
C LEU D 487 44.58 9.97 -6.51
N MET D 488 45.48 10.20 -5.56
CA MET D 488 46.80 9.56 -5.51
C MET D 488 46.87 8.73 -4.24
N GLU D 489 47.18 7.45 -4.38
CA GLU D 489 47.15 6.60 -3.20
C GLU D 489 48.25 5.55 -3.26
N GLU D 490 48.42 4.83 -2.17
CA GLU D 490 49.44 3.81 -2.12
C GLU D 490 49.16 2.75 -3.18
N CYS D 491 50.19 2.31 -3.88
CA CYS D 491 49.98 1.38 -4.98
C CYS D 491 49.61 0.00 -4.44
N SER D 492 48.49 -0.52 -4.92
CA SER D 492 48.05 -1.88 -4.61
C SER D 492 47.59 -2.54 -5.89
N ALA D 493 48.20 -3.67 -6.22
CA ALA D 493 47.91 -4.30 -7.49
C ALA D 493 46.47 -4.83 -7.56
N SER D 494 45.94 -5.31 -6.43
CA SER D 494 44.64 -5.97 -6.49
C SER D 494 43.49 -4.98 -6.59
N LEU D 495 43.76 -3.69 -6.62
CA LEU D 495 42.68 -2.70 -6.64
C LEU D 495 42.29 -2.35 -8.07
N SER D 496 41.02 -2.56 -8.39
CA SER D 496 40.55 -2.25 -9.73
C SER D 496 40.48 -0.74 -9.99
N ARG D 497 40.29 0.07 -8.95
CA ARG D 497 40.24 1.51 -9.16
C ARG D 497 41.60 2.11 -9.49
N GLN D 498 42.66 1.31 -9.48
CA GLN D 498 43.99 1.76 -9.83
C GLN D 498 44.44 1.21 -11.17
N GLN D 499 43.55 0.56 -11.88
CA GLN D 499 43.85 -0.01 -13.18
C GLN D 499 43.33 0.93 -14.26
N TRP D 500 44.05 0.99 -15.37
CA TRP D 500 43.68 1.84 -16.49
C TRP D 500 43.91 1.10 -17.80
N THR D 501 43.15 1.49 -18.81
CA THR D 501 43.45 1.15 -20.20
C THR D 501 43.68 2.45 -20.95
N LEU D 502 44.76 2.51 -21.71
CA LEU D 502 45.13 3.68 -22.49
C LEU D 502 44.91 3.37 -23.95
N GLU D 503 44.10 4.20 -24.62
CA GLU D 503 43.72 3.95 -26.01
C GLU D 503 44.94 3.91 -26.92
N ASN D 504 44.98 2.91 -27.81
CA ASN D 504 46.09 2.72 -28.75
C ASN D 504 47.41 2.48 -28.05
N TYR D 505 47.42 1.87 -26.87
CA TYR D 505 48.69 1.66 -26.17
C TYR D 505 49.60 0.74 -26.99
N ASP D 506 50.81 1.21 -27.26
CA ASP D 506 51.79 0.45 -28.05
C ASP D 506 53.12 0.41 -27.32
N SER D 507 53.49 -0.76 -26.80
CA SER D 507 54.74 -0.90 -26.05
C SER D 507 55.96 -0.60 -26.90
N SER D 508 55.88 -0.82 -28.21
CA SER D 508 57.07 -0.68 -29.04
C SER D 508 57.47 0.78 -29.20
N LYS D 509 56.50 1.69 -29.09
CA LYS D 509 56.78 3.12 -29.09
C LYS D 509 57.47 3.60 -27.81
N LEU D 510 57.59 2.74 -26.80
CA LEU D 510 58.28 3.10 -25.57
C LEU D 510 59.78 3.23 -25.81
#